data_7KLL
#
_entry.id   7KLL
#
_cell.length_a   53.090
_cell.length_b   287.140
_cell.length_c   67.460
_cell.angle_alpha   90.000
_cell.angle_beta   90.380
_cell.angle_gamma   90.000
#
_symmetry.space_group_name_H-M   'P 1 21 1'
#
loop_
_entity.id
_entity.type
_entity.pdbx_description
1 polymer Arginase-1
2 non-polymer 'MANGANESE (II) ION'
3 non-polymer 3-[(2~{S},3~{R},4~{R})-4-azanyl-2-carboxy-pyrrolidin-3-yl]propyl-$l^{3}-oxidanyl-bis(oxidanyl)boron
4 water water
#
_entity_poly.entity_id   1
_entity_poly.type   'polypeptide(L)'
_entity_poly.pdbx_seq_one_letter_code
;MSAKSRTIGIIGAPFSKGQPRGGVEEGPTVLRKAGLLEKLKEQECDVKDYGDLPFADIPNDSPFQIVKNPRSVGKASEQL
AGKVAEVKKNGRISLVLGGDHSLAIGSISGHARVHPDLGVIWVDAHTDINTPLTTTSGNLHGQPVSFLLKELKGKIPDVP
GFSWVTPCISAKDIVYIGLRDVDPGEHYILKTLGIKYFSMTEVDRLGIGKVMEETLSYLLGRKKRPIHLSFDVDGLDPSF
TPATGTPVVGGLTYREGLYITEEIYKTGLLSGLDIMEVNPSLGKTPEEVTRTVNTAVAITLACFGLAREGNHKPIDYLNP
PK
;
_entity_poly.pdbx_strand_id   A,B,C,D,E,F
#
# COMPACT_ATOMS: atom_id res chain seq x y z
N ALA A 3 26.81 17.51 37.69
CA ALA A 3 25.56 17.19 36.98
C ALA A 3 25.78 16.02 36.04
N LYS A 4 24.79 15.12 35.89
CA LYS A 4 24.87 13.91 35.05
C LYS A 4 25.36 14.22 33.61
N SER A 5 24.78 15.25 32.98
CA SER A 5 25.06 15.70 31.62
C SER A 5 26.47 16.32 31.43
N ARG A 6 27.13 16.64 32.56
CA ARG A 6 28.48 17.16 32.55
C ARG A 6 29.50 16.28 33.35
N THR A 7 29.21 14.99 33.54
CA THR A 7 30.09 14.05 34.26
C THR A 7 30.63 13.09 33.21
N ILE A 8 31.95 13.19 32.94
CA ILE A 8 32.61 12.50 31.84
C ILE A 8 33.78 11.57 32.22
N GLY A 9 33.87 10.47 31.47
CA GLY A 9 34.97 9.52 31.51
C GLY A 9 35.62 9.51 30.14
N ILE A 10 36.86 10.06 30.03
CA ILE A 10 37.63 10.13 28.77
C ILE A 10 38.35 8.84 28.50
N ILE A 11 38.19 8.31 27.28
CA ILE A 11 38.92 7.14 26.83
C ILE A 11 39.59 7.50 25.50
N GLY A 12 40.92 7.42 25.46
CA GLY A 12 41.68 7.56 24.23
C GLY A 12 41.72 6.23 23.48
N ALA A 13 41.44 6.25 22.18
CA ALA A 13 41.46 5.03 21.37
C ALA A 13 42.41 5.21 20.16
N PRO A 14 43.74 5.22 20.39
CA PRO A 14 44.68 5.49 19.28
C PRO A 14 44.82 4.30 18.33
N PHE A 15 43.81 4.11 17.44
CA PHE A 15 43.74 2.93 16.57
C PHE A 15 43.40 3.31 15.16
N SER A 16 44.15 2.79 14.19
CA SER A 16 43.99 3.13 12.77
C SER A 16 43.71 1.98 11.81
N LYS A 17 43.83 0.73 12.25
CA LYS A 17 43.75 -0.46 11.38
C LYS A 17 42.33 -0.84 10.84
N GLY A 18 41.31 -0.01 11.05
CA GLY A 18 39.97 -0.16 10.47
C GLY A 18 39.89 0.54 9.11
N GLN A 19 40.99 1.20 8.75
CA GLN A 19 41.15 1.88 7.47
C GLN A 19 42.64 1.89 7.02
N PRO A 20 43.00 2.24 5.78
CA PRO A 20 44.42 2.13 5.39
C PRO A 20 45.29 3.37 5.54
N ARG A 21 44.73 4.55 5.88
CA ARG A 21 45.51 5.79 5.98
C ARG A 21 46.14 6.03 7.35
N GLY A 22 47.46 6.07 7.40
CA GLY A 22 48.19 6.31 8.64
C GLY A 22 47.91 7.67 9.24
N GLY A 23 47.89 7.75 10.57
CA GLY A 23 47.74 9.02 11.28
C GLY A 23 46.51 9.21 12.14
N VAL A 24 45.43 8.45 11.88
CA VAL A 24 44.19 8.63 12.62
C VAL A 24 44.38 8.14 14.08
N GLU A 25 45.44 7.32 14.33
CA GLU A 25 45.83 6.88 15.67
C GLU A 25 46.31 8.08 16.50
N GLU A 26 46.70 9.20 15.87
CA GLU A 26 47.17 10.42 16.52
C GLU A 26 46.04 11.38 16.92
N GLY A 27 44.81 11.04 16.58
CA GLY A 27 43.61 11.80 16.94
C GLY A 27 43.48 12.06 18.43
N PRO A 28 43.58 11.07 19.35
CA PRO A 28 43.54 11.39 20.79
C PRO A 28 44.62 12.36 21.28
N THR A 29 45.83 12.25 20.76
CA THR A 29 46.98 13.10 21.11
C THR A 29 46.70 14.56 20.73
N VAL A 30 46.32 14.81 19.49
CA VAL A 30 46.07 16.16 19.01
C VAL A 30 44.82 16.81 19.68
N LEU A 31 43.76 16.05 19.97
CA LEU A 31 42.59 16.56 20.69
C LEU A 31 42.95 16.93 22.13
N ARG A 32 43.82 16.11 22.81
CA ARG A 32 44.34 16.38 24.15
C ARG A 32 45.25 17.62 24.11
N LYS A 33 46.18 17.72 23.11
CA LYS A 33 47.12 18.87 22.99
C LYS A 33 46.38 20.19 22.85
N ALA A 34 45.19 20.16 22.21
CA ALA A 34 44.35 21.34 22.03
C ALA A 34 43.71 21.83 23.35
N GLY A 35 43.85 21.05 24.43
CA GLY A 35 43.30 21.42 25.74
C GLY A 35 41.86 21.01 26.00
N LEU A 36 41.37 19.95 25.35
CA LEU A 36 40.02 19.41 25.49
C LEU A 36 39.62 19.14 26.95
N LEU A 37 40.46 18.41 27.71
CA LEU A 37 40.16 18.11 29.14
C LEU A 37 40.01 19.36 30.00
N GLU A 38 40.97 20.28 29.87
CA GLU A 38 41.01 21.56 30.60
C GLU A 38 39.79 22.39 30.24
N LYS A 39 39.46 22.50 28.92
CA LYS A 39 38.29 23.23 28.41
C LYS A 39 36.99 22.69 28.99
N LEU A 40 36.85 21.37 29.08
CA LEU A 40 35.68 20.73 29.69
C LEU A 40 35.59 21.08 31.17
N LYS A 41 36.71 21.04 31.92
CA LYS A 41 36.75 21.41 33.35
C LYS A 41 36.36 22.87 33.57
N GLU A 42 36.70 23.76 32.65
CA GLU A 42 36.36 25.21 32.68
C GLU A 42 34.88 25.50 32.39
N GLN A 43 34.14 24.46 32.00
CA GLN A 43 32.73 24.45 31.60
C GLN A 43 31.88 23.71 32.65
N GLU A 44 32.41 23.59 33.88
CA GLU A 44 31.77 22.96 35.04
C GLU A 44 31.59 21.42 34.88
N CYS A 45 32.45 20.79 34.08
CA CYS A 45 32.45 19.33 33.87
C CYS A 45 33.31 18.61 34.93
N ASP A 46 32.87 17.42 35.33
CA ASP A 46 33.60 16.55 36.26
C ASP A 46 34.20 15.53 35.29
N VAL A 47 35.49 15.70 35.03
CA VAL A 47 36.23 14.90 34.06
C VAL A 47 37.17 13.93 34.78
N LYS A 48 37.08 12.67 34.42
CA LYS A 48 37.99 11.62 34.86
C LYS A 48 38.58 11.05 33.59
N ASP A 49 39.90 11.00 33.52
CA ASP A 49 40.63 10.52 32.37
C ASP A 49 41.08 9.07 32.57
N TYR A 50 40.49 8.16 31.80
CA TYR A 50 40.80 6.72 31.86
C TYR A 50 42.03 6.34 31.02
N GLY A 51 42.65 7.33 30.41
CA GLY A 51 43.85 7.18 29.61
C GLY A 51 43.64 6.72 28.19
N ASP A 52 44.75 6.50 27.47
CA ASP A 52 44.74 6.01 26.09
C ASP A 52 44.93 4.51 26.14
N LEU A 53 44.01 3.77 25.50
CA LEU A 53 44.13 2.32 25.49
C LEU A 53 45.37 1.84 24.77
N PRO A 54 46.10 0.88 25.36
CA PRO A 54 47.23 0.30 24.62
C PRO A 54 46.65 -0.76 23.66
N PHE A 55 46.98 -0.64 22.38
CA PHE A 55 46.51 -1.66 21.44
C PHE A 55 47.71 -2.45 20.90
N ALA A 56 48.00 -3.56 21.57
CA ALA A 56 49.09 -4.46 21.24
C ALA A 56 48.97 -4.99 19.81
N ASP A 57 50.11 -4.97 19.10
CA ASP A 57 50.27 -5.48 17.74
C ASP A 57 49.91 -6.96 17.67
N ILE A 58 49.11 -7.30 16.66
CA ILE A 58 48.68 -8.66 16.38
C ILE A 58 49.42 -9.07 15.10
N PRO A 59 50.53 -9.81 15.23
CA PRO A 59 51.23 -10.27 14.04
C PRO A 59 50.45 -11.41 13.39
N ASN A 60 50.62 -11.64 12.07
CA ASN A 60 49.87 -12.69 11.34
C ASN A 60 48.34 -12.45 11.44
N ASP A 61 47.94 -11.20 11.16
CA ASP A 61 46.53 -10.84 11.16
C ASP A 61 46.09 -10.82 9.69
N SER A 62 45.99 -12.03 9.14
CA SER A 62 45.63 -12.37 7.76
C SER A 62 44.22 -11.90 7.44
N PRO A 63 43.91 -11.50 6.19
CA PRO A 63 42.56 -11.01 5.93
C PRO A 63 41.49 -12.09 5.96
N PHE A 64 40.26 -11.69 6.28
CA PHE A 64 39.13 -12.60 6.20
C PHE A 64 38.55 -12.17 4.85
N GLN A 65 38.85 -12.94 3.77
CA GLN A 65 38.48 -12.60 2.38
C GLN A 65 39.17 -11.24 1.99
N ILE A 66 38.40 -10.17 1.82
CA ILE A 66 38.92 -8.85 1.46
C ILE A 66 39.10 -7.99 2.73
N VAL A 67 38.52 -8.43 3.86
CA VAL A 67 38.50 -7.73 5.17
C VAL A 67 39.90 -7.69 5.80
N LYS A 68 40.48 -6.47 5.86
CA LYS A 68 41.83 -6.23 6.36
C LYS A 68 41.86 -6.06 7.88
N ASN A 69 42.92 -6.64 8.50
CA ASN A 69 43.24 -6.63 9.93
C ASN A 69 42.02 -7.00 10.80
N PRO A 70 41.31 -8.13 10.55
CA PRO A 70 40.11 -8.45 11.36
C PRO A 70 40.35 -8.64 12.87
N ARG A 71 41.42 -9.37 13.24
CA ARG A 71 41.77 -9.66 14.63
C ARG A 71 42.10 -8.39 15.38
N SER A 72 42.89 -7.47 14.77
CA SER A 72 43.28 -6.18 15.36
C SER A 72 42.07 -5.26 15.62
N VAL A 73 41.18 -5.14 14.62
CA VAL A 73 39.95 -4.36 14.74
C VAL A 73 39.01 -4.99 15.77
N GLY A 74 38.88 -6.32 15.73
CA GLY A 74 38.07 -7.07 16.68
C GLY A 74 38.55 -6.91 18.09
N LYS A 75 39.88 -7.04 18.32
CA LYS A 75 40.53 -6.86 19.64
C LYS A 75 40.47 -5.44 20.17
N ALA A 76 40.70 -4.42 19.31
CA ALA A 76 40.64 -3.03 19.75
C ALA A 76 39.21 -2.69 20.22
N SER A 77 38.18 -3.15 19.46
CA SER A 77 36.79 -2.90 19.81
C SER A 77 36.43 -3.65 21.08
N GLU A 78 36.91 -4.89 21.21
CA GLU A 78 36.68 -5.74 22.39
C GLU A 78 37.20 -5.08 23.67
N GLN A 79 38.42 -4.53 23.63
CA GLN A 79 39.05 -3.84 24.74
C GLN A 79 38.27 -2.55 25.06
N LEU A 80 37.89 -1.81 24.01
CA LEU A 80 37.14 -0.57 24.16
C LEU A 80 35.76 -0.81 24.77
N ALA A 81 35.10 -1.90 24.41
CA ALA A 81 33.81 -2.25 25.01
C ALA A 81 33.96 -2.44 26.52
N GLY A 82 35.04 -3.12 26.93
CA GLY A 82 35.29 -3.31 28.37
C GLY A 82 35.55 -2.01 29.13
N LYS A 83 36.31 -1.11 28.52
CA LYS A 83 36.63 0.20 29.07
C LYS A 83 35.40 1.11 29.13
N VAL A 84 34.55 1.10 28.08
CA VAL A 84 33.31 1.89 28.03
C VAL A 84 32.31 1.41 29.11
N ALA A 85 32.16 0.09 29.28
CA ALA A 85 31.27 -0.54 30.28
C ALA A 85 31.67 -0.11 31.70
N GLU A 86 32.97 -0.05 31.97
CA GLU A 86 33.55 0.39 33.22
C GLU A 86 33.20 1.87 33.52
N VAL A 87 33.36 2.75 32.53
CA VAL A 87 33.06 4.18 32.63
C VAL A 87 31.55 4.33 32.85
N LYS A 88 30.73 3.56 32.12
CA LYS A 88 29.29 3.61 32.27
C LYS A 88 28.80 3.15 33.64
N LYS A 89 29.47 2.14 34.23
CA LYS A 89 29.18 1.63 35.57
C LYS A 89 29.56 2.65 36.64
N ASN A 90 30.53 3.51 36.34
CA ASN A 90 30.98 4.59 37.22
C ASN A 90 30.09 5.86 37.15
N GLY A 91 28.95 5.76 36.47
CA GLY A 91 27.97 6.82 36.31
C GLY A 91 28.49 8.03 35.53
N ARG A 92 29.39 7.78 34.55
CA ARG A 92 29.92 8.85 33.72
C ARG A 92 29.50 8.63 32.26
N ILE A 93 29.48 9.72 31.48
CA ILE A 93 29.24 9.70 30.04
C ILE A 93 30.58 9.29 29.45
N SER A 94 30.61 8.22 28.66
CA SER A 94 31.87 7.79 28.04
C SER A 94 32.17 8.69 26.84
N LEU A 95 33.41 9.18 26.76
CA LEU A 95 33.87 10.07 25.70
C LEU A 95 35.08 9.40 25.08
N VAL A 96 34.84 8.78 23.90
CA VAL A 96 35.84 8.05 23.14
C VAL A 96 36.49 8.99 22.13
N LEU A 97 37.82 9.18 22.24
CA LEU A 97 38.61 9.97 21.30
C LEU A 97 39.29 9.01 20.34
N GLY A 98 38.87 9.01 19.07
CA GLY A 98 39.42 8.12 18.06
C GLY A 98 40.49 8.80 17.22
N GLY A 99 41.12 8.06 16.30
CA GLY A 99 40.86 6.64 16.05
C GLY A 99 39.81 6.45 14.98
N ASP A 100 39.88 5.38 14.23
CA ASP A 100 38.93 5.20 13.13
C ASP A 100 37.54 4.74 13.65
N HIS A 101 36.50 4.79 12.80
CA HIS A 101 35.12 4.49 13.15
C HIS A 101 34.79 2.99 13.40
N SER A 102 35.76 2.08 13.14
CA SER A 102 35.56 0.66 13.47
C SER A 102 35.36 0.47 14.95
N LEU A 103 35.94 1.40 15.71
CA LEU A 103 35.92 1.37 17.16
C LEU A 103 34.52 1.53 17.69
N ALA A 104 33.58 2.01 16.85
CA ALA A 104 32.19 2.16 17.29
C ALA A 104 31.56 0.79 17.59
N ILE A 105 32.20 -0.31 17.14
CA ILE A 105 31.72 -1.66 17.47
C ILE A 105 31.82 -1.77 19.02
N GLY A 106 33.00 -1.46 19.55
CA GLY A 106 33.31 -1.55 20.98
C GLY A 106 32.62 -0.52 21.83
N SER A 107 32.55 0.69 21.29
CA SER A 107 32.01 1.82 22.04
C SER A 107 30.50 1.67 22.35
N ILE A 108 29.70 1.28 21.35
CA ILE A 108 28.26 1.06 21.51
C ILE A 108 27.98 -0.29 22.21
N SER A 109 28.70 -1.38 21.85
CA SER A 109 28.54 -2.68 22.54
C SER A 109 28.78 -2.50 24.06
N GLY A 110 29.87 -1.80 24.41
CA GLY A 110 30.20 -1.51 25.80
C GLY A 110 29.17 -0.68 26.53
N HIS A 111 28.63 0.32 25.84
CA HIS A 111 27.60 1.23 26.35
C HIS A 111 26.27 0.46 26.53
N ALA A 112 25.88 -0.37 25.55
CA ALA A 112 24.67 -1.21 25.60
C ALA A 112 24.67 -2.29 26.71
N ARG A 113 25.84 -2.69 27.22
CA ARG A 113 25.92 -3.66 28.33
C ARG A 113 25.34 -3.04 29.62
N VAL A 114 25.56 -1.73 29.81
CA VAL A 114 25.09 -0.99 30.98
C VAL A 114 23.72 -0.36 30.69
N HIS A 115 23.52 0.16 29.44
CA HIS A 115 22.24 0.76 29.03
C HIS A 115 21.69 0.09 27.76
N PRO A 116 21.01 -1.07 27.88
CA PRO A 116 20.53 -1.75 26.68
C PRO A 116 19.42 -1.03 25.89
N ASP A 117 18.77 -0.03 26.50
CA ASP A 117 17.67 0.74 25.91
C ASP A 117 18.18 1.99 25.17
N LEU A 118 19.51 2.12 24.94
CA LEU A 118 20.08 3.29 24.27
C LEU A 118 19.63 3.47 22.80
N GLY A 119 19.62 4.72 22.37
CA GLY A 119 19.31 5.12 21.00
C GLY A 119 20.57 5.80 20.48
N VAL A 120 20.94 5.50 19.23
CA VAL A 120 22.15 6.01 18.56
C VAL A 120 21.84 7.08 17.48
N ILE A 121 22.54 8.22 17.61
CA ILE A 121 22.61 9.27 16.62
C ILE A 121 23.99 9.06 15.95
N TRP A 122 23.99 8.86 14.62
CA TRP A 122 25.19 8.63 13.85
C TRP A 122 25.37 9.80 12.89
N VAL A 123 26.35 10.65 13.20
CA VAL A 123 26.70 11.84 12.39
C VAL A 123 27.92 11.50 11.54
N ASP A 124 27.74 11.46 10.24
CA ASP A 124 28.79 10.97 9.36
C ASP A 124 28.28 11.20 7.97
N ALA A 125 29.18 11.35 6.99
CA ALA A 125 28.87 11.41 5.57
C ALA A 125 28.47 10.00 5.06
N HIS A 126 28.82 8.99 5.84
CA HIS A 126 28.69 7.57 5.48
C HIS A 126 27.81 6.81 6.42
N THR A 127 27.27 5.66 5.95
CA THR A 127 26.38 4.84 6.78
C THR A 127 27.18 3.85 7.60
N ASP A 128 28.38 3.46 7.13
CA ASP A 128 29.28 2.47 7.77
C ASP A 128 28.56 1.17 8.09
N ILE A 129 27.66 0.76 7.21
CA ILE A 129 26.78 -0.37 7.42
C ILE A 129 27.07 -1.50 6.44
N ASN A 130 28.21 -1.43 5.74
CA ASN A 130 28.63 -2.53 4.87
C ASN A 130 28.86 -3.78 5.74
N THR A 131 28.57 -4.96 5.21
CA THR A 131 28.84 -6.19 5.97
C THR A 131 30.19 -6.70 5.47
N PRO A 132 30.87 -7.66 6.14
CA PRO A 132 32.10 -8.23 5.57
C PRO A 132 31.95 -8.81 4.15
N LEU A 133 30.69 -9.02 3.68
CA LEU A 133 30.40 -9.55 2.36
C LEU A 133 29.97 -8.49 1.35
N THR A 134 29.40 -7.33 1.77
CA THR A 134 29.05 -6.25 0.83
C THR A 134 30.21 -5.28 0.60
N THR A 135 31.18 -5.24 1.52
CA THR A 135 32.35 -4.35 1.40
C THR A 135 33.14 -4.64 0.12
N THR A 136 33.65 -3.57 -0.54
CA THR A 136 34.48 -3.69 -1.75
C THR A 136 35.92 -3.23 -1.44
N SER A 137 36.10 -2.56 -0.32
CA SER A 137 37.37 -2.03 0.15
C SER A 137 38.02 -2.95 1.20
N GLY A 138 37.19 -3.66 1.97
CA GLY A 138 37.62 -4.50 3.09
C GLY A 138 38.04 -3.75 4.35
N ASN A 139 37.82 -2.42 4.40
CA ASN A 139 38.13 -1.52 5.53
C ASN A 139 37.02 -1.56 6.55
N LEU A 140 37.33 -2.00 7.77
CA LEU A 140 36.31 -2.28 8.78
C LEU A 140 35.66 -1.03 9.39
N HIS A 141 36.29 0.17 9.23
CA HIS A 141 35.66 1.40 9.69
C HIS A 141 34.41 1.71 8.83
N GLY A 142 34.24 1.03 7.71
CA GLY A 142 33.08 1.19 6.83
C GLY A 142 32.00 0.13 7.02
N GLN A 143 32.09 -0.62 8.12
CA GLN A 143 31.23 -1.75 8.48
C GLN A 143 30.73 -1.78 9.94
N PRO A 144 31.06 -0.85 10.87
CA PRO A 144 30.70 -1.10 12.28
C PRO A 144 29.21 -1.29 12.56
N VAL A 145 28.34 -0.56 11.85
CA VAL A 145 26.89 -0.68 12.10
C VAL A 145 26.35 -2.11 11.76
N SER A 146 26.91 -2.76 10.73
CA SER A 146 26.43 -4.09 10.36
C SER A 146 26.66 -5.11 11.49
N PHE A 147 27.77 -4.99 12.26
CA PHE A 147 28.08 -5.87 13.39
C PHE A 147 27.13 -5.66 14.57
N LEU A 148 26.60 -4.42 14.71
CA LEU A 148 25.77 -3.99 15.81
C LEU A 148 24.28 -4.25 15.65
N LEU A 149 23.78 -4.36 14.40
CA LEU A 149 22.36 -4.51 14.13
C LEU A 149 21.83 -5.92 14.31
N LYS A 150 20.79 -6.08 15.15
CA LYS A 150 20.13 -7.36 15.43
C LYS A 150 19.49 -7.95 14.17
N GLU A 151 18.97 -7.09 13.27
CA GLU A 151 18.33 -7.51 12.02
C GLU A 151 19.31 -8.09 11.01
N LEU A 152 20.62 -7.88 11.20
CA LEU A 152 21.64 -8.39 10.29
C LEU A 152 22.34 -9.64 10.83
N LYS A 153 21.82 -10.18 11.95
CA LYS A 153 22.31 -11.43 12.53
C LYS A 153 21.96 -12.52 11.52
N GLY A 154 22.98 -13.24 11.04
CA GLY A 154 22.80 -14.23 9.99
C GLY A 154 23.34 -13.76 8.65
N LYS A 155 23.66 -12.45 8.53
CA LYS A 155 24.24 -11.81 7.35
C LYS A 155 25.70 -11.45 7.60
N ILE A 156 26.13 -11.61 8.85
CA ILE A 156 27.51 -11.37 9.25
C ILE A 156 28.21 -12.73 9.39
N PRO A 157 29.23 -13.01 8.54
CA PRO A 157 29.91 -14.30 8.67
C PRO A 157 30.82 -14.30 9.91
N ASP A 158 31.34 -15.47 10.26
CA ASP A 158 32.25 -15.63 11.41
C ASP A 158 33.60 -15.02 11.06
N VAL A 159 33.79 -13.74 11.44
CA VAL A 159 35.01 -12.99 11.17
C VAL A 159 35.96 -13.17 12.36
N PRO A 160 37.23 -13.58 12.13
CA PRO A 160 38.17 -13.70 13.24
C PRO A 160 38.37 -12.38 13.99
N GLY A 161 38.19 -12.45 15.32
CA GLY A 161 38.31 -11.34 16.24
C GLY A 161 36.99 -10.80 16.72
N PHE A 162 35.89 -11.28 16.13
CA PHE A 162 34.57 -10.73 16.42
C PHE A 162 33.59 -11.67 17.09
N SER A 163 34.02 -12.86 17.55
CA SER A 163 33.12 -13.84 18.21
C SER A 163 32.51 -13.33 19.54
N TRP A 164 33.14 -12.33 20.17
CA TRP A 164 32.67 -11.69 21.40
C TRP A 164 31.42 -10.79 21.15
N VAL A 165 31.24 -10.32 19.91
CA VAL A 165 30.16 -9.42 19.47
C VAL A 165 28.78 -10.05 19.50
N THR A 166 27.86 -9.37 20.15
CA THR A 166 26.44 -9.72 20.18
C THR A 166 25.71 -8.49 19.62
N PRO A 167 24.95 -8.55 18.50
CA PRO A 167 24.21 -7.34 18.05
C PRO A 167 23.31 -6.83 19.16
N CYS A 168 23.46 -5.55 19.50
CA CYS A 168 22.79 -4.94 20.63
C CYS A 168 21.78 -3.88 20.25
N ILE A 169 21.72 -3.49 18.95
CA ILE A 169 20.77 -2.47 18.56
C ILE A 169 19.86 -2.92 17.42
N SER A 170 18.59 -2.51 17.48
CA SER A 170 17.64 -2.77 16.40
C SER A 170 17.72 -1.60 15.41
N ALA A 171 17.39 -1.88 14.14
CA ALA A 171 17.37 -0.90 13.04
C ALA A 171 16.56 0.38 13.41
N LYS A 172 15.58 0.27 14.33
CA LYS A 172 14.74 1.37 14.78
C LYS A 172 15.36 2.22 15.86
N ASP A 173 16.51 1.80 16.39
CA ASP A 173 17.18 2.54 17.46
C ASP A 173 18.30 3.47 16.99
N ILE A 174 18.41 3.68 15.68
CA ILE A 174 19.49 4.47 15.07
C ILE A 174 18.94 5.51 14.11
N VAL A 175 19.49 6.74 14.19
CA VAL A 175 19.17 7.79 13.25
C VAL A 175 20.54 8.31 12.67
N TYR A 176 20.63 8.33 11.35
CA TYR A 176 21.75 8.87 10.60
C TYR A 176 21.48 10.32 10.25
N ILE A 177 22.54 11.16 10.30
CA ILE A 177 22.51 12.56 9.92
C ILE A 177 23.75 12.89 9.09
N GLY A 178 23.52 13.45 7.90
CA GLY A 178 24.56 14.01 7.05
C GLY A 178 25.04 13.15 5.90
N LEU A 179 24.38 11.98 5.68
CA LEU A 179 24.70 11.01 4.63
C LEU A 179 24.79 11.64 3.25
N ARG A 180 25.83 11.27 2.49
CA ARG A 180 25.97 11.82 1.13
C ARG A 180 26.90 10.98 0.29
N ASP A 181 27.44 9.88 0.84
CA ASP A 181 28.31 8.92 0.17
C ASP A 181 28.01 7.46 0.62
N VAL A 182 26.92 6.91 0.10
CA VAL A 182 26.40 5.57 0.50
C VAL A 182 26.61 4.56 -0.61
N ASP A 183 27.24 3.43 -0.29
CA ASP A 183 27.47 2.33 -1.24
C ASP A 183 26.18 1.60 -1.61
N PRO A 184 26.06 0.99 -2.81
CA PRO A 184 24.81 0.29 -3.17
C PRO A 184 24.26 -0.71 -2.14
N GLY A 185 25.16 -1.56 -1.62
CA GLY A 185 24.83 -2.56 -0.60
C GLY A 185 24.30 -1.91 0.65
N GLU A 186 24.90 -0.77 1.05
CA GLU A 186 24.50 0.04 2.18
C GLU A 186 23.14 0.67 1.94
N HIS A 187 22.89 1.20 0.71
CA HIS A 187 21.59 1.79 0.38
C HIS A 187 20.49 0.72 0.42
N TYR A 188 20.79 -0.48 -0.11
CA TYR A 188 19.88 -1.62 -0.06
C TYR A 188 19.53 -1.95 1.41
N ILE A 189 20.53 -2.08 2.31
CA ILE A 189 20.36 -2.41 3.74
C ILE A 189 19.49 -1.34 4.39
N LEU A 190 19.86 -0.08 4.17
CA LEU A 190 19.17 1.11 4.67
C LEU A 190 17.68 1.07 4.31
N LYS A 191 17.33 0.71 3.06
CA LYS A 191 15.95 0.67 2.58
C LYS A 191 15.18 -0.55 3.05
N THR A 192 15.80 -1.76 2.95
CA THR A 192 15.10 -3.00 3.33
C THR A 192 14.93 -3.16 4.86
N LEU A 193 15.74 -2.47 5.68
CA LEU A 193 15.59 -2.56 7.13
C LEU A 193 14.78 -1.40 7.66
N GLY A 194 14.48 -0.43 6.81
CA GLY A 194 13.67 0.73 7.18
C GLY A 194 14.30 1.61 8.26
N ILE A 195 15.62 1.82 8.17
CA ILE A 195 16.36 2.68 9.12
C ILE A 195 15.98 4.15 8.86
N LYS A 196 15.83 4.94 9.95
CA LYS A 196 15.58 6.38 9.89
C LYS A 196 16.89 7.08 9.53
N TYR A 197 16.86 7.99 8.53
CA TYR A 197 18.04 8.74 8.13
C TYR A 197 17.67 10.11 7.57
N PHE A 198 18.59 11.06 7.70
CA PHE A 198 18.48 12.40 7.14
C PHE A 198 19.78 12.51 6.35
N SER A 199 19.71 12.18 5.08
CA SER A 199 20.89 12.35 4.24
C SER A 199 20.94 13.89 3.99
N MET A 200 22.01 14.41 3.38
CA MET A 200 22.13 15.85 3.13
C MET A 200 20.96 16.45 2.37
N THR A 201 20.25 15.58 1.60
CA THR A 201 19.03 15.91 0.84
C THR A 201 17.93 16.29 1.80
N GLU A 202 17.72 15.51 2.90
CA GLU A 202 16.70 15.81 3.91
C GLU A 202 17.11 17.08 4.71
N VAL A 203 18.41 17.25 5.02
CA VAL A 203 18.90 18.44 5.71
C VAL A 203 18.58 19.69 4.87
N ASP A 204 18.85 19.64 3.55
CA ASP A 204 18.56 20.70 2.58
C ASP A 204 17.08 21.02 2.54
N ARG A 205 16.23 19.96 2.45
CA ARG A 205 14.77 20.03 2.42
C ARG A 205 14.17 20.64 3.67
N LEU A 206 14.51 20.08 4.85
CA LEU A 206 13.93 20.43 6.14
C LEU A 206 14.56 21.52 6.95
N GLY A 207 15.87 21.69 6.83
CA GLY A 207 16.65 22.58 7.68
C GLY A 207 17.08 21.77 8.89
N ILE A 208 18.25 22.06 9.50
CA ILE A 208 18.75 21.32 10.66
C ILE A 208 17.80 21.36 11.91
N GLY A 209 16.98 22.40 12.03
CA GLY A 209 16.02 22.55 13.12
C GLY A 209 15.00 21.43 13.16
N LYS A 210 14.33 21.22 12.00
CA LYS A 210 13.36 20.13 11.84
C LYS A 210 14.02 18.75 11.89
N VAL A 211 15.24 18.64 11.36
CA VAL A 211 16.05 17.42 11.41
C VAL A 211 16.22 16.96 12.86
N MET A 212 16.58 17.89 13.74
CA MET A 212 16.81 17.59 15.16
C MET A 212 15.53 17.31 15.91
N GLU A 213 14.47 18.05 15.58
CA GLU A 213 13.14 17.88 16.17
C GLU A 213 12.63 16.46 15.92
N GLU A 214 12.76 16.00 14.65
CA GLU A 214 12.38 14.66 14.20
C GLU A 214 13.27 13.57 14.78
N THR A 215 14.59 13.79 14.81
CA THR A 215 15.54 12.83 15.37
C THR A 215 15.23 12.59 16.86
N LEU A 216 15.11 13.66 17.65
CA LEU A 216 14.86 13.47 19.08
C LEU A 216 13.46 12.89 19.39
N SER A 217 12.43 13.29 18.61
CA SER A 217 11.06 12.79 18.77
C SER A 217 10.99 11.30 18.38
N TYR A 218 11.72 10.92 17.31
CA TYR A 218 11.77 9.54 16.85
C TYR A 218 12.48 8.63 17.88
N LEU A 219 13.50 9.16 18.55
CA LEU A 219 14.21 8.32 19.51
C LEU A 219 13.64 8.36 20.91
N LEU A 220 13.12 9.50 21.36
CA LEU A 220 12.66 9.72 22.73
C LEU A 220 11.18 9.78 22.95
N GLY A 221 10.39 9.81 21.86
CA GLY A 221 8.93 9.97 21.86
C GLY A 221 8.16 9.21 22.92
N ARG A 222 8.33 7.88 22.96
CA ARG A 222 7.68 6.93 23.88
C ARG A 222 8.05 7.21 25.36
N LYS A 223 9.33 7.40 25.65
CA LYS A 223 9.92 7.62 26.96
C LYS A 223 11.40 8.01 26.77
N LYS A 224 11.92 8.79 27.74
CA LYS A 224 13.34 9.17 27.83
C LYS A 224 14.20 7.90 27.87
N ARG A 225 15.32 7.90 27.15
CA ARG A 225 16.24 6.76 27.11
C ARG A 225 17.63 7.33 26.83
N PRO A 226 18.72 6.59 27.17
CA PRO A 226 20.07 7.13 26.97
C PRO A 226 20.41 7.38 25.51
N ILE A 227 21.15 8.45 25.22
CA ILE A 227 21.57 8.75 23.85
C ILE A 227 23.07 8.49 23.63
N HIS A 228 23.41 7.80 22.54
CA HIS A 228 24.78 7.55 22.11
C HIS A 228 24.98 8.33 20.81
N LEU A 229 25.86 9.33 20.85
CA LEU A 229 26.15 10.08 19.65
C LEU A 229 27.49 9.57 19.08
N SER A 230 27.49 8.98 17.90
CA SER A 230 28.75 8.56 17.30
C SER A 230 29.05 9.57 16.18
N PHE A 231 29.94 10.51 16.50
CA PHE A 231 30.29 11.58 15.57
C PHE A 231 31.57 11.31 14.75
N ASP A 232 31.43 11.29 13.46
CA ASP A 232 32.53 11.17 12.51
C ASP A 232 32.75 12.59 11.99
N VAL A 233 33.97 13.14 12.19
CA VAL A 233 34.24 14.51 11.73
C VAL A 233 33.99 14.72 10.18
N ASP A 234 33.94 13.64 9.36
CA ASP A 234 33.68 13.82 7.94
C ASP A 234 32.19 14.06 7.62
N GLY A 235 31.31 14.02 8.63
CA GLY A 235 29.90 14.38 8.51
C GLY A 235 29.83 15.87 8.21
N LEU A 236 30.84 16.60 8.71
CA LEU A 236 30.97 18.02 8.43
C LEU A 236 31.73 18.23 7.16
N ASP A 237 31.44 19.32 6.53
CA ASP A 237 32.05 19.68 5.28
C ASP A 237 33.58 19.76 5.39
N PRO A 238 34.33 19.30 4.36
CA PRO A 238 35.79 19.39 4.39
C PRO A 238 36.36 20.82 4.51
N SER A 239 35.55 21.87 4.29
CA SER A 239 36.00 23.25 4.53
C SER A 239 36.16 23.53 6.06
N PHE A 240 35.58 22.65 6.93
CA PHE A 240 35.71 22.74 8.40
C PHE A 240 36.60 21.65 9.00
N THR A 241 36.46 20.41 8.51
CA THR A 241 37.24 19.25 9.00
C THR A 241 38.03 18.57 7.85
N PRO A 242 39.01 19.26 7.21
CA PRO A 242 39.74 18.64 6.09
C PRO A 242 40.72 17.50 6.41
N ALA A 243 41.31 17.47 7.62
CA ALA A 243 42.25 16.44 8.03
C ALA A 243 41.49 15.20 8.53
N THR A 244 40.98 14.41 7.56
CA THR A 244 40.16 13.20 7.76
C THR A 244 40.36 12.31 6.52
N GLY A 245 40.15 11.02 6.68
CA GLY A 245 40.43 10.03 5.64
C GLY A 245 39.55 9.97 4.42
N THR A 246 38.25 10.22 4.61
CA THR A 246 37.18 10.10 3.64
C THR A 246 36.37 11.40 3.52
N PRO A 247 37.01 12.52 3.09
CA PRO A 247 36.23 13.76 2.96
C PRO A 247 35.31 13.76 1.75
N VAL A 248 34.08 14.30 1.89
CA VAL A 248 33.05 14.41 0.86
C VAL A 248 32.56 15.86 0.90
N VAL A 249 32.49 16.50 -0.28
CA VAL A 249 31.96 17.86 -0.45
C VAL A 249 30.46 17.89 -0.14
N GLY A 250 29.97 19.10 0.19
CA GLY A 250 28.62 19.45 0.55
C GLY A 250 28.12 18.89 1.88
N GLY A 251 28.97 18.97 2.89
CA GLY A 251 28.64 18.42 4.18
C GLY A 251 27.95 19.41 5.09
N LEU A 252 27.69 18.96 6.31
CA LEU A 252 27.08 19.77 7.34
C LEU A 252 28.05 20.94 7.63
N THR A 253 27.47 22.10 7.91
CA THR A 253 28.26 23.30 8.20
C THR A 253 28.73 23.22 9.65
N TYR A 254 29.65 24.11 10.03
CA TYR A 254 30.20 24.26 11.38
C TYR A 254 29.00 24.51 12.31
N ARG A 255 28.10 25.43 11.89
CA ARG A 255 26.86 25.83 12.56
C ARG A 255 25.93 24.63 12.75
N GLU A 256 25.70 23.83 11.70
CA GLU A 256 24.85 22.65 11.80
C GLU A 256 25.37 21.63 12.77
N GLY A 257 26.68 21.38 12.76
CA GLY A 257 27.33 20.47 13.71
C GLY A 257 27.12 20.89 15.15
N LEU A 258 27.30 22.18 15.43
CA LEU A 258 27.08 22.77 16.77
C LEU A 258 25.64 22.74 17.14
N TYR A 259 24.73 22.92 16.17
CA TYR A 259 23.28 22.84 16.40
C TYR A 259 22.85 21.45 16.85
N ILE A 260 23.30 20.41 16.15
CA ILE A 260 22.99 19.02 16.49
C ILE A 260 23.42 18.72 17.97
N THR A 261 24.67 19.06 18.30
CA THR A 261 25.26 18.77 19.60
C THR A 261 24.64 19.64 20.74
N GLU A 262 24.31 20.90 20.50
CA GLU A 262 23.64 21.80 21.44
C GLU A 262 22.25 21.24 21.78
N GLU A 263 21.51 20.75 20.76
CA GLU A 263 20.20 20.10 20.92
C GLU A 263 20.24 18.81 21.72
N ILE A 264 21.28 18.00 21.49
CA ILE A 264 21.46 16.75 22.22
C ILE A 264 21.80 17.08 23.66
N TYR A 265 22.68 18.08 23.89
CA TYR A 265 23.02 18.48 25.25
C TYR A 265 21.78 18.75 26.06
N LYS A 266 20.93 19.63 25.55
CA LYS A 266 19.67 20.09 26.12
C LYS A 266 18.72 18.99 26.55
N THR A 267 18.75 17.78 25.93
CA THR A 267 17.90 16.65 26.37
C THR A 267 18.29 16.16 27.78
N GLY A 268 19.57 16.30 28.11
CA GLY A 268 20.16 15.83 29.35
C GLY A 268 20.37 14.34 29.31
N LEU A 269 20.15 13.75 28.13
CA LEU A 269 20.21 12.30 27.92
C LEU A 269 21.43 11.78 27.21
N LEU A 270 22.45 12.63 26.88
CA LEU A 270 23.70 12.09 26.30
C LEU A 270 24.37 11.19 27.34
N SER A 271 24.71 9.97 26.93
CA SER A 271 25.23 8.90 27.76
C SER A 271 26.55 8.33 27.18
N GLY A 272 26.75 8.51 25.88
CA GLY A 272 27.88 8.02 25.11
C GLY A 272 28.23 8.93 23.95
N LEU A 273 29.55 9.21 23.82
CA LEU A 273 30.01 10.04 22.71
C LEU A 273 31.27 9.46 22.09
N ASP A 274 31.33 9.46 20.76
CA ASP A 274 32.51 9.11 19.96
C ASP A 274 32.92 10.28 19.11
N ILE A 275 34.20 10.67 19.13
CA ILE A 275 34.74 11.73 18.26
C ILE A 275 35.75 11.06 17.36
N MET A 276 35.29 10.74 16.14
CA MET A 276 36.09 9.91 15.26
C MET A 276 36.51 10.55 13.96
N GLU A 277 37.60 9.97 13.43
CA GLU A 277 38.19 10.15 12.10
C GLU A 277 39.02 11.43 12.01
N VAL A 278 39.53 11.94 13.15
CA VAL A 278 40.44 13.09 13.04
C VAL A 278 41.81 12.50 12.65
N ASN A 279 42.36 12.91 11.50
CA ASN A 279 43.67 12.42 11.07
C ASN A 279 44.63 13.61 10.86
N PRO A 280 45.47 13.91 11.87
CA PRO A 280 46.39 15.06 11.78
C PRO A 280 47.50 14.95 10.72
N SER A 281 47.69 13.79 10.07
CA SER A 281 48.67 13.71 9.00
C SER A 281 48.03 13.87 7.61
N LEU A 282 46.72 14.18 7.59
CA LEU A 282 46.00 14.38 6.32
C LEU A 282 45.64 15.84 5.99
N GLY A 283 46.20 16.80 6.72
CA GLY A 283 46.00 18.19 6.35
C GLY A 283 46.91 18.59 5.21
N LYS A 284 46.49 19.50 4.32
CA LYS A 284 47.33 19.99 3.23
C LYS A 284 48.34 21.01 3.78
N THR A 285 47.94 21.71 4.86
CA THR A 285 48.75 22.72 5.54
C THR A 285 48.64 22.48 7.04
N PRO A 286 49.53 23.03 7.91
CA PRO A 286 49.35 22.86 9.36
C PRO A 286 48.05 23.49 9.85
N GLU A 287 47.55 24.56 9.18
CA GLU A 287 46.29 25.23 9.49
C GLU A 287 45.05 24.33 9.27
N GLU A 288 45.11 23.45 8.26
CA GLU A 288 44.03 22.49 7.97
C GLU A 288 43.84 21.49 9.14
N VAL A 289 44.95 21.10 9.77
CA VAL A 289 44.99 20.21 10.93
C VAL A 289 44.38 20.97 12.13
N THR A 290 44.86 22.19 12.44
CA THR A 290 44.34 22.96 13.59
C THR A 290 42.85 23.32 13.40
N ARG A 291 42.42 23.57 12.15
CA ARG A 291 41.02 23.84 11.85
C ARG A 291 40.16 22.62 12.19
N THR A 292 40.62 21.41 11.81
CA THR A 292 39.87 20.19 12.05
C THR A 292 39.74 19.91 13.57
N VAL A 293 40.89 19.99 14.28
CA VAL A 293 41.00 19.75 15.71
C VAL A 293 40.15 20.73 16.48
N ASN A 294 40.20 22.02 16.11
CA ASN A 294 39.40 23.06 16.71
C ASN A 294 37.91 22.85 16.50
N THR A 295 37.49 22.39 15.28
CA THR A 295 36.10 22.08 15.03
C THR A 295 35.67 20.90 15.90
N ALA A 296 36.50 19.85 15.97
CA ALA A 296 36.21 18.67 16.78
C ALA A 296 36.11 19.00 18.27
N VAL A 297 36.91 19.97 18.76
CA VAL A 297 36.88 20.42 20.14
C VAL A 297 35.57 21.17 20.44
N ALA A 298 35.20 22.08 19.51
CA ALA A 298 33.95 22.85 19.56
C ALA A 298 32.74 21.90 19.58
N ILE A 299 32.72 20.88 18.71
CA ILE A 299 31.66 19.87 18.70
C ILE A 299 31.52 19.21 20.07
N THR A 300 32.65 18.73 20.65
CA THR A 300 32.68 18.03 21.94
C THR A 300 32.16 18.90 23.04
N LEU A 301 32.54 20.15 23.08
CA LEU A 301 32.15 21.14 24.08
C LEU A 301 30.67 21.50 24.09
N ALA A 302 30.03 21.52 22.88
CA ALA A 302 28.60 21.78 22.75
C ALA A 302 27.86 20.59 23.34
N CYS A 303 28.43 19.35 23.28
CA CYS A 303 27.82 18.11 23.83
C CYS A 303 27.68 18.13 25.34
N PHE A 304 28.55 18.94 25.98
CA PHE A 304 28.65 19.06 27.43
C PHE A 304 28.28 20.46 27.95
N GLY A 305 27.42 21.15 27.20
CA GLY A 305 26.83 22.39 27.68
C GLY A 305 27.21 23.72 27.10
N LEU A 306 28.38 23.82 26.42
CA LEU A 306 28.83 25.06 25.81
C LEU A 306 27.78 25.57 24.76
N ALA A 307 27.13 26.70 25.04
CA ALA A 307 26.11 27.24 24.17
C ALA A 307 26.55 28.53 23.44
N ARG A 308 26.17 28.67 22.18
CA ARG A 308 26.51 29.89 21.45
C ARG A 308 25.79 31.16 21.99
N GLU A 309 24.60 31.02 22.64
CA GLU A 309 23.93 32.16 23.28
C GLU A 309 24.68 32.63 24.52
N GLY A 310 25.62 31.80 25.03
CA GLY A 310 26.43 32.06 26.20
C GLY A 310 26.06 31.14 27.33
N ASN A 311 26.90 31.16 28.39
CA ASN A 311 26.75 30.36 29.60
C ASN A 311 27.12 31.25 30.80
N HIS A 312 26.56 30.97 31.97
CA HIS A 312 26.90 31.63 33.22
C HIS A 312 26.72 30.67 34.40
N LYS A 313 27.47 30.92 35.49
CA LYS A 313 27.41 30.14 36.74
C LYS A 313 26.16 30.56 37.53
N PRO A 314 25.60 29.71 38.42
CA PRO A 314 24.40 30.15 39.17
C PRO A 314 24.69 31.15 40.32
N ILE A 315 25.26 32.32 39.96
CA ILE A 315 25.63 33.44 40.83
C ILE A 315 25.07 34.76 40.27
N ASP A 316 24.98 35.78 41.12
CA ASP A 316 24.47 37.08 40.72
C ASP A 316 25.64 37.90 40.19
N TYR A 317 25.73 38.06 38.85
CA TYR A 317 26.81 38.81 38.22
C TYR A 317 26.66 40.32 38.43
N LEU A 318 25.42 40.81 38.74
CA LEU A 318 25.16 42.23 38.99
C LEU A 318 25.37 42.65 40.48
N ASN A 319 26.01 41.78 41.28
CA ASN A 319 26.36 41.98 42.67
C ASN A 319 27.84 41.64 42.84
N ALA B 3 15.71 3.53 -18.90
CA ALA B 3 14.59 4.37 -18.42
C ALA B 3 14.60 5.75 -19.11
N LYS B 4 13.42 6.35 -19.32
CA LYS B 4 13.26 7.65 -19.98
C LYS B 4 14.11 8.75 -19.35
N SER B 5 14.07 8.83 -18.01
CA SER B 5 14.79 9.83 -17.22
C SER B 5 16.33 9.64 -17.23
N ARG B 6 16.79 8.49 -17.75
CA ARG B 6 18.23 8.21 -17.87
C ARG B 6 18.66 7.89 -19.30
N THR B 7 17.86 8.28 -20.30
CA THR B 7 18.19 8.10 -21.73
C THR B 7 18.58 9.50 -22.29
N ILE B 8 19.85 9.68 -22.70
CA ILE B 8 20.44 10.98 -23.03
C ILE B 8 21.10 11.04 -24.39
N GLY B 9 20.98 12.24 -25.00
CA GLY B 9 21.62 12.62 -26.25
C GLY B 9 22.48 13.85 -26.00
N ILE B 10 23.81 13.66 -26.01
CA ILE B 10 24.77 14.74 -25.72
C ILE B 10 25.00 15.58 -26.96
N ILE B 11 24.85 16.90 -26.84
CA ILE B 11 25.16 17.82 -27.91
C ILE B 11 26.23 18.81 -27.38
N GLY B 12 27.39 18.86 -28.05
CA GLY B 12 28.39 19.86 -27.73
C GLY B 12 28.05 21.13 -28.51
N ALA B 13 28.06 22.29 -27.84
CA ALA B 13 27.80 23.56 -28.49
C ALA B 13 28.97 24.52 -28.22
N PRO B 14 30.14 24.30 -28.88
CA PRO B 14 31.33 25.12 -28.57
C PRO B 14 31.26 26.51 -29.19
N PHE B 15 30.49 27.39 -28.54
CA PHE B 15 30.20 28.71 -29.08
C PHE B 15 30.40 29.77 -28.04
N SER B 16 31.07 30.86 -28.39
CA SER B 16 31.38 31.92 -27.45
C SER B 16 30.96 33.34 -27.81
N LYS B 17 30.47 33.56 -29.04
CA LYS B 17 30.19 34.89 -29.58
C LYS B 17 28.90 35.55 -29.03
N GLY B 18 28.25 34.94 -28.04
CA GLY B 18 27.12 35.57 -27.37
C GLY B 18 27.58 36.48 -26.24
N GLN B 19 28.89 36.50 -25.98
CA GLN B 19 29.56 37.27 -24.92
C GLN B 19 31.01 37.63 -25.35
N PRO B 20 31.73 38.55 -24.67
CA PRO B 20 33.07 38.92 -25.17
C PRO B 20 34.30 38.12 -24.67
N ARG B 21 34.16 37.27 -23.65
CA ARG B 21 35.30 36.55 -23.07
C ARG B 21 35.59 35.20 -23.74
N GLY B 22 36.79 35.09 -24.33
CA GLY B 22 37.24 33.88 -25.00
C GLY B 22 37.38 32.72 -24.03
N GLY B 23 37.11 31.51 -24.50
CA GLY B 23 37.26 30.31 -23.69
C GLY B 23 36.02 29.48 -23.42
N VAL B 24 34.84 30.09 -23.44
CA VAL B 24 33.58 29.41 -23.11
C VAL B 24 33.26 28.35 -24.15
N GLU B 25 33.86 28.48 -25.34
CA GLU B 25 33.74 27.50 -26.43
C GLU B 25 34.46 26.17 -26.07
N GLU B 26 35.38 26.18 -25.08
CA GLU B 26 36.11 25.01 -24.59
C GLU B 26 35.36 24.20 -23.53
N GLY B 27 34.19 24.70 -23.10
CA GLY B 27 33.31 24.06 -22.13
C GLY B 27 32.96 22.62 -22.50
N PRO B 28 32.48 22.30 -23.72
CA PRO B 28 32.20 20.90 -24.04
C PRO B 28 33.42 19.95 -23.89
N THR B 29 34.61 20.40 -24.31
CA THR B 29 35.88 19.68 -24.25
C THR B 29 36.22 19.29 -22.81
N VAL B 30 36.24 20.28 -21.92
CA VAL B 30 36.64 20.09 -20.53
C VAL B 30 35.61 19.23 -19.76
N LEU B 31 34.29 19.37 -20.02
CA LEU B 31 33.26 18.52 -19.40
C LEU B 31 33.39 17.07 -19.87
N ARG B 32 33.77 16.86 -21.14
CA ARG B 32 34.00 15.51 -21.67
C ARG B 32 35.25 14.90 -21.05
N LYS B 33 36.36 15.69 -20.95
CA LYS B 33 37.63 15.23 -20.41
C LYS B 33 37.51 14.82 -18.95
N ALA B 34 36.58 15.48 -18.19
CA ALA B 34 36.29 15.15 -16.79
C ALA B 34 35.63 13.75 -16.64
N GLY B 35 35.17 13.16 -17.74
CA GLY B 35 34.59 11.83 -17.74
C GLY B 35 33.08 11.81 -17.58
N LEU B 36 32.41 12.90 -17.97
CA LEU B 36 30.94 13.02 -17.88
C LEU B 36 30.21 11.84 -18.53
N LEU B 37 30.56 11.46 -19.78
CA LEU B 37 29.90 10.34 -20.47
C LEU B 37 30.04 9.01 -19.71
N GLU B 38 31.26 8.70 -19.29
CA GLU B 38 31.59 7.47 -18.55
C GLU B 38 30.85 7.45 -17.21
N LYS B 39 30.85 8.59 -16.48
CA LYS B 39 30.17 8.73 -15.20
C LYS B 39 28.68 8.48 -15.33
N LEU B 40 28.06 9.01 -16.41
CA LEU B 40 26.63 8.81 -16.69
C LEU B 40 26.35 7.33 -16.98
N LYS B 41 27.21 6.66 -17.76
CA LYS B 41 27.07 5.22 -18.06
C LYS B 41 27.18 4.34 -16.79
N GLU B 42 27.99 4.76 -15.82
CA GLU B 42 28.15 4.07 -14.52
C GLU B 42 26.95 4.26 -13.59
N GLN B 43 26.02 5.11 -13.98
CA GLN B 43 24.82 5.48 -13.25
C GLN B 43 23.56 4.91 -13.97
N GLU B 44 23.74 3.86 -14.79
CA GLU B 44 22.68 3.17 -15.56
C GLU B 44 22.03 4.04 -16.65
N CYS B 45 22.80 4.98 -17.21
CA CYS B 45 22.33 5.87 -18.28
C CYS B 45 22.62 5.27 -19.67
N ASP B 46 21.73 5.52 -20.62
CA ASP B 46 21.88 5.12 -22.02
C ASP B 46 22.26 6.45 -22.66
N VAL B 47 23.57 6.59 -22.93
CA VAL B 47 24.16 7.83 -23.46
C VAL B 47 24.55 7.65 -24.91
N LYS B 48 24.08 8.58 -25.76
CA LYS B 48 24.47 8.67 -27.16
C LYS B 48 25.08 10.06 -27.32
N ASP B 49 26.27 10.14 -27.90
CA ASP B 49 26.98 11.38 -28.14
C ASP B 49 26.84 11.86 -29.58
N TYR B 50 26.10 12.96 -29.78
CA TYR B 50 25.84 13.57 -31.10
C TYR B 50 26.97 14.49 -31.59
N GLY B 51 28.05 14.53 -30.83
CA GLY B 51 29.25 15.27 -31.14
C GLY B 51 29.14 16.75 -30.83
N ASP B 52 30.14 17.51 -31.28
CA ASP B 52 30.19 18.95 -31.11
C ASP B 52 29.77 19.60 -32.39
N LEU B 53 28.77 20.47 -32.34
CA LEU B 53 28.37 21.20 -33.53
C LEU B 53 29.49 22.03 -34.16
N PRO B 54 29.62 21.95 -35.51
CA PRO B 54 30.55 22.84 -36.19
C PRO B 54 29.84 24.18 -36.35
N PHE B 55 30.49 25.26 -35.93
CA PHE B 55 29.85 26.57 -36.07
C PHE B 55 30.75 27.33 -37.01
N ALA B 56 30.51 27.14 -38.33
CA ALA B 56 31.26 27.77 -39.41
C ALA B 56 31.24 29.26 -39.24
N ASP B 57 32.42 29.82 -39.44
CA ASP B 57 32.72 31.23 -39.26
C ASP B 57 31.85 32.09 -40.14
N ILE B 58 31.27 33.14 -39.55
CA ILE B 58 30.51 34.17 -40.27
C ILE B 58 31.40 35.43 -40.24
N PRO B 59 32.21 35.67 -41.27
CA PRO B 59 33.03 36.91 -41.28
C PRO B 59 32.12 38.08 -41.65
N ASN B 60 32.44 39.31 -41.27
CA ASN B 60 31.53 40.44 -41.62
C ASN B 60 30.14 40.31 -40.92
N ASP B 61 30.20 40.06 -39.63
CA ASP B 61 29.01 39.97 -38.81
C ASP B 61 28.98 41.24 -37.96
N SER B 62 28.68 42.35 -38.62
CA SER B 62 28.66 43.68 -38.00
C SER B 62 27.49 43.83 -37.00
N PRO B 63 27.59 44.72 -35.98
CA PRO B 63 26.53 44.79 -34.98
C PRO B 63 25.18 45.31 -35.45
N PHE B 64 24.10 44.86 -34.77
CA PHE B 64 22.75 45.38 -34.99
C PHE B 64 22.64 46.36 -33.84
N GLN B 65 22.84 47.67 -34.12
CA GLN B 65 22.90 48.69 -33.06
C GLN B 65 24.10 48.39 -32.11
N ILE B 66 23.82 48.05 -30.84
CA ILE B 66 24.85 47.72 -29.85
C ILE B 66 25.06 46.18 -29.77
N VAL B 67 24.11 45.42 -30.37
CA VAL B 67 24.09 43.95 -30.35
C VAL B 67 25.25 43.36 -31.18
N LYS B 68 26.20 42.70 -30.49
CA LYS B 68 27.40 42.10 -31.06
C LYS B 68 27.17 40.71 -31.61
N ASN B 69 27.80 40.40 -32.78
CA ASN B 69 27.78 39.14 -33.53
C ASN B 69 26.37 38.58 -33.70
N PRO B 70 25.38 39.36 -34.18
CA PRO B 70 24.00 38.83 -34.24
C PRO B 70 23.81 37.60 -35.15
N ARG B 71 24.44 37.60 -36.35
CA ARG B 71 24.32 36.52 -37.34
C ARG B 71 24.89 35.22 -36.81
N SER B 72 26.07 35.28 -36.16
CA SER B 72 26.74 34.12 -35.56
C SER B 72 25.89 33.49 -34.41
N VAL B 73 25.39 34.32 -33.50
CA VAL B 73 24.54 33.90 -32.39
C VAL B 73 23.22 33.32 -32.92
N GLY B 74 22.62 34.00 -33.90
CA GLY B 74 21.39 33.57 -34.57
C GLY B 74 21.55 32.24 -35.24
N LYS B 75 22.64 32.08 -36.05
CA LYS B 75 22.95 30.84 -36.75
C LYS B 75 23.30 29.66 -35.81
N ALA B 76 24.11 29.91 -34.78
CA ALA B 76 24.48 28.85 -33.83
C ALA B 76 23.22 28.31 -33.13
N SER B 77 22.31 29.21 -32.68
CA SER B 77 21.06 28.81 -32.04
C SER B 77 20.15 28.09 -33.02
N GLU B 78 20.06 28.57 -34.25
CA GLU B 78 19.27 27.95 -35.32
C GLU B 78 19.70 26.52 -35.61
N GLN B 79 21.02 26.28 -35.72
CA GLN B 79 21.59 24.93 -35.93
C GLN B 79 21.34 24.05 -34.72
N LEU B 80 21.52 24.59 -33.50
CA LEU B 80 21.30 23.88 -32.22
C LEU B 80 19.83 23.49 -32.07
N ALA B 81 18.90 24.35 -32.49
CA ALA B 81 17.48 24.03 -32.46
C ALA B 81 17.20 22.77 -33.28
N GLY B 82 17.81 22.68 -34.47
CA GLY B 82 17.66 21.52 -35.34
C GLY B 82 18.22 20.25 -34.74
N LYS B 83 19.40 20.36 -34.11
CA LYS B 83 20.08 19.24 -33.46
C LYS B 83 19.29 18.76 -32.21
N VAL B 84 18.76 19.68 -31.41
CA VAL B 84 17.95 19.38 -30.22
C VAL B 84 16.64 18.66 -30.63
N ALA B 85 15.94 19.15 -31.70
CA ALA B 85 14.70 18.57 -32.24
C ALA B 85 14.94 17.12 -32.69
N GLU B 86 16.09 16.85 -33.34
CA GLU B 86 16.53 15.50 -33.76
C GLU B 86 16.73 14.55 -32.56
N VAL B 87 17.43 14.99 -31.49
CA VAL B 87 17.65 14.24 -30.25
C VAL B 87 16.30 13.98 -29.58
N LYS B 88 15.41 15.00 -29.56
CA LYS B 88 14.09 14.86 -28.96
C LYS B 88 13.20 13.85 -29.73
N LYS B 89 13.33 13.80 -31.06
CA LYS B 89 12.62 12.85 -31.92
C LYS B 89 13.12 11.42 -31.72
N ASN B 90 14.41 11.27 -31.34
CA ASN B 90 15.06 10.00 -31.02
C ASN B 90 14.76 9.47 -29.61
N GLY B 91 13.79 10.10 -28.93
CA GLY B 91 13.32 9.76 -27.58
C GLY B 91 14.38 9.89 -26.50
N ARG B 92 15.28 10.87 -26.64
CA ARG B 92 16.33 11.08 -25.66
C ARG B 92 16.17 12.46 -25.02
N ILE B 93 16.71 12.62 -23.79
CA ILE B 93 16.78 13.90 -23.09
C ILE B 93 17.97 14.62 -23.75
N SER B 94 17.76 15.82 -24.27
CA SER B 94 18.87 16.56 -24.89
C SER B 94 19.73 17.18 -23.79
N LEU B 95 21.05 16.96 -23.85
CA LEU B 95 22.01 17.50 -22.91
C LEU B 95 22.98 18.37 -23.71
N VAL B 96 22.78 19.69 -23.62
CA VAL B 96 23.55 20.69 -24.33
C VAL B 96 24.70 21.13 -23.46
N LEU B 97 25.92 20.91 -23.93
CA LEU B 97 27.13 21.34 -23.24
C LEU B 97 27.60 22.63 -23.90
N GLY B 98 27.46 23.72 -23.17
CA GLY B 98 27.85 25.05 -23.66
C GLY B 98 29.33 25.32 -23.37
N GLY B 99 29.89 26.40 -23.93
CA GLY B 99 29.20 27.46 -24.68
C GLY B 99 28.45 28.45 -23.78
N ASP B 100 28.32 29.68 -24.28
CA ASP B 100 27.58 30.76 -23.61
C ASP B 100 26.04 30.52 -23.66
N HIS B 101 25.30 31.20 -22.79
CA HIS B 101 23.86 31.06 -22.61
C HIS B 101 22.99 31.60 -23.76
N SER B 102 23.50 32.32 -24.78
CA SER B 102 22.65 32.72 -25.92
C SER B 102 22.15 31.47 -26.65
N LEU B 103 22.90 30.33 -26.51
CA LEU B 103 22.55 29.04 -27.09
C LEU B 103 21.21 28.45 -26.57
N ALA B 104 20.66 29.00 -25.46
CA ALA B 104 19.35 28.63 -24.92
C ALA B 104 18.23 28.99 -25.91
N ILE B 105 18.43 30.02 -26.74
CA ILE B 105 17.45 30.33 -27.79
C ILE B 105 17.22 29.04 -28.63
N GLY B 106 18.28 28.41 -29.12
CA GLY B 106 18.19 27.22 -29.94
C GLY B 106 17.81 25.98 -29.18
N SER B 107 18.38 25.80 -27.99
CA SER B 107 18.05 24.65 -27.16
C SER B 107 16.58 24.56 -26.85
N ILE B 108 15.98 25.63 -26.27
CA ILE B 108 14.53 25.68 -25.91
C ILE B 108 13.58 25.75 -27.19
N SER B 109 13.96 26.51 -28.23
CA SER B 109 13.17 26.52 -29.48
C SER B 109 13.10 25.12 -30.10
N GLY B 110 14.24 24.42 -30.14
CA GLY B 110 14.38 23.06 -30.66
C GLY B 110 13.59 22.04 -29.86
N HIS B 111 13.66 22.16 -28.52
CA HIS B 111 12.95 21.27 -27.61
C HIS B 111 11.42 21.51 -27.73
N ALA B 112 10.99 22.80 -27.83
CA ALA B 112 9.58 23.18 -28.01
C ALA B 112 8.95 22.71 -29.31
N ARG B 113 9.73 22.38 -30.35
CA ARG B 113 9.23 21.87 -31.63
C ARG B 113 8.64 20.48 -31.43
N VAL B 114 9.29 19.67 -30.57
CA VAL B 114 8.89 18.30 -30.27
C VAL B 114 7.91 18.28 -29.08
N HIS B 115 8.17 19.10 -28.03
CA HIS B 115 7.32 19.22 -26.86
C HIS B 115 6.89 20.68 -26.62
N PRO B 116 5.82 21.16 -27.31
CA PRO B 116 5.42 22.56 -27.14
C PRO B 116 4.84 22.96 -25.80
N ASP B 117 4.48 21.96 -24.96
CA ASP B 117 3.89 22.13 -23.64
C ASP B 117 4.93 22.24 -22.54
N LEU B 118 6.22 22.28 -22.88
CA LEU B 118 7.32 22.32 -21.91
C LEU B 118 7.31 23.55 -20.97
N GLY B 119 7.80 23.34 -19.75
CA GLY B 119 8.04 24.32 -18.70
C GLY B 119 9.54 24.46 -18.55
N VAL B 120 10.04 25.67 -18.27
CA VAL B 120 11.44 25.95 -18.12
C VAL B 120 11.79 26.31 -16.68
N ILE B 121 12.90 25.73 -16.14
CA ILE B 121 13.53 26.09 -14.87
C ILE B 121 14.85 26.72 -15.28
N TRP B 122 15.03 28.00 -14.93
CA TRP B 122 16.21 28.76 -15.30
C TRP B 122 17.05 29.04 -14.04
N VAL B 123 18.19 28.32 -13.91
CA VAL B 123 19.10 28.40 -12.74
C VAL B 123 20.27 29.31 -13.11
N ASP B 124 20.30 30.51 -12.50
CA ASP B 124 21.23 31.54 -12.93
C ASP B 124 21.27 32.70 -11.94
N ALA B 125 22.31 33.52 -11.97
CA ALA B 125 22.37 34.72 -11.14
C ALA B 125 21.68 35.85 -11.91
N HIS B 126 21.49 35.63 -13.21
CA HIS B 126 20.89 36.63 -14.11
C HIS B 126 19.59 36.14 -14.69
N THR B 127 18.71 37.07 -15.09
CA THR B 127 17.44 36.73 -15.78
C THR B 127 17.63 36.47 -17.28
N ASP B 128 18.65 37.08 -17.89
CA ASP B 128 19.02 36.97 -19.32
C ASP B 128 17.88 37.35 -20.23
N ILE B 129 17.06 38.29 -19.77
CA ILE B 129 15.80 38.68 -20.38
C ILE B 129 15.87 40.08 -20.97
N ASN B 130 17.08 40.64 -21.11
CA ASN B 130 17.22 41.93 -21.79
C ASN B 130 16.73 41.75 -23.24
N THR B 131 16.13 42.78 -23.84
CA THR B 131 15.75 42.71 -25.24
C THR B 131 16.90 43.38 -26.02
N PRO B 132 17.02 43.26 -27.37
CA PRO B 132 18.04 44.04 -28.10
C PRO B 132 17.97 45.56 -27.89
N LEU B 133 16.87 46.06 -27.31
CA LEU B 133 16.64 47.47 -27.02
C LEU B 133 16.89 47.86 -25.56
N THR B 134 16.78 46.94 -24.61
CA THR B 134 17.09 47.26 -23.19
C THR B 134 18.55 46.98 -22.84
N THR B 135 19.21 46.11 -23.61
CA THR B 135 20.62 45.79 -23.41
C THR B 135 21.51 47.03 -23.43
N THR B 136 22.52 47.06 -22.53
CA THR B 136 23.48 48.17 -22.46
C THR B 136 24.87 47.66 -22.87
N SER B 137 25.03 46.33 -22.86
CA SER B 137 26.27 45.64 -23.19
C SER B 137 26.27 45.15 -24.65
N GLY B 138 25.08 44.84 -25.18
CA GLY B 138 24.90 44.23 -26.51
C GLY B 138 25.29 42.77 -26.60
N ASN B 139 25.57 42.11 -25.44
CA ASN B 139 25.95 40.69 -25.36
C ASN B 139 24.72 39.81 -25.34
N LEU B 140 24.56 38.96 -26.37
CA LEU B 140 23.35 38.19 -26.57
C LEU B 140 23.12 37.09 -25.54
N HIS B 141 24.14 36.68 -24.75
CA HIS B 141 23.93 35.68 -23.67
C HIS B 141 23.05 36.26 -22.53
N GLY B 142 22.80 37.57 -22.60
CA GLY B 142 22.06 38.37 -21.63
C GLY B 142 20.67 38.69 -22.11
N GLN B 143 20.29 38.09 -23.23
CA GLN B 143 19.02 38.33 -23.89
C GLN B 143 18.24 37.07 -24.31
N PRO B 144 18.68 35.80 -24.13
CA PRO B 144 17.95 34.68 -24.73
C PRO B 144 16.47 34.57 -24.37
N VAL B 145 16.10 34.88 -23.12
CA VAL B 145 14.73 34.75 -22.67
C VAL B 145 13.79 35.71 -23.40
N SER B 146 14.26 36.94 -23.70
CA SER B 146 13.46 37.92 -24.41
C SER B 146 12.99 37.43 -25.80
N PHE B 147 13.86 36.69 -26.52
CA PHE B 147 13.57 36.10 -27.83
C PHE B 147 12.54 34.97 -27.76
N LEU B 148 12.49 34.28 -26.63
CA LEU B 148 11.64 33.10 -26.40
C LEU B 148 10.26 33.41 -25.86
N LEU B 149 10.05 34.56 -25.23
CA LEU B 149 8.77 34.90 -24.60
C LEU B 149 7.70 35.46 -25.55
N LYS B 150 6.54 34.81 -25.57
CA LYS B 150 5.38 35.22 -26.39
C LYS B 150 4.88 36.64 -26.04
N GLU B 151 4.94 37.00 -24.76
CA GLU B 151 4.50 38.30 -24.25
C GLU B 151 5.39 39.46 -24.70
N LEU B 152 6.60 39.16 -25.23
CA LEU B 152 7.54 40.19 -25.68
C LEU B 152 7.55 40.35 -27.19
N LYS B 153 6.62 39.66 -27.87
CA LYS B 153 6.48 39.73 -29.32
C LYS B 153 6.01 41.15 -29.61
N GLY B 154 6.78 41.88 -30.41
CA GLY B 154 6.53 43.29 -30.71
C GLY B 154 7.52 44.20 -30.02
N LYS B 155 8.32 43.65 -29.11
CA LYS B 155 9.35 44.34 -28.34
C LYS B 155 10.72 43.87 -28.78
N ILE B 156 10.75 42.83 -29.59
CA ILE B 156 11.98 42.30 -30.18
C ILE B 156 12.10 42.83 -31.61
N PRO B 157 13.11 43.67 -31.93
CA PRO B 157 13.23 44.15 -33.32
C PRO B 157 13.77 43.03 -34.21
N ASP B 158 13.76 43.25 -35.54
CA ASP B 158 14.24 42.27 -36.53
C ASP B 158 15.77 42.29 -36.53
N VAL B 159 16.34 41.40 -35.74
CA VAL B 159 17.81 41.28 -35.57
C VAL B 159 18.36 40.29 -36.64
N PRO B 160 19.40 40.68 -37.41
CA PRO B 160 19.97 39.75 -38.40
C PRO B 160 20.45 38.45 -37.78
N GLY B 161 19.98 37.33 -38.34
CA GLY B 161 20.26 35.97 -37.91
C GLY B 161 19.12 35.35 -37.12
N PHE B 162 18.09 36.15 -36.74
CA PHE B 162 16.99 35.67 -35.89
C PHE B 162 15.59 35.58 -36.56
N SER B 163 15.51 35.62 -37.91
CA SER B 163 14.18 35.54 -38.59
C SER B 163 13.48 34.18 -38.43
N TRP B 164 14.26 33.17 -38.11
CA TRP B 164 13.74 31.82 -37.85
C TRP B 164 13.01 31.69 -36.51
N VAL B 165 13.30 32.61 -35.55
CA VAL B 165 12.76 32.60 -34.18
C VAL B 165 11.26 32.97 -34.11
N THR B 166 10.48 32.08 -33.45
CA THR B 166 9.08 32.30 -33.11
C THR B 166 9.00 32.05 -31.60
N PRO B 167 8.61 33.04 -30.77
CA PRO B 167 8.49 32.81 -29.31
C PRO B 167 7.65 31.59 -28.99
N CYS B 168 8.23 30.68 -28.20
CA CYS B 168 7.60 29.38 -27.89
C CYS B 168 7.15 29.23 -26.42
N ILE B 169 7.51 30.19 -25.53
CA ILE B 169 7.12 30.07 -24.14
C ILE B 169 6.39 31.31 -23.62
N SER B 170 5.37 31.08 -22.77
CA SER B 170 4.64 32.17 -22.13
C SER B 170 5.35 32.46 -20.82
N ALA B 171 5.21 33.70 -20.33
CA ALA B 171 5.79 34.17 -19.07
C ALA B 171 5.46 33.23 -17.90
N LYS B 172 4.33 32.50 -17.98
CA LYS B 172 3.88 31.61 -16.90
C LYS B 172 4.53 30.22 -16.98
N ASP B 173 5.29 29.94 -18.03
CA ASP B 173 5.93 28.64 -18.23
C ASP B 173 7.40 28.61 -17.82
N ILE B 174 7.88 29.65 -17.13
CA ILE B 174 9.26 29.77 -16.71
C ILE B 174 9.35 30.12 -15.21
N VAL B 175 10.30 29.48 -14.50
CA VAL B 175 10.63 29.79 -13.12
C VAL B 175 12.14 30.04 -13.03
N TYR B 176 12.53 31.17 -12.44
CA TYR B 176 13.93 31.53 -12.21
C TYR B 176 14.31 31.19 -10.82
N ILE B 177 15.55 30.72 -10.63
CA ILE B 177 16.11 30.36 -9.31
C ILE B 177 17.58 30.84 -9.24
N GLY B 178 17.90 31.65 -8.22
CA GLY B 178 19.27 32.03 -7.93
C GLY B 178 19.65 33.45 -8.25
N LEU B 179 18.70 34.20 -8.75
CA LEU B 179 18.90 35.57 -9.18
C LEU B 179 19.55 36.43 -8.13
N ARG B 180 20.48 37.30 -8.56
CA ARG B 180 21.17 38.23 -7.66
C ARG B 180 21.84 39.39 -8.43
N ASP B 181 21.68 39.43 -9.79
CA ASP B 181 22.27 40.43 -10.67
C ASP B 181 21.31 40.77 -11.83
N VAL B 182 20.32 41.61 -11.54
CA VAL B 182 19.26 41.92 -12.50
C VAL B 182 19.34 43.37 -12.96
N ASP B 183 19.41 43.59 -14.28
CA ASP B 183 19.43 44.94 -14.85
C ASP B 183 18.08 45.65 -14.68
N PRO B 184 18.04 47.01 -14.65
CA PRO B 184 16.74 47.69 -14.44
C PRO B 184 15.64 47.31 -15.43
N GLY B 185 16.00 47.20 -16.71
CA GLY B 185 15.07 46.84 -17.78
C GLY B 185 14.56 45.44 -17.58
N GLU B 186 15.47 44.56 -17.15
CA GLU B 186 15.13 43.17 -16.85
C GLU B 186 14.20 43.09 -15.63
N HIS B 187 14.45 43.91 -14.59
CA HIS B 187 13.58 43.89 -13.40
C HIS B 187 12.18 44.38 -13.77
N TYR B 188 12.13 45.42 -14.61
CA TYR B 188 10.87 45.98 -15.14
C TYR B 188 10.10 44.87 -15.85
N ILE B 189 10.73 44.14 -16.82
CA ILE B 189 10.14 43.04 -17.59
C ILE B 189 9.63 41.95 -16.65
N LEU B 190 10.51 41.52 -15.73
CA LEU B 190 10.24 40.47 -14.74
C LEU B 190 8.98 40.80 -13.94
N LYS B 191 8.85 42.05 -13.47
CA LYS B 191 7.69 42.47 -12.68
C LYS B 191 6.43 42.72 -13.48
N THR B 192 6.52 43.41 -14.64
CA THR B 192 5.33 43.69 -15.44
C THR B 192 4.76 42.45 -16.14
N LEU B 193 5.58 41.42 -16.40
CA LEU B 193 5.06 40.18 -17.01
C LEU B 193 4.59 39.17 -15.94
N GLY B 194 4.88 39.46 -14.67
CA GLY B 194 4.52 38.61 -13.54
C GLY B 194 5.17 37.23 -13.61
N ILE B 195 6.44 37.15 -14.04
CA ILE B 195 7.17 35.87 -14.13
C ILE B 195 7.46 35.37 -12.72
N LYS B 196 7.33 34.06 -12.48
CA LYS B 196 7.62 33.44 -11.20
C LYS B 196 9.14 33.36 -11.04
N TYR B 197 9.66 33.82 -9.90
CA TYR B 197 11.08 33.79 -9.63
C TYR B 197 11.39 33.62 -8.15
N PHE B 198 12.55 33.04 -7.86
CA PHE B 198 13.06 32.92 -6.51
C PHE B 198 14.47 33.51 -6.62
N SER B 199 14.63 34.81 -6.28
CA SER B 199 15.97 35.38 -6.25
C SER B 199 16.63 34.81 -4.98
N MET B 200 17.93 35.10 -4.74
CA MET B 200 18.59 34.65 -3.52
C MET B 200 17.76 35.01 -2.29
N THR B 201 17.10 36.19 -2.32
CA THR B 201 16.21 36.69 -1.26
C THR B 201 15.14 35.69 -0.88
N GLU B 202 14.44 35.11 -1.87
CA GLU B 202 13.39 34.10 -1.64
C GLU B 202 14.02 32.80 -1.14
N VAL B 203 15.18 32.41 -1.71
CA VAL B 203 15.91 31.22 -1.25
C VAL B 203 16.25 31.35 0.26
N ASP B 204 16.74 32.53 0.69
CA ASP B 204 17.06 32.88 2.06
C ASP B 204 15.84 32.80 2.96
N ARG B 205 14.73 33.41 2.49
CA ARG B 205 13.44 33.43 3.18
C ARG B 205 12.84 32.05 3.37
N LEU B 206 12.73 31.28 2.30
CA LEU B 206 12.01 30.01 2.30
C LEU B 206 12.80 28.75 2.57
N GLY B 207 14.06 28.75 2.14
CA GLY B 207 14.93 27.58 2.14
C GLY B 207 14.73 26.92 0.80
N ILE B 208 15.74 26.20 0.29
CA ILE B 208 15.66 25.56 -1.05
C ILE B 208 14.55 24.47 -1.14
N GLY B 209 14.17 23.87 0.00
CA GLY B 209 13.11 22.86 0.06
C GLY B 209 11.77 23.38 -0.43
N LYS B 210 11.34 24.51 0.14
CA LYS B 210 10.08 25.16 -0.20
C LYS B 210 10.19 25.79 -1.60
N VAL B 211 11.36 26.33 -1.96
CA VAL B 211 11.64 26.85 -3.31
C VAL B 211 11.32 25.80 -4.36
N MET B 212 11.79 24.57 -4.17
CA MET B 212 11.57 23.48 -5.13
C MET B 212 10.14 22.98 -5.15
N GLU B 213 9.51 22.91 -3.97
CA GLU B 213 8.12 22.48 -3.81
C GLU B 213 7.20 23.42 -4.60
N GLU B 214 7.41 24.74 -4.45
CA GLU B 214 6.71 25.81 -5.12
C GLU B 214 6.98 25.80 -6.63
N THR B 215 8.25 25.68 -7.04
CA THR B 215 8.64 25.63 -8.45
C THR B 215 7.94 24.45 -9.13
N LEU B 216 8.03 23.24 -8.56
CA LEU B 216 7.46 22.08 -9.27
C LEU B 216 5.93 22.12 -9.26
N SER B 217 5.31 22.65 -8.20
CA SER B 217 3.85 22.78 -8.09
C SER B 217 3.35 23.82 -9.09
N TYR B 218 4.07 24.93 -9.18
CA TYR B 218 3.75 26.03 -10.08
C TYR B 218 3.83 25.57 -11.55
N LEU B 219 4.81 24.72 -11.90
CA LEU B 219 4.95 24.29 -13.30
C LEU B 219 4.15 23.07 -13.64
N LEU B 220 3.97 22.14 -12.69
CA LEU B 220 3.34 20.85 -12.95
C LEU B 220 1.96 20.64 -12.31
N GLY B 221 1.54 21.55 -11.45
CA GLY B 221 0.25 21.48 -10.77
C GLY B 221 -0.99 21.23 -11.62
N ARG B 222 -1.17 22.02 -12.71
CA ARG B 222 -2.27 21.91 -13.69
C ARG B 222 -2.27 20.54 -14.42
N LYS B 223 -1.09 20.11 -14.89
CA LYS B 223 -0.86 18.82 -15.56
C LYS B 223 0.64 18.57 -15.69
N LYS B 224 1.06 17.30 -15.69
CA LYS B 224 2.46 16.87 -15.93
C LYS B 224 2.81 17.29 -17.34
N ARG B 225 4.01 17.83 -17.51
CA ARG B 225 4.49 18.33 -18.79
C ARG B 225 6.02 18.21 -18.78
N PRO B 226 6.67 18.20 -19.96
CA PRO B 226 8.14 18.04 -20.00
C PRO B 226 8.86 19.24 -19.40
N ILE B 227 10.01 18.98 -18.74
CA ILE B 227 10.79 20.04 -18.08
C ILE B 227 12.10 20.29 -18.82
N HIS B 228 12.38 21.56 -19.15
CA HIS B 228 13.65 22.04 -19.69
C HIS B 228 14.37 22.79 -18.57
N LEU B 229 15.57 22.29 -18.14
CA LEU B 229 16.36 22.95 -17.10
C LEU B 229 17.49 23.66 -17.81
N SER B 230 17.55 25.00 -17.73
CA SER B 230 18.67 25.72 -18.33
C SER B 230 19.53 26.18 -17.17
N PHE B 231 20.64 25.45 -16.97
CA PHE B 231 21.55 25.71 -15.89
C PHE B 231 22.73 26.57 -16.29
N ASP B 232 22.78 27.81 -15.81
CA ASP B 232 23.99 28.62 -15.99
C ASP B 232 24.84 28.31 -14.73
N VAL B 233 26.11 27.94 -14.88
CA VAL B 233 26.95 27.61 -13.72
C VAL B 233 27.15 28.80 -12.79
N ASP B 234 27.04 30.04 -13.30
CA ASP B 234 27.12 31.22 -12.44
C ASP B 234 25.87 31.35 -11.47
N GLY B 235 24.88 30.46 -11.61
CA GLY B 235 23.79 30.36 -10.64
C GLY B 235 24.35 30.01 -9.28
N LEU B 236 25.35 29.08 -9.22
CA LEU B 236 26.06 28.72 -8.01
C LEU B 236 27.07 29.80 -7.63
N ASP B 237 27.38 29.81 -6.32
CA ASP B 237 28.35 30.70 -5.73
C ASP B 237 29.70 30.53 -6.41
N PRO B 238 30.44 31.65 -6.64
CA PRO B 238 31.77 31.54 -7.24
C PRO B 238 32.80 30.72 -6.41
N SER B 239 32.52 30.40 -5.14
CA SER B 239 33.38 29.48 -4.37
C SER B 239 33.27 28.04 -4.90
N PHE B 240 32.24 27.73 -5.70
CA PHE B 240 32.04 26.43 -6.33
C PHE B 240 32.27 26.45 -7.85
N THR B 241 31.78 27.48 -8.55
CA THR B 241 31.96 27.59 -10.02
C THR B 241 32.68 28.91 -10.42
N PRO B 242 33.96 29.11 -10.01
CA PRO B 242 34.64 30.38 -10.35
C PRO B 242 35.04 30.60 -11.80
N ALA B 243 35.28 29.54 -12.59
CA ALA B 243 35.69 29.68 -14.00
C ALA B 243 34.44 29.86 -14.89
N THR B 244 33.92 31.07 -14.86
CA THR B 244 32.71 31.55 -15.52
C THR B 244 32.86 33.05 -15.75
N GLY B 245 32.18 33.54 -16.80
CA GLY B 245 32.25 34.92 -17.28
C GLY B 245 31.75 36.04 -16.39
N THR B 246 30.56 35.86 -15.79
CA THR B 246 29.93 36.91 -14.97
C THR B 246 29.67 36.37 -13.52
N PRO B 247 30.69 36.04 -12.72
CA PRO B 247 30.42 35.55 -11.34
C PRO B 247 29.90 36.63 -10.38
N VAL B 248 29.02 36.26 -9.48
CA VAL B 248 28.37 37.17 -8.53
C VAL B 248 28.39 36.45 -7.17
N VAL B 249 28.87 37.15 -6.14
CA VAL B 249 28.92 36.61 -4.76
C VAL B 249 27.55 36.30 -4.18
N GLY B 250 27.51 35.35 -3.25
CA GLY B 250 26.25 35.05 -2.58
C GLY B 250 25.29 34.18 -3.36
N GLY B 251 25.83 33.32 -4.21
CA GLY B 251 25.04 32.39 -4.99
C GLY B 251 24.47 31.20 -4.27
N LEU B 252 24.00 30.25 -5.08
CA LEU B 252 23.49 29.01 -4.51
C LEU B 252 24.70 28.15 -4.04
N THR B 253 24.49 27.38 -2.99
CA THR B 253 25.55 26.49 -2.50
C THR B 253 25.61 25.24 -3.35
N TYR B 254 26.70 24.45 -3.18
CA TYR B 254 26.90 23.17 -3.86
C TYR B 254 25.71 22.27 -3.51
N ARG B 255 25.33 22.21 -2.20
CA ARG B 255 24.17 21.49 -1.69
C ARG B 255 22.85 21.95 -2.33
N GLU B 256 22.61 23.28 -2.42
CA GLU B 256 21.40 23.80 -3.05
C GLU B 256 21.30 23.43 -4.53
N GLY B 257 22.41 23.50 -5.26
CA GLY B 257 22.46 23.07 -6.66
C GLY B 257 22.10 21.60 -6.85
N LEU B 258 22.63 20.72 -5.97
CA LEU B 258 22.34 19.28 -5.95
C LEU B 258 20.92 19.03 -5.54
N TYR B 259 20.40 19.86 -4.61
CA TYR B 259 19.00 19.71 -4.21
C TYR B 259 17.99 20.01 -5.35
N ILE B 260 18.23 21.09 -6.09
CA ILE B 260 17.38 21.51 -7.20
C ILE B 260 17.32 20.38 -8.24
N THR B 261 18.50 19.85 -8.63
CA THR B 261 18.64 18.85 -9.70
C THR B 261 18.10 17.47 -9.23
N GLU B 262 18.25 17.14 -7.93
CA GLU B 262 17.69 15.92 -7.35
C GLU B 262 16.20 15.96 -7.50
N GLU B 263 15.61 17.07 -7.06
CA GLU B 263 14.17 17.26 -7.08
C GLU B 263 13.58 17.21 -8.48
N ILE B 264 14.29 17.78 -9.47
CA ILE B 264 13.90 17.73 -10.87
C ILE B 264 13.97 16.28 -11.37
N TYR B 265 15.08 15.57 -11.11
CA TYR B 265 15.23 14.17 -11.49
C TYR B 265 14.02 13.37 -11.05
N LYS B 266 13.70 13.43 -9.74
CA LYS B 266 12.61 12.73 -9.08
C LYS B 266 11.22 12.93 -9.74
N THR B 267 10.99 14.02 -10.49
CA THR B 267 9.71 14.23 -11.21
C THR B 267 9.54 13.20 -12.32
N GLY B 268 10.67 12.79 -12.90
CA GLY B 268 10.73 11.85 -14.02
C GLY B 268 10.41 12.58 -15.30
N LEU B 269 10.25 13.92 -15.23
CA LEU B 269 9.86 14.77 -16.37
C LEU B 269 10.99 15.58 -17.00
N LEU B 270 12.28 15.43 -16.58
CA LEU B 270 13.36 16.19 -17.26
C LEU B 270 13.43 15.72 -18.73
N SER B 271 13.45 16.67 -19.66
CA SER B 271 13.37 16.43 -21.10
C SER B 271 14.49 17.13 -21.85
N GLY B 272 15.05 18.16 -21.25
CA GLY B 272 16.12 18.93 -21.85
C GLY B 272 16.96 19.59 -20.76
N LEU B 273 18.27 19.62 -20.98
CA LEU B 273 19.19 20.19 -20.02
C LEU B 273 20.24 21.00 -20.74
N ASP B 274 20.56 22.19 -20.20
CA ASP B 274 21.61 23.08 -20.70
C ASP B 274 22.66 23.33 -19.60
N ILE B 275 23.94 23.01 -19.84
CA ILE B 275 25.03 23.24 -18.84
C ILE B 275 25.89 24.30 -19.47
N MET B 276 25.74 25.51 -18.98
CA MET B 276 26.26 26.67 -19.67
C MET B 276 27.16 27.50 -18.87
N GLU B 277 27.96 28.31 -19.61
CA GLU B 277 28.87 29.33 -19.11
C GLU B 277 30.15 28.78 -18.42
N VAL B 278 30.47 27.50 -18.65
CA VAL B 278 31.74 26.98 -18.11
C VAL B 278 32.87 27.56 -18.99
N ASN B 279 33.75 28.39 -18.42
CA ASN B 279 34.84 28.95 -19.18
C ASN B 279 36.19 28.55 -18.54
N PRO B 280 36.81 27.47 -19.09
CA PRO B 280 38.09 26.98 -18.53
C PRO B 280 39.29 27.92 -18.66
N SER B 281 39.17 29.05 -19.35
CA SER B 281 40.29 29.99 -19.38
C SER B 281 40.08 31.13 -18.40
N LEU B 282 39.01 31.06 -17.57
CA LEU B 282 38.71 32.08 -16.57
C LEU B 282 38.99 31.70 -15.12
N GLY B 283 39.72 30.62 -14.91
CA GLY B 283 40.11 30.32 -13.53
C GLY B 283 41.31 31.17 -13.13
N LYS B 284 41.42 31.52 -11.83
CA LYS B 284 42.59 32.24 -11.30
C LYS B 284 43.78 31.28 -11.15
N THR B 285 43.47 30.00 -10.96
CA THR B 285 44.43 28.91 -10.81
C THR B 285 43.89 27.72 -11.60
N PRO B 286 44.71 26.72 -11.95
CA PRO B 286 44.16 25.50 -12.59
C PRO B 286 43.16 24.76 -11.71
N GLU B 287 43.28 24.86 -10.38
CA GLU B 287 42.34 24.23 -9.44
C GLU B 287 40.91 24.84 -9.51
N GLU B 288 40.81 26.16 -9.77
CA GLU B 288 39.53 26.88 -9.95
C GLU B 288 38.76 26.32 -11.16
N VAL B 289 39.50 25.93 -12.22
CA VAL B 289 38.96 25.32 -13.44
C VAL B 289 38.43 23.92 -13.12
N THR B 290 39.24 23.05 -12.47
CA THR B 290 38.79 21.69 -12.14
C THR B 290 37.61 21.72 -11.16
N ARG B 291 37.60 22.67 -10.19
CA ARG B 291 36.51 22.84 -9.25
C ARG B 291 35.21 23.15 -9.97
N THR B 292 35.25 24.07 -10.96
CA THR B 292 34.07 24.46 -11.76
C THR B 292 33.51 23.29 -12.55
N VAL B 293 34.40 22.59 -13.24
CA VAL B 293 34.08 21.47 -14.12
C VAL B 293 33.50 20.35 -13.29
N ASN B 294 34.11 20.04 -12.14
CA ASN B 294 33.63 19.01 -11.20
C ASN B 294 32.27 19.34 -10.63
N THR B 295 32.01 20.61 -10.30
CA THR B 295 30.70 21.01 -9.79
C THR B 295 29.67 20.88 -10.92
N ALA B 296 30.01 21.32 -12.14
CA ALA B 296 29.13 21.16 -13.30
C ALA B 296 28.78 19.67 -13.58
N VAL B 297 29.77 18.75 -13.39
CA VAL B 297 29.61 17.31 -13.61
C VAL B 297 28.67 16.74 -12.57
N ALA B 298 28.88 17.14 -11.31
CA ALA B 298 28.07 16.73 -10.14
C ALA B 298 26.64 17.17 -10.31
N ILE B 299 26.40 18.43 -10.76
CA ILE B 299 25.07 18.96 -11.04
C ILE B 299 24.41 18.08 -12.10
N THR B 300 25.16 17.79 -13.20
CA THR B 300 24.66 16.97 -14.30
C THR B 300 24.27 15.58 -13.78
N LEU B 301 25.09 14.93 -12.93
CA LEU B 301 24.78 13.58 -12.48
C LEU B 301 23.53 13.52 -11.64
N ALA B 302 23.25 14.57 -10.86
CA ALA B 302 22.02 14.66 -10.05
C ALA B 302 20.77 14.70 -10.95
N CYS B 303 20.90 15.34 -12.14
CA CYS B 303 19.86 15.46 -13.15
C CYS B 303 19.43 14.11 -13.70
N PHE B 304 20.37 13.16 -13.71
CA PHE B 304 20.15 11.82 -14.26
C PHE B 304 20.17 10.70 -13.21
N GLY B 305 19.83 11.05 -11.97
CA GLY B 305 19.59 10.07 -10.92
C GLY B 305 20.51 9.88 -9.75
N LEU B 306 21.73 10.40 -9.85
CA LEU B 306 22.67 10.28 -8.74
C LEU B 306 22.12 10.96 -7.48
N ALA B 307 21.79 10.17 -6.43
CA ALA B 307 21.18 10.68 -5.19
C ALA B 307 22.16 10.66 -4.01
N ARG B 308 22.16 11.70 -3.17
CA ARG B 308 23.06 11.73 -2.02
C ARG B 308 22.74 10.65 -0.98
N GLU B 309 21.47 10.20 -0.86
CA GLU B 309 21.11 9.12 0.04
C GLU B 309 21.66 7.77 -0.40
N GLY B 310 22.09 7.69 -1.66
CA GLY B 310 22.59 6.47 -2.28
C GLY B 310 21.67 5.98 -3.37
N ASN B 311 22.17 4.97 -4.10
CA ASN B 311 21.50 4.30 -5.22
C ASN B 311 21.82 2.80 -5.10
N HIS B 312 20.91 1.94 -5.55
CA HIS B 312 21.13 0.50 -5.67
C HIS B 312 20.31 -0.11 -6.80
N LYS B 313 20.80 -1.22 -7.34
CA LYS B 313 20.18 -1.95 -8.45
C LYS B 313 19.10 -2.86 -7.90
N PRO B 314 18.09 -3.30 -8.70
CA PRO B 314 17.06 -4.21 -8.15
C PRO B 314 17.50 -5.67 -7.98
N ILE B 315 18.51 -5.90 -7.11
CA ILE B 315 19.13 -7.18 -6.75
C ILE B 315 19.28 -7.30 -5.24
N ASP B 316 19.47 -8.53 -4.74
CA ASP B 316 19.67 -8.80 -3.31
C ASP B 316 21.15 -8.69 -3.02
N TYR B 317 21.58 -7.58 -2.43
CA TYR B 317 22.98 -7.32 -2.07
C TYR B 317 23.45 -8.16 -0.90
N LEU B 318 22.53 -8.68 -0.06
CA LEU B 318 22.87 -9.53 1.08
C LEU B 318 22.96 -11.04 0.71
N ASN B 319 22.96 -11.35 -0.59
CA ASN B 319 23.10 -12.69 -1.14
C ASN B 319 24.22 -12.70 -2.20
N ALA C 3 -4.27 -27.36 -31.67
CA ALA C 3 -5.04 -26.12 -31.53
C ALA C 3 -4.47 -25.26 -30.40
N LYS C 4 -4.53 -23.91 -30.52
CA LYS C 4 -3.98 -22.98 -29.51
C LYS C 4 -4.49 -23.27 -28.09
N SER C 5 -5.82 -23.45 -27.96
CA SER C 5 -6.53 -23.71 -26.72
C SER C 5 -6.18 -25.07 -26.06
N ARG C 6 -5.51 -25.96 -26.84
CA ARG C 6 -5.05 -27.25 -26.35
C ARG C 6 -3.55 -27.47 -26.49
N THR C 7 -2.75 -26.40 -26.57
CA THR C 7 -1.27 -26.47 -26.67
C THR C 7 -0.74 -25.98 -25.32
N ILE C 8 -0.11 -26.89 -24.58
CA ILE C 8 0.28 -26.67 -23.17
C ILE C 8 1.77 -26.88 -22.87
N GLY C 9 2.26 -26.07 -21.95
CA GLY C 9 3.60 -26.13 -21.36
C GLY C 9 3.46 -26.32 -19.87
N ILE C 10 3.77 -27.55 -19.36
CA ILE C 10 3.64 -27.92 -17.94
C ILE C 10 4.84 -27.47 -17.14
N ILE C 11 4.59 -26.74 -16.02
CA ILE C 11 5.62 -26.34 -15.09
C ILE C 11 5.23 -26.82 -13.69
N GLY C 12 6.05 -27.69 -13.10
CA GLY C 12 5.89 -28.13 -11.72
C GLY C 12 6.52 -27.08 -10.81
N ALA C 13 5.81 -26.68 -9.74
CA ALA C 13 6.36 -25.66 -8.81
C ALA C 13 6.28 -26.20 -7.36
N PRO C 14 7.14 -27.19 -7.01
CA PRO C 14 7.04 -27.80 -5.67
C PRO C 14 7.55 -26.89 -4.54
N PHE C 15 6.76 -25.88 -4.16
CA PHE C 15 7.17 -24.85 -3.22
C PHE C 15 6.11 -24.67 -2.14
N SER C 16 6.55 -24.60 -0.88
CA SER C 16 5.62 -24.51 0.25
C SER C 16 5.82 -23.35 1.21
N LYS C 17 6.95 -22.64 1.08
CA LYS C 17 7.37 -21.61 2.04
C LYS C 17 6.56 -20.30 1.99
N GLY C 18 5.52 -20.24 1.18
CA GLY C 18 4.58 -19.11 1.19
C GLY C 18 3.53 -19.23 2.26
N GLN C 19 3.49 -20.39 2.96
CA GLN C 19 2.58 -20.74 4.05
C GLN C 19 3.27 -21.69 5.08
N PRO C 20 2.69 -21.95 6.28
CA PRO C 20 3.41 -22.76 7.26
C PRO C 20 3.21 -24.29 7.25
N ARG C 21 2.19 -24.82 6.56
CA ARG C 21 1.89 -26.25 6.55
C ARG C 21 2.70 -27.07 5.50
N GLY C 22 3.46 -28.03 5.98
CA GLY C 22 4.22 -28.89 5.09
C GLY C 22 3.33 -29.76 4.21
N GLY C 23 3.79 -30.03 3.00
CA GLY C 23 3.08 -30.93 2.09
C GLY C 23 2.62 -30.37 0.77
N VAL C 24 2.34 -29.07 0.69
CA VAL C 24 1.86 -28.41 -0.52
C VAL C 24 2.92 -28.50 -1.65
N GLU C 25 4.19 -28.71 -1.28
CA GLU C 25 5.27 -28.92 -2.25
C GLU C 25 5.09 -30.27 -3.00
N GLU C 26 4.27 -31.17 -2.48
CA GLU C 26 4.01 -32.48 -3.08
C GLU C 26 2.87 -32.45 -4.10
N GLY C 27 2.21 -31.30 -4.25
CA GLY C 27 1.12 -31.06 -5.19
C GLY C 27 1.48 -31.42 -6.63
N PRO C 28 2.61 -30.96 -7.23
CA PRO C 28 2.94 -31.40 -8.61
C PRO C 28 3.12 -32.91 -8.77
N THR C 29 3.75 -33.59 -7.80
CA THR C 29 3.98 -35.03 -7.75
C THR C 29 2.65 -35.80 -7.80
N VAL C 30 1.72 -35.46 -6.89
CA VAL C 30 0.45 -36.18 -6.78
C VAL C 30 -0.46 -35.90 -8.02
N LEU C 31 -0.45 -34.67 -8.58
CA LEU C 31 -1.21 -34.39 -9.82
C LEU C 31 -0.65 -35.16 -11.02
N ARG C 32 0.69 -35.33 -11.10
CA ARG C 32 1.36 -36.11 -12.13
C ARG C 32 1.05 -37.63 -11.92
N LYS C 33 1.09 -38.13 -10.65
CA LYS C 33 0.80 -39.54 -10.33
C LYS C 33 -0.61 -39.95 -10.76
N ALA C 34 -1.55 -38.99 -10.68
CA ALA C 34 -2.94 -39.18 -11.10
C ALA C 34 -3.13 -39.33 -12.63
N GLY C 35 -2.07 -39.08 -13.39
CA GLY C 35 -2.08 -39.21 -14.85
C GLY C 35 -2.51 -37.96 -15.60
N LEU C 36 -2.30 -36.76 -15.03
CA LEU C 36 -2.70 -35.50 -15.64
C LEU C 36 -2.18 -35.31 -17.07
N LEU C 37 -0.86 -35.49 -17.29
CA LEU C 37 -0.25 -35.34 -18.62
C LEU C 37 -0.85 -36.31 -19.66
N GLU C 38 -0.96 -37.58 -19.30
CA GLU C 38 -1.53 -38.63 -20.16
C GLU C 38 -2.99 -38.31 -20.47
N LYS C 39 -3.79 -37.92 -19.45
CA LYS C 39 -5.19 -37.52 -19.62
C LYS C 39 -5.35 -36.35 -20.59
N LEU C 40 -4.45 -35.36 -20.52
CA LEU C 40 -4.46 -34.23 -21.43
C LEU C 40 -4.15 -34.67 -22.84
N LYS C 41 -3.16 -35.54 -23.03
CA LYS C 41 -2.78 -36.10 -24.35
C LYS C 41 -3.93 -36.91 -24.99
N GLU C 42 -4.72 -37.62 -24.18
CA GLU C 42 -5.89 -38.39 -24.62
C GLU C 42 -7.08 -37.51 -25.04
N GLN C 43 -6.96 -36.20 -24.82
CA GLN C 43 -7.96 -35.16 -25.06
C GLN C 43 -7.53 -34.25 -26.21
N GLU C 44 -6.62 -34.74 -27.06
CA GLU C 44 -6.06 -34.04 -28.24
C GLU C 44 -5.20 -32.82 -27.87
N CYS C 45 -4.56 -32.83 -26.69
CA CYS C 45 -3.67 -31.75 -26.26
C CYS C 45 -2.24 -32.01 -26.71
N ASP C 46 -1.52 -30.95 -27.04
CA ASP C 46 -0.11 -31.01 -27.41
C ASP C 46 0.58 -30.53 -26.12
N VAL C 47 1.08 -31.50 -25.35
CA VAL C 47 1.68 -31.28 -24.04
C VAL C 47 3.19 -31.36 -24.12
N LYS C 48 3.87 -30.34 -23.62
CA LYS C 48 5.31 -30.30 -23.45
C LYS C 48 5.54 -30.08 -21.97
N ASP C 49 6.35 -30.95 -21.36
CA ASP C 49 6.67 -30.92 -19.95
C ASP C 49 8.01 -30.20 -19.68
N TYR C 50 7.95 -29.03 -19.02
CA TYR C 50 9.13 -28.23 -18.68
C TYR C 50 9.76 -28.64 -17.35
N GLY C 51 9.25 -29.73 -16.76
CA GLY C 51 9.74 -30.30 -15.53
C GLY C 51 9.29 -29.59 -14.26
N ASP C 52 9.81 -30.05 -13.11
CA ASP C 52 9.56 -29.46 -11.80
C ASP C 52 10.71 -28.51 -11.50
N LEU C 53 10.41 -27.25 -11.18
CA LEU C 53 11.47 -26.32 -10.87
C LEU C 53 12.25 -26.72 -9.60
N PRO C 54 13.59 -26.62 -9.66
CA PRO C 54 14.40 -26.84 -8.44
C PRO C 54 14.39 -25.55 -7.62
N PHE C 55 13.99 -25.62 -6.36
CA PHE C 55 13.95 -24.43 -5.53
C PHE C 55 14.95 -24.59 -4.40
N ALA C 56 16.18 -24.12 -4.66
CA ALA C 56 17.31 -24.16 -3.74
C ALA C 56 16.95 -23.49 -2.40
N ASP C 57 17.34 -24.17 -1.33
CA ASP C 57 17.22 -23.72 0.05
C ASP C 57 18.03 -22.44 0.26
N ILE C 58 17.39 -21.46 0.90
CA ILE C 58 17.98 -20.17 1.22
C ILE C 58 18.12 -20.19 2.74
N PRO C 59 19.33 -20.49 3.26
CA PRO C 59 19.53 -20.45 4.72
C PRO C 59 19.63 -18.98 5.16
N ASN C 60 19.32 -18.68 6.42
CA ASN C 60 19.31 -17.27 6.92
C ASN C 60 18.28 -16.41 6.17
N ASP C 61 17.06 -16.96 6.01
CA ASP C 61 15.99 -16.23 5.36
C ASP C 61 15.07 -15.72 6.47
N SER C 62 15.60 -14.71 7.16
CA SER C 62 15.03 -14.02 8.31
C SER C 62 13.76 -13.25 7.90
N PRO C 63 12.76 -13.13 8.77
CA PRO C 63 11.54 -12.44 8.35
C PRO C 63 11.70 -10.94 8.05
N PHE C 64 10.84 -10.41 7.19
CA PHE C 64 10.75 -8.99 6.95
C PHE C 64 9.56 -8.63 7.83
N GLN C 65 9.83 -8.08 9.07
CA GLN C 65 8.78 -7.82 10.07
C GLN C 65 8.09 -9.16 10.50
N ILE C 66 6.80 -9.37 10.15
CA ILE C 66 6.08 -10.61 10.45
C ILE C 66 6.12 -11.57 9.23
N VAL C 67 6.51 -11.04 8.05
CA VAL C 67 6.57 -11.76 6.76
C VAL C 67 7.64 -12.86 6.78
N LYS C 68 7.18 -14.11 6.70
CA LYS C 68 8.02 -15.31 6.77
C LYS C 68 8.58 -15.70 5.42
N ASN C 69 9.85 -16.15 5.42
CA ASN C 69 10.63 -16.64 4.27
C ASN C 69 10.53 -15.71 3.06
N PRO C 70 10.77 -14.39 3.19
CA PRO C 70 10.60 -13.50 2.02
C PRO C 70 11.52 -13.81 0.83
N ARG C 71 12.82 -14.11 1.09
CA ARG C 71 13.81 -14.39 0.05
C ARG C 71 13.47 -15.65 -0.73
N SER C 72 13.03 -16.72 -0.02
CA SER C 72 12.64 -18.00 -0.62
C SER C 72 11.40 -17.83 -1.53
N VAL C 73 10.36 -17.12 -1.04
CA VAL C 73 9.13 -16.83 -1.79
C VAL C 73 9.44 -15.94 -2.98
N GLY C 74 10.24 -14.91 -2.74
CA GLY C 74 10.68 -14.00 -3.79
C GLY C 74 11.46 -14.68 -4.88
N LYS C 75 12.43 -15.56 -4.51
CA LYS C 75 13.26 -16.34 -5.45
C LYS C 75 12.47 -17.38 -6.21
N ALA C 76 11.57 -18.11 -5.52
CA ALA C 76 10.75 -19.14 -6.22
C ALA C 76 9.84 -18.48 -7.27
N SER C 77 9.20 -17.34 -6.94
CA SER C 77 8.36 -16.60 -7.88
C SER C 77 9.18 -16.04 -9.03
N GLU C 78 10.36 -15.53 -8.72
CA GLU C 78 11.29 -14.98 -9.71
C GLU C 78 11.69 -16.04 -10.74
N GLN C 79 12.01 -17.26 -10.30
CA GLN C 79 12.39 -18.35 -11.18
C GLN C 79 11.17 -18.77 -12.03
N LEU C 80 10.00 -18.88 -11.40
CA LEU C 80 8.75 -19.24 -12.06
C LEU C 80 8.36 -18.21 -13.14
N ALA C 81 8.57 -16.93 -12.89
CA ALA C 81 8.30 -15.89 -13.88
C ALA C 81 9.13 -16.11 -15.15
N GLY C 82 10.40 -16.46 -14.97
CA GLY C 82 11.32 -16.76 -16.07
C GLY C 82 10.89 -17.96 -16.89
N LYS C 83 10.47 -18.98 -16.19
CA LYS C 83 10.03 -20.23 -16.79
C LYS C 83 8.65 -20.09 -17.52
N VAL C 84 7.69 -19.32 -16.94
CA VAL C 84 6.39 -19.03 -17.55
C VAL C 84 6.54 -18.20 -18.82
N ALA C 85 7.45 -17.18 -18.81
CA ALA C 85 7.74 -16.31 -19.94
C ALA C 85 8.30 -17.15 -21.12
N GLU C 86 9.14 -18.14 -20.80
CA GLU C 86 9.76 -19.05 -21.77
C GLU C 86 8.71 -19.92 -22.45
N VAL C 87 7.77 -20.48 -21.68
CA VAL C 87 6.64 -21.29 -22.17
C VAL C 87 5.73 -20.41 -23.04
N LYS C 88 5.44 -19.18 -22.58
CA LYS C 88 4.63 -18.23 -23.33
C LYS C 88 5.25 -17.82 -24.69
N LYS C 89 6.60 -17.72 -24.73
CA LYS C 89 7.35 -17.39 -25.94
C LYS C 89 7.33 -18.54 -26.92
N ASN C 90 7.22 -19.77 -26.40
CA ASN C 90 7.10 -21.00 -27.18
C ASN C 90 5.69 -21.27 -27.72
N GLY C 91 4.77 -20.30 -27.59
CA GLY C 91 3.40 -20.39 -28.10
C GLY C 91 2.54 -21.45 -27.41
N ARG C 92 2.77 -21.65 -26.10
CA ARG C 92 1.99 -22.61 -25.33
C ARG C 92 1.27 -21.91 -24.18
N ILE C 93 0.18 -22.51 -23.70
CA ILE C 93 -0.55 -22.07 -22.49
C ILE C 93 0.30 -22.59 -21.33
N SER C 94 0.72 -21.70 -20.42
CA SER C 94 1.49 -22.16 -19.26
C SER C 94 0.58 -22.78 -18.21
N LEU C 95 0.92 -24.00 -17.73
CA LEU C 95 0.17 -24.74 -16.74
C LEU C 95 1.08 -24.98 -15.55
N VAL C 96 0.82 -24.20 -14.50
CA VAL C 96 1.63 -24.21 -13.27
C VAL C 96 0.95 -25.12 -12.27
N LEU C 97 1.67 -26.17 -11.85
CA LEU C 97 1.18 -27.11 -10.84
C LEU C 97 1.86 -26.70 -9.53
N GLY C 98 1.07 -26.17 -8.61
CA GLY C 98 1.61 -25.77 -7.31
C GLY C 98 1.54 -26.86 -6.26
N GLY C 99 2.11 -26.63 -5.09
CA GLY C 99 2.71 -25.38 -4.65
C GLY C 99 1.66 -24.43 -4.09
N ASP C 100 2.09 -23.54 -3.16
CA ASP C 100 1.21 -22.56 -2.54
C ASP C 100 0.95 -21.40 -3.52
N HIS C 101 -0.06 -20.55 -3.23
CA HIS C 101 -0.49 -19.47 -4.10
C HIS C 101 0.45 -18.26 -4.14
N SER C 102 1.44 -18.14 -3.26
CA SER C 102 2.43 -17.05 -3.42
C SER C 102 3.10 -17.10 -4.81
N LEU C 103 3.18 -18.31 -5.41
CA LEU C 103 3.75 -18.58 -6.74
C LEU C 103 3.05 -17.86 -7.87
N ALA C 104 1.83 -17.35 -7.64
CA ALA C 104 1.07 -16.54 -8.61
C ALA C 104 1.80 -15.22 -8.90
N ILE C 105 2.61 -14.72 -7.96
CA ILE C 105 3.47 -13.56 -8.23
C ILE C 105 4.30 -13.85 -9.47
N GLY C 106 4.98 -15.00 -9.51
CA GLY C 106 5.83 -15.37 -10.63
C GLY C 106 5.07 -15.79 -11.89
N SER C 107 3.98 -16.49 -11.68
CA SER C 107 3.15 -16.98 -12.77
C SER C 107 2.55 -15.85 -13.63
N ILE C 108 1.86 -14.92 -12.98
CA ILE C 108 1.27 -13.75 -13.66
C ILE C 108 2.36 -12.76 -14.16
N SER C 109 3.39 -12.47 -13.32
CA SER C 109 4.47 -11.58 -13.77
C SER C 109 5.09 -12.12 -15.06
N GLY C 110 5.43 -13.40 -15.07
CA GLY C 110 6.01 -14.08 -16.23
C GLY C 110 5.10 -14.09 -17.44
N HIS C 111 3.81 -14.32 -17.25
CA HIS C 111 2.80 -14.31 -18.30
C HIS C 111 2.61 -12.90 -18.87
N ALA C 112 2.53 -11.90 -18.00
CA ALA C 112 2.41 -10.50 -18.40
C ALA C 112 3.60 -9.92 -19.21
N ARG C 113 4.79 -10.51 -19.11
CA ARG C 113 5.96 -10.10 -19.91
C ARG C 113 5.73 -10.38 -21.41
N VAL C 114 5.04 -11.48 -21.72
CA VAL C 114 4.72 -11.89 -23.08
C VAL C 114 3.36 -11.32 -23.49
N HIS C 115 2.36 -11.30 -22.57
CA HIS C 115 1.02 -10.76 -22.85
C HIS C 115 0.61 -9.71 -21.81
N PRO C 116 1.06 -8.46 -21.96
CA PRO C 116 0.74 -7.44 -20.94
C PRO C 116 -0.73 -7.04 -20.85
N ASP C 117 -1.55 -7.38 -21.87
CA ASP C 117 -2.97 -7.08 -21.97
C ASP C 117 -3.86 -8.16 -21.33
N LEU C 118 -3.26 -9.16 -20.63
CA LEU C 118 -3.99 -10.25 -19.98
C LEU C 118 -5.00 -9.78 -18.91
N GLY C 119 -6.07 -10.54 -18.76
CA GLY C 119 -7.11 -10.37 -17.73
C GLY C 119 -7.01 -11.61 -16.84
N VAL C 120 -7.10 -11.44 -15.49
CA VAL C 120 -6.95 -12.53 -14.50
C VAL C 120 -8.32 -12.93 -13.92
N ILE C 121 -8.63 -14.24 -13.92
CA ILE C 121 -9.77 -14.81 -13.21
C ILE C 121 -9.12 -15.51 -12.01
N TRP C 122 -9.50 -15.11 -10.78
CA TRP C 122 -8.93 -15.62 -9.54
C TRP C 122 -10.02 -16.43 -8.81
N VAL C 123 -9.92 -17.76 -8.87
CA VAL C 123 -10.86 -18.68 -8.22
C VAL C 123 -10.26 -19.13 -6.86
N ASP C 124 -10.90 -18.71 -5.79
CA ASP C 124 -10.38 -18.85 -4.44
C ASP C 124 -11.45 -18.48 -3.44
N ALA C 125 -11.27 -18.97 -2.19
CA ALA C 125 -12.12 -18.63 -1.06
C ALA C 125 -11.58 -17.32 -0.49
N HIS C 126 -10.37 -16.91 -0.88
CA HIS C 126 -9.64 -15.74 -0.38
C HIS C 126 -9.20 -14.79 -1.45
N THR C 127 -8.97 -13.51 -1.11
CA THR C 127 -8.52 -12.51 -2.08
C THR C 127 -7.03 -12.53 -2.32
N ASP C 128 -6.22 -13.04 -1.37
CA ASP C 128 -4.75 -13.10 -1.36
C ASP C 128 -4.17 -11.73 -1.77
N ILE C 129 -4.78 -10.63 -1.27
CA ILE C 129 -4.46 -9.23 -1.57
C ILE C 129 -3.93 -8.47 -0.35
N ASN C 130 -3.58 -9.17 0.74
CA ASN C 130 -2.96 -8.53 1.91
C ASN C 130 -1.61 -7.99 1.46
N THR C 131 -1.17 -6.86 2.02
CA THR C 131 0.14 -6.31 1.67
C THR C 131 1.08 -6.81 2.79
N PRO C 132 2.42 -6.69 2.67
CA PRO C 132 3.30 -7.05 3.79
C PRO C 132 3.02 -6.27 5.07
N LEU C 133 2.23 -5.19 5.00
CA LEU C 133 1.85 -4.35 6.14
C LEU C 133 0.43 -4.64 6.68
N THR C 134 -0.50 -5.16 5.86
CA THR C 134 -1.85 -5.50 6.36
C THR C 134 -1.91 -6.94 6.87
N THR C 135 -0.97 -7.82 6.43
CA THR C 135 -0.92 -9.22 6.87
C THR C 135 -0.80 -9.35 8.40
N THR C 136 -1.51 -10.33 8.99
CA THR C 136 -1.42 -10.59 10.43
C THR C 136 -0.79 -11.97 10.66
N SER C 137 -0.70 -12.77 9.59
CA SER C 137 -0.10 -14.08 9.66
C SER C 137 1.37 -14.07 9.15
N GLY C 138 1.71 -13.12 8.27
CA GLY C 138 3.00 -13.03 7.60
C GLY C 138 3.22 -14.07 6.52
N ASN C 139 2.18 -14.85 6.14
CA ASN C 139 2.22 -15.92 5.13
C ASN C 139 2.01 -15.32 3.75
N LEU C 140 3.02 -15.45 2.90
CA LEU C 140 3.01 -14.76 1.60
C LEU C 140 1.99 -15.30 0.60
N HIS C 141 1.40 -16.49 0.82
CA HIS C 141 0.37 -17.04 -0.08
C HIS C 141 -0.95 -16.24 0.00
N GLY C 142 -1.13 -15.44 1.05
CA GLY C 142 -2.27 -14.56 1.20
C GLY C 142 -2.00 -13.12 0.80
N GLN C 143 -0.86 -12.87 0.10
CA GLN C 143 -0.43 -11.55 -0.37
C GLN C 143 -0.11 -11.43 -1.88
N PRO C 144 -0.16 -12.49 -2.74
CA PRO C 144 0.36 -12.31 -4.10
C PRO C 144 -0.25 -11.19 -4.92
N VAL C 145 -1.56 -10.97 -4.81
CA VAL C 145 -2.22 -9.94 -5.62
C VAL C 145 -1.71 -8.50 -5.29
N SER C 146 -1.39 -8.23 -4.02
CA SER C 146 -0.88 -6.92 -3.61
C SER C 146 0.44 -6.55 -4.36
N PHE C 147 1.32 -7.54 -4.59
CA PHE C 147 2.57 -7.35 -5.30
C PHE C 147 2.34 -7.07 -6.79
N LEU C 148 1.26 -7.61 -7.35
CA LEU C 148 0.94 -7.52 -8.78
C LEU C 148 0.16 -6.28 -9.23
N LEU C 149 -0.57 -5.62 -8.31
CA LEU C 149 -1.44 -4.51 -8.63
C LEU C 149 -0.74 -3.18 -8.75
N LYS C 150 -0.90 -2.52 -9.90
CA LYS C 150 -0.30 -1.20 -10.18
C LYS C 150 -0.79 -0.14 -9.21
N GLU C 151 -2.07 -0.20 -8.81
CA GLU C 151 -2.69 0.74 -7.87
C GLU C 151 -2.12 0.64 -6.45
N LEU C 152 -1.42 -0.47 -6.12
CA LEU C 152 -0.83 -0.65 -4.79
C LEU C 152 0.68 -0.36 -4.75
N LYS C 153 1.24 0.14 -5.86
CA LYS C 153 2.64 0.57 -5.95
C LYS C 153 2.72 1.79 -5.03
N GLY C 154 3.61 1.75 -4.05
CA GLY C 154 3.69 2.80 -3.05
C GLY C 154 3.17 2.34 -1.70
N LYS C 155 2.41 1.23 -1.66
CA LYS C 155 1.82 0.63 -0.47
C LYS C 155 2.56 -0.67 -0.11
N ILE C 156 3.42 -1.13 -1.01
CA ILE C 156 4.22 -2.34 -0.81
C ILE C 156 5.62 -1.90 -0.39
N PRO C 157 6.09 -2.28 0.81
CA PRO C 157 7.46 -1.90 1.19
C PRO C 157 8.49 -2.76 0.45
N ASP C 158 9.76 -2.36 0.48
CA ASP C 158 10.86 -3.12 -0.15
C ASP C 158 11.14 -4.38 0.67
N VAL C 159 10.53 -5.49 0.24
CA VAL C 159 10.63 -6.79 0.88
C VAL C 159 11.81 -7.55 0.27
N PRO C 160 12.76 -8.08 1.08
CA PRO C 160 13.88 -8.83 0.48
C PRO C 160 13.40 -10.02 -0.33
N GLY C 161 13.88 -10.10 -1.56
CA GLY C 161 13.55 -11.13 -2.52
C GLY C 161 12.59 -10.67 -3.61
N PHE C 162 12.06 -9.47 -3.47
CA PHE C 162 11.02 -8.96 -4.38
C PHE C 162 11.40 -7.73 -5.21
N SER C 163 12.67 -7.33 -5.25
CA SER C 163 13.13 -6.16 -6.04
C SER C 163 12.92 -6.32 -7.56
N TRP C 164 12.86 -7.57 -8.05
CA TRP C 164 12.63 -7.91 -9.45
C TRP C 164 11.17 -7.60 -9.88
N VAL C 165 10.22 -7.57 -8.94
CA VAL C 165 8.77 -7.38 -9.17
C VAL C 165 8.42 -5.98 -9.65
N THR C 166 7.68 -5.94 -10.74
CA THR C 166 7.08 -4.73 -11.30
C THR C 166 5.57 -5.04 -11.35
N PRO C 167 4.69 -4.28 -10.67
CA PRO C 167 3.24 -4.51 -10.83
C PRO C 167 2.83 -4.48 -12.30
N CYS C 168 2.16 -5.54 -12.74
CA CYS C 168 1.81 -5.75 -14.13
C CYS C 168 0.31 -5.72 -14.41
N ILE C 169 -0.53 -5.68 -13.37
CA ILE C 169 -1.98 -5.68 -13.59
C ILE C 169 -2.66 -4.54 -12.88
N SER C 170 -3.66 -3.93 -13.54
CA SER C 170 -4.50 -2.90 -12.93
C SER C 170 -5.68 -3.59 -12.21
N ALA C 171 -6.21 -2.92 -11.18
CA ALA C 171 -7.36 -3.39 -10.41
C ALA C 171 -8.55 -3.82 -11.28
N LYS C 172 -8.68 -3.23 -12.48
CA LYS C 172 -9.77 -3.51 -13.40
C LYS C 172 -9.53 -4.74 -14.27
N ASP C 173 -8.35 -5.35 -14.17
CA ASP C 173 -7.99 -6.52 -14.98
C ASP C 173 -8.10 -7.84 -14.25
N ILE C 174 -8.75 -7.84 -13.09
CA ILE C 174 -8.91 -9.03 -12.24
C ILE C 174 -10.34 -9.21 -11.79
N VAL C 175 -10.83 -10.46 -11.86
CA VAL C 175 -12.15 -10.83 -11.37
C VAL C 175 -11.96 -12.00 -10.39
N TYR C 176 -12.47 -11.83 -9.15
CA TYR C 176 -12.50 -12.86 -8.12
C TYR C 176 -13.81 -13.63 -8.20
N ILE C 177 -13.73 -14.96 -7.99
CA ILE C 177 -14.87 -15.86 -7.97
C ILE C 177 -14.73 -16.82 -6.79
N GLY C 178 -15.70 -16.73 -5.88
CA GLY C 178 -15.82 -17.67 -4.76
C GLY C 178 -15.43 -17.21 -3.39
N LEU C 179 -15.20 -15.91 -3.18
CA LEU C 179 -14.74 -15.41 -1.89
C LEU C 179 -15.68 -15.72 -0.73
N ARG C 180 -15.09 -16.06 0.41
CA ARG C 180 -15.88 -16.32 1.61
C ARG C 180 -15.11 -16.11 2.92
N ASP C 181 -13.81 -15.79 2.83
CA ASP C 181 -12.96 -15.49 3.99
C ASP C 181 -11.95 -14.39 3.63
N VAL C 182 -12.42 -13.15 3.70
CA VAL C 182 -11.67 -11.92 3.34
C VAL C 182 -11.34 -11.14 4.62
N ASP C 183 -10.06 -10.82 4.82
CA ASP C 183 -9.57 -10.04 5.98
C ASP C 183 -10.03 -8.58 5.89
N PRO C 184 -10.19 -7.85 7.04
CA PRO C 184 -10.61 -6.44 6.96
C PRO C 184 -9.77 -5.52 6.04
N GLY C 185 -8.45 -5.64 6.09
CA GLY C 185 -7.51 -4.90 5.23
C GLY C 185 -7.73 -5.20 3.77
N GLU C 186 -7.99 -6.48 3.46
CA GLU C 186 -8.30 -6.96 2.12
C GLU C 186 -9.64 -6.44 1.65
N HIS C 187 -10.66 -6.42 2.53
CA HIS C 187 -11.98 -5.91 2.14
C HIS C 187 -11.90 -4.42 1.86
N TYR C 188 -11.11 -3.67 2.68
CA TYR C 188 -10.85 -2.25 2.49
C TYR C 188 -10.23 -2.04 1.09
N ILE C 189 -9.18 -2.81 0.73
CA ILE C 189 -8.46 -2.74 -0.55
C ILE C 189 -9.43 -2.98 -1.71
N LEU C 190 -10.16 -4.10 -1.60
CA LEU C 190 -11.15 -4.56 -2.56
C LEU C 190 -12.18 -3.45 -2.85
N LYS C 191 -12.66 -2.76 -1.82
CA LYS C 191 -13.66 -1.70 -2.00
C LYS C 191 -13.10 -0.37 -2.50
N THR C 192 -11.98 0.12 -1.93
CA THR C 192 -11.38 1.39 -2.36
C THR C 192 -10.74 1.37 -3.75
N LEU C 193 -10.32 0.18 -4.24
CA LEU C 193 -9.74 0.03 -5.58
C LEU C 193 -10.83 -0.30 -6.60
N GLY C 194 -12.03 -0.61 -6.16
CA GLY C 194 -13.14 -0.94 -7.05
C GLY C 194 -12.93 -2.20 -7.88
N ILE C 195 -12.33 -3.23 -7.27
CA ILE C 195 -12.10 -4.53 -7.93
C ILE C 195 -13.42 -5.29 -8.14
N LYS C 196 -13.58 -5.94 -9.31
CA LYS C 196 -14.73 -6.76 -9.64
C LYS C 196 -14.59 -8.08 -8.89
N TYR C 197 -15.65 -8.48 -8.18
CA TYR C 197 -15.66 -9.76 -7.48
C TYR C 197 -17.07 -10.37 -7.39
N PHE C 198 -17.11 -11.70 -7.32
CA PHE C 198 -18.31 -12.48 -7.10
C PHE C 198 -17.96 -13.31 -5.84
N SER C 199 -18.40 -12.81 -4.64
CA SER C 199 -18.18 -13.58 -3.39
C SER C 199 -19.16 -14.72 -3.44
N MET C 200 -19.14 -15.64 -2.48
CA MET C 200 -20.16 -16.70 -2.55
C MET C 200 -21.56 -16.10 -2.56
N THR C 201 -21.71 -14.92 -1.96
CA THR C 201 -22.97 -14.15 -1.88
C THR C 201 -23.52 -13.83 -3.27
N GLU C 202 -22.66 -13.36 -4.18
CA GLU C 202 -23.04 -13.08 -5.57
C GLU C 202 -23.34 -14.40 -6.34
N VAL C 203 -22.55 -15.45 -6.12
CA VAL C 203 -22.78 -16.74 -6.74
C VAL C 203 -24.17 -17.26 -6.33
N ASP C 204 -24.52 -17.17 -5.03
CA ASP C 204 -25.82 -17.55 -4.47
C ASP C 204 -26.96 -16.74 -5.09
N ARG C 205 -26.79 -15.40 -5.19
CA ARG C 205 -27.70 -14.44 -5.79
C ARG C 205 -27.96 -14.70 -7.25
N LEU C 206 -26.89 -14.78 -8.06
CA LEU C 206 -26.97 -14.82 -9.52
C LEU C 206 -27.00 -16.18 -10.17
N GLY C 207 -26.35 -17.16 -9.55
CA GLY C 207 -26.12 -18.48 -10.14
C GLY C 207 -24.81 -18.40 -10.90
N ILE C 208 -24.08 -19.51 -11.04
CA ILE C 208 -22.80 -19.55 -11.74
C ILE C 208 -22.88 -19.17 -13.26
N GLY C 209 -24.02 -19.38 -13.91
CA GLY C 209 -24.21 -19.01 -15.31
C GLY C 209 -24.05 -17.51 -15.53
N LYS C 210 -24.80 -16.70 -14.77
CA LYS C 210 -24.73 -15.24 -14.84
C LYS C 210 -23.37 -14.73 -14.35
N VAL C 211 -22.77 -15.39 -13.34
CA VAL C 211 -21.43 -15.08 -12.82
C VAL C 211 -20.42 -15.14 -13.95
N MET C 212 -20.45 -16.21 -14.74
CA MET C 212 -19.54 -16.42 -15.86
C MET C 212 -19.79 -15.46 -17.00
N GLU C 213 -21.06 -15.18 -17.28
CA GLU C 213 -21.48 -14.27 -18.35
C GLU C 213 -20.92 -12.89 -18.09
N GLU C 214 -21.07 -12.42 -16.85
CA GLU C 214 -20.57 -11.13 -16.34
C GLU C 214 -19.03 -11.08 -16.29
N THR C 215 -18.41 -12.14 -15.79
CA THR C 215 -16.93 -12.22 -15.74
C THR C 215 -16.32 -12.10 -17.13
N LEU C 216 -16.79 -12.90 -18.09
CA LEU C 216 -16.21 -12.87 -19.44
C LEU C 216 -16.54 -11.56 -20.19
N SER C 217 -17.74 -11.01 -19.98
CA SER C 217 -18.16 -9.74 -20.59
C SER C 217 -17.34 -8.55 -20.03
N TYR C 218 -17.09 -8.57 -18.71
CA TYR C 218 -16.28 -7.56 -18.03
C TYR C 218 -14.83 -7.60 -18.50
N LEU C 219 -14.27 -8.79 -18.74
CA LEU C 219 -12.89 -8.84 -19.15
C LEU C 219 -12.68 -8.73 -20.65
N LEU C 220 -13.59 -9.27 -21.45
CA LEU C 220 -13.44 -9.35 -22.89
C LEU C 220 -14.31 -8.44 -23.75
N GLY C 221 -15.28 -7.74 -23.13
CA GLY C 221 -16.27 -6.89 -23.80
C GLY C 221 -15.76 -6.01 -24.93
N ARG C 222 -14.79 -5.14 -24.61
CA ARG C 222 -14.12 -4.21 -25.53
C ARG C 222 -13.43 -4.90 -26.73
N LYS C 223 -12.65 -5.96 -26.46
CA LYS C 223 -11.90 -6.76 -27.42
C LYS C 223 -11.36 -8.01 -26.69
N LYS C 224 -11.17 -9.09 -27.47
CA LYS C 224 -10.57 -10.35 -27.04
C LYS C 224 -9.17 -10.06 -26.52
N ARG C 225 -8.79 -10.68 -25.39
CA ARG C 225 -7.47 -10.51 -24.76
C ARG C 225 -7.17 -11.83 -24.05
N PRO C 226 -5.87 -12.13 -23.77
CA PRO C 226 -5.54 -13.41 -23.13
C PRO C 226 -6.09 -13.53 -21.71
N ILE C 227 -6.50 -14.74 -21.32
CA ILE C 227 -7.02 -14.99 -19.97
C ILE C 227 -6.04 -15.82 -19.11
N HIS C 228 -5.77 -15.36 -17.88
CA HIS C 228 -4.98 -16.05 -16.88
C HIS C 228 -5.96 -16.48 -15.82
N LEU C 229 -6.10 -17.80 -15.63
CA LEU C 229 -6.94 -18.33 -14.59
C LEU C 229 -6.03 -18.79 -13.46
N SER C 230 -6.15 -18.18 -12.27
CA SER C 230 -5.38 -18.62 -11.13
C SER C 230 -6.32 -19.35 -10.19
N PHE C 231 -6.30 -20.67 -10.29
CA PHE C 231 -7.22 -21.52 -9.52
C PHE C 231 -6.64 -22.03 -8.17
N ASP C 232 -7.24 -21.61 -7.07
CA ASP C 232 -6.86 -22.13 -5.75
C ASP C 232 -7.88 -23.20 -5.43
N VAL C 233 -7.46 -24.47 -5.22
CA VAL C 233 -8.42 -25.57 -4.96
C VAL C 233 -9.35 -25.32 -3.74
N ASP C 234 -9.02 -24.37 -2.84
CA ASP C 234 -9.84 -24.03 -1.70
C ASP C 234 -10.97 -23.08 -2.08
N GLY C 235 -11.04 -22.67 -3.36
CA GLY C 235 -12.21 -21.98 -3.91
C GLY C 235 -13.37 -22.97 -3.87
N LEU C 236 -13.05 -24.26 -4.10
CA LEU C 236 -14.05 -25.33 -4.07
C LEU C 236 -14.36 -25.70 -2.62
N ASP C 237 -15.59 -26.15 -2.37
CA ASP C 237 -16.02 -26.58 -1.03
C ASP C 237 -15.14 -27.72 -0.51
N PRO C 238 -14.79 -27.72 0.80
CA PRO C 238 -13.97 -28.82 1.36
C PRO C 238 -14.58 -30.24 1.23
N SER C 239 -15.88 -30.38 0.89
CA SER C 239 -16.45 -31.70 0.59
C SER C 239 -15.89 -32.26 -0.76
N PHE C 240 -15.27 -31.39 -1.59
CA PHE C 240 -14.65 -31.76 -2.87
C PHE C 240 -13.12 -31.71 -2.84
N THR C 241 -12.55 -30.66 -2.22
CA THR C 241 -11.10 -30.50 -2.11
C THR C 241 -10.64 -30.37 -0.64
N PRO C 242 -10.80 -31.43 0.20
CA PRO C 242 -10.42 -31.31 1.61
C PRO C 242 -8.90 -31.24 1.92
N ALA C 243 -8.05 -31.83 1.07
CA ALA C 243 -6.62 -31.80 1.28
C ALA C 243 -6.01 -30.47 0.77
N THR C 244 -6.19 -29.39 1.58
CA THR C 244 -5.76 -28.01 1.30
C THR C 244 -5.59 -27.32 2.66
N GLY C 245 -4.71 -26.31 2.70
CA GLY C 245 -4.28 -25.63 3.91
C GLY C 245 -5.28 -24.78 4.65
N THR C 246 -6.07 -23.99 3.91
CA THR C 246 -7.08 -23.09 4.44
C THR C 246 -8.49 -23.42 3.91
N PRO C 247 -9.08 -24.59 4.25
CA PRO C 247 -10.45 -24.90 3.78
C PRO C 247 -11.52 -24.07 4.48
N VAL C 248 -12.59 -23.74 3.74
CA VAL C 248 -13.67 -22.90 4.26
C VAL C 248 -14.95 -23.50 3.75
N VAL C 249 -15.89 -23.76 4.66
CA VAL C 249 -17.24 -24.24 4.34
C VAL C 249 -17.97 -23.27 3.41
N GLY C 250 -18.98 -23.76 2.70
CA GLY C 250 -19.80 -22.93 1.82
C GLY C 250 -19.15 -22.50 0.51
N GLY C 251 -18.31 -23.35 -0.08
CA GLY C 251 -17.70 -22.95 -1.35
C GLY C 251 -18.32 -23.47 -2.60
N LEU C 252 -17.67 -23.14 -3.71
CA LEU C 252 -18.09 -23.57 -5.02
C LEU C 252 -18.25 -25.09 -5.06
N THR C 253 -19.31 -25.54 -5.75
CA THR C 253 -19.58 -26.98 -5.90
C THR C 253 -18.67 -27.55 -7.00
N TYR C 254 -18.59 -28.87 -7.10
CA TYR C 254 -17.79 -29.57 -8.11
C TYR C 254 -18.29 -29.15 -9.50
N ARG C 255 -19.64 -29.10 -9.68
CA ARG C 255 -20.34 -28.64 -10.87
C ARG C 255 -20.01 -27.18 -11.18
N GLU C 256 -20.08 -26.26 -10.19
CA GLU C 256 -19.69 -24.86 -10.42
C GLU C 256 -18.27 -24.70 -10.87
N GLY C 257 -17.31 -25.42 -10.28
CA GLY C 257 -15.91 -25.41 -10.69
C GLY C 257 -15.71 -25.81 -12.14
N LEU C 258 -16.39 -26.91 -12.55
CA LEU C 258 -16.35 -27.41 -13.91
C LEU C 258 -17.02 -26.47 -14.87
N TYR C 259 -18.10 -25.79 -14.42
CA TYR C 259 -18.78 -24.79 -15.24
C TYR C 259 -17.88 -23.58 -15.56
N ILE C 260 -17.20 -23.03 -14.52
CA ILE C 260 -16.28 -21.91 -14.71
C ILE C 260 -15.23 -22.26 -15.80
N THR C 261 -14.58 -23.43 -15.66
CA THR C 261 -13.45 -23.85 -16.50
C THR C 261 -13.91 -24.22 -17.92
N GLU C 262 -15.07 -24.91 -18.07
CA GLU C 262 -15.72 -25.18 -19.35
C GLU C 262 -16.05 -23.86 -20.11
N GLU C 263 -16.53 -22.84 -19.41
CA GLU C 263 -16.84 -21.53 -20.01
C GLU C 263 -15.58 -20.79 -20.47
N ILE C 264 -14.52 -20.85 -19.67
CA ILE C 264 -13.24 -20.24 -20.01
C ILE C 264 -12.68 -20.98 -21.25
N TYR C 265 -12.72 -22.33 -21.27
CA TYR C 265 -12.23 -23.11 -22.42
C TYR C 265 -12.84 -22.58 -23.70
N LYS C 266 -14.18 -22.53 -23.75
CA LYS C 266 -15.01 -22.11 -24.88
C LYS C 266 -14.66 -20.71 -25.44
N THR C 267 -14.02 -19.82 -24.65
CA THR C 267 -13.63 -18.50 -25.20
C THR C 267 -12.49 -18.66 -26.22
N GLY C 268 -11.64 -19.68 -26.00
CA GLY C 268 -10.48 -19.96 -26.83
C GLY C 268 -9.34 -19.09 -26.38
N LEU C 269 -9.54 -18.33 -25.29
CA LEU C 269 -8.60 -17.32 -24.83
C LEU C 269 -7.77 -17.67 -23.58
N LEU C 270 -7.87 -18.90 -23.04
CA LEU C 270 -7.03 -19.25 -21.90
C LEU C 270 -5.57 -19.27 -22.35
N SER C 271 -4.71 -18.60 -21.60
CA SER C 271 -3.32 -18.36 -21.96
C SER C 271 -2.40 -18.76 -20.83
N GLY C 272 -2.93 -18.77 -19.62
CA GLY C 272 -2.23 -19.06 -18.39
C GLY C 272 -3.15 -19.73 -17.42
N LEU C 273 -2.64 -20.81 -16.76
CA LEU C 273 -3.39 -21.53 -15.74
C LEU C 273 -2.50 -21.88 -14.55
N ASP C 274 -3.04 -21.68 -13.33
CA ASP C 274 -2.39 -22.10 -12.07
C ASP C 274 -3.32 -23.05 -11.33
N ILE C 275 -2.81 -24.20 -10.88
CA ILE C 275 -3.58 -25.15 -10.06
C ILE C 275 -2.88 -25.21 -8.70
N MET C 276 -3.40 -24.42 -7.74
CA MET C 276 -2.70 -24.21 -6.47
C MET C 276 -3.36 -24.76 -5.20
N GLU C 277 -2.53 -24.92 -4.13
CA GLU C 277 -2.87 -25.27 -2.76
C GLU C 277 -3.32 -26.73 -2.56
N VAL C 278 -2.97 -27.62 -3.50
CA VAL C 278 -3.27 -29.05 -3.26
C VAL C 278 -2.21 -29.53 -2.22
N ASN C 279 -2.67 -29.99 -1.06
CA ASN C 279 -1.74 -30.47 -0.03
C ASN C 279 -2.06 -31.93 0.33
N PRO C 280 -1.34 -32.88 -0.28
CA PRO C 280 -1.64 -34.31 -0.05
C PRO C 280 -1.35 -34.83 1.37
N SER C 281 -0.69 -34.02 2.24
CA SER C 281 -0.50 -34.47 3.61
C SER C 281 -1.58 -33.91 4.55
N LEU C 282 -2.61 -33.23 3.99
CA LEU C 282 -3.69 -32.65 4.79
C LEU C 282 -5.04 -33.39 4.64
N GLY C 283 -5.04 -34.57 4.08
CA GLY C 283 -6.27 -35.36 4.08
C GLY C 283 -6.43 -36.09 5.41
N LYS C 284 -7.70 -36.27 5.88
CA LYS C 284 -7.99 -37.02 7.10
C LYS C 284 -7.90 -38.52 6.83
N THR C 285 -8.16 -38.93 5.59
CA THR C 285 -8.07 -40.31 5.10
C THR C 285 -7.33 -40.28 3.76
N PRO C 286 -6.76 -41.41 3.26
CA PRO C 286 -6.18 -41.38 1.90
C PRO C 286 -7.23 -41.04 0.82
N GLU C 287 -8.52 -41.36 1.03
CA GLU C 287 -9.60 -41.04 0.09
C GLU C 287 -9.82 -39.52 -0.06
N GLU C 288 -9.63 -38.74 1.02
CA GLU C 288 -9.73 -37.29 1.01
C GLU C 288 -8.67 -36.67 0.09
N VAL C 289 -7.47 -37.25 0.07
CA VAL C 289 -6.36 -36.87 -0.80
C VAL C 289 -6.74 -37.18 -2.25
N THR C 290 -7.16 -38.44 -2.58
CA THR C 290 -7.52 -38.81 -3.96
C THR C 290 -8.72 -38.03 -4.46
N ARG C 291 -9.69 -37.70 -3.60
CA ARG C 291 -10.84 -36.87 -3.95
C ARG C 291 -10.37 -35.47 -4.39
N THR C 292 -9.44 -34.86 -3.63
CA THR C 292 -8.92 -33.53 -3.92
C THR C 292 -8.16 -33.51 -5.25
N VAL C 293 -7.27 -34.50 -5.44
CA VAL C 293 -6.42 -34.66 -6.61
C VAL C 293 -7.26 -34.90 -7.84
N ASN C 294 -8.29 -35.74 -7.71
CA ASN C 294 -9.20 -36.04 -8.82
C ASN C 294 -10.02 -34.83 -9.20
N THR C 295 -10.44 -34.01 -8.22
CA THR C 295 -11.19 -32.76 -8.47
C THR C 295 -10.28 -31.80 -9.19
N ALA C 296 -9.05 -31.66 -8.71
CA ALA C 296 -8.05 -30.78 -9.34
C ALA C 296 -7.74 -31.19 -10.80
N VAL C 297 -7.68 -32.50 -11.07
CA VAL C 297 -7.43 -33.06 -12.40
C VAL C 297 -8.60 -32.75 -13.33
N ALA C 298 -9.82 -32.97 -12.86
CA ALA C 298 -11.06 -32.70 -13.57
C ALA C 298 -11.13 -31.22 -13.94
N ILE C 299 -10.87 -30.31 -12.98
CA ILE C 299 -10.81 -28.86 -13.22
C ILE C 299 -9.79 -28.56 -14.35
N THR C 300 -8.56 -29.18 -14.25
CA THR C 300 -7.48 -28.99 -15.22
C THR C 300 -7.93 -29.47 -16.61
N LEU C 301 -8.63 -30.62 -16.70
CA LEU C 301 -9.03 -31.12 -18.02
C LEU C 301 -10.08 -30.29 -18.72
N ALA C 302 -11.05 -29.71 -17.95
CA ALA C 302 -12.10 -28.82 -18.47
C ALA C 302 -11.51 -27.53 -19.00
N CYS C 303 -10.34 -27.15 -18.48
CA CYS C 303 -9.65 -25.96 -18.98
C CYS C 303 -9.16 -26.12 -20.36
N PHE C 304 -8.96 -27.38 -20.79
CA PHE C 304 -8.41 -27.79 -22.09
C PHE C 304 -9.37 -28.60 -22.94
N GLY C 305 -10.68 -28.38 -22.75
CA GLY C 305 -11.70 -28.90 -23.63
C GLY C 305 -12.61 -30.04 -23.25
N LEU C 306 -12.30 -30.77 -22.18
CA LEU C 306 -13.12 -31.88 -21.71
C LEU C 306 -14.50 -31.32 -21.30
N ALA C 307 -15.56 -31.71 -22.02
CA ALA C 307 -16.89 -31.18 -21.79
C ALA C 307 -17.83 -32.19 -21.21
N ARG C 308 -18.68 -31.77 -20.25
CA ARG C 308 -19.62 -32.73 -19.68
C ARG C 308 -20.68 -33.27 -20.68
N GLU C 309 -21.02 -32.50 -21.73
CA GLU C 309 -21.98 -32.94 -22.77
C GLU C 309 -21.37 -34.02 -23.65
N GLY C 310 -20.04 -34.17 -23.60
CA GLY C 310 -19.23 -35.11 -24.34
C GLY C 310 -18.34 -34.40 -25.33
N ASN C 311 -17.42 -35.18 -25.94
CA ASN C 311 -16.44 -34.74 -26.92
C ASN C 311 -16.37 -35.80 -28.00
N HIS C 312 -15.98 -35.41 -29.22
CA HIS C 312 -15.70 -36.34 -30.33
C HIS C 312 -14.65 -35.72 -31.27
N LYS C 313 -13.92 -36.58 -32.00
CA LYS C 313 -12.90 -36.18 -32.99
C LYS C 313 -13.61 -35.79 -34.29
N PRO C 314 -13.04 -34.92 -35.15
CA PRO C 314 -13.75 -34.58 -36.41
C PRO C 314 -13.71 -35.68 -37.48
N ILE C 315 -14.39 -36.81 -37.19
CA ILE C 315 -14.57 -38.01 -38.01
C ILE C 315 -16.03 -38.48 -37.95
N ASP C 316 -16.45 -39.29 -38.91
CA ASP C 316 -17.80 -39.85 -38.98
C ASP C 316 -17.83 -41.14 -38.16
N TYR C 317 -18.41 -41.10 -36.96
CA TYR C 317 -18.50 -42.27 -36.08
C TYR C 317 -19.54 -43.29 -36.55
N LEU C 318 -20.49 -42.86 -37.40
CA LEU C 318 -21.53 -43.74 -37.94
C LEU C 318 -21.09 -44.46 -39.25
N ASN C 319 -19.77 -44.41 -39.57
CA ASN C 319 -19.13 -45.05 -40.72
C ASN C 319 -17.93 -45.85 -40.21
N ALA D 3 -24.81 0.38 16.82
CA ALA D 3 -25.75 0.42 15.67
C ALA D 3 -26.98 -0.45 15.98
N LYS D 4 -28.18 -0.01 15.53
CA LYS D 4 -29.44 -0.73 15.82
C LYS D 4 -29.38 -2.19 15.40
N SER D 5 -28.89 -2.44 14.15
CA SER D 5 -28.81 -3.76 13.54
C SER D 5 -27.76 -4.68 14.22
N ARG D 6 -26.92 -4.11 15.11
CA ARG D 6 -25.91 -4.87 15.86
C ARG D 6 -26.01 -4.70 17.37
N THR D 7 -27.18 -4.28 17.90
CA THR D 7 -27.44 -4.15 19.35
C THR D 7 -28.38 -5.28 19.74
N ILE D 8 -27.89 -6.21 20.58
CA ILE D 8 -28.56 -7.48 20.89
C ILE D 8 -28.78 -7.75 22.38
N GLY D 9 -29.89 -8.41 22.67
CA GLY D 9 -30.31 -8.89 23.97
C GLY D 9 -30.52 -10.38 23.86
N ILE D 10 -29.63 -11.17 24.50
CA ILE D 10 -29.66 -12.63 24.44
C ILE D 10 -30.61 -13.17 25.48
N ILE D 11 -31.52 -14.04 25.06
CA ILE D 11 -32.44 -14.72 25.97
C ILE D 11 -32.28 -16.21 25.76
N GLY D 12 -31.85 -16.92 26.79
CA GLY D 12 -31.79 -18.38 26.77
C GLY D 12 -33.15 -18.92 27.15
N ALA D 13 -33.70 -19.84 26.34
CA ALA D 13 -35.01 -20.43 26.60
C ALA D 13 -34.84 -21.96 26.69
N PRO D 14 -34.22 -22.49 27.79
CA PRO D 14 -33.97 -23.94 27.86
C PRO D 14 -35.21 -24.78 28.09
N PHE D 15 -36.01 -24.94 27.02
CA PHE D 15 -37.32 -25.59 27.13
C PHE D 15 -37.50 -26.65 26.07
N SER D 16 -37.99 -27.83 26.47
CA SER D 16 -38.10 -28.97 25.57
C SER D 16 -39.45 -29.63 25.51
N LYS D 17 -40.38 -29.26 26.41
CA LYS D 17 -41.71 -29.89 26.51
C LYS D 17 -42.70 -29.55 25.35
N GLY D 18 -42.25 -28.83 24.32
CA GLY D 18 -43.08 -28.63 23.13
C GLY D 18 -42.98 -29.80 22.15
N GLN D 19 -42.09 -30.76 22.44
CA GLN D 19 -41.81 -31.97 21.66
C GLN D 19 -41.37 -33.12 22.59
N PRO D 20 -41.30 -34.39 22.11
CA PRO D 20 -40.99 -35.48 23.05
C PRO D 20 -39.51 -35.86 23.22
N ARG D 21 -38.58 -35.32 22.43
CA ARG D 21 -37.17 -35.73 22.50
C ARG D 21 -36.34 -34.89 23.49
N GLY D 22 -35.77 -35.55 24.52
CA GLY D 22 -34.94 -34.87 25.51
C GLY D 22 -33.71 -34.27 24.86
N GLY D 23 -33.25 -33.14 25.37
CA GLY D 23 -32.00 -32.52 24.91
C GLY D 23 -32.06 -31.12 24.32
N VAL D 24 -33.20 -30.76 23.66
CA VAL D 24 -33.31 -29.47 23.01
C VAL D 24 -33.16 -28.35 24.04
N GLU D 25 -33.44 -28.60 25.34
CA GLU D 25 -33.28 -27.64 26.44
C GLU D 25 -31.81 -27.24 26.66
N GLU D 26 -30.87 -28.05 26.13
CA GLU D 26 -29.42 -27.80 26.21
C GLU D 26 -28.90 -26.92 25.09
N GLY D 27 -29.77 -26.52 24.17
CA GLY D 27 -29.46 -25.65 23.04
C GLY D 27 -28.85 -24.32 23.47
N PRO D 28 -29.41 -23.57 24.44
CA PRO D 28 -28.75 -22.32 24.85
C PRO D 28 -27.31 -22.52 25.39
N THR D 29 -27.09 -23.58 26.21
CA THR D 29 -25.81 -23.95 26.79
C THR D 29 -24.76 -24.21 25.71
N VAL D 30 -25.07 -25.07 24.74
CA VAL D 30 -24.10 -25.46 23.72
C VAL D 30 -23.81 -24.29 22.77
N LEU D 31 -24.80 -23.44 22.41
CA LEU D 31 -24.57 -22.27 21.58
C LEU D 31 -23.67 -21.24 22.31
N ARG D 32 -23.84 -21.08 23.64
CA ARG D 32 -23.00 -20.22 24.46
C ARG D 32 -21.58 -20.79 24.57
N LYS D 33 -21.43 -22.13 24.81
CA LYS D 33 -20.12 -22.80 24.94
C LYS D 33 -19.29 -22.65 23.67
N ALA D 34 -19.97 -22.62 22.48
CA ALA D 34 -19.32 -22.41 21.19
C ALA D 34 -18.75 -20.98 21.01
N GLY D 35 -19.06 -20.07 21.93
CA GLY D 35 -18.51 -18.71 21.89
C GLY D 35 -19.32 -17.71 21.10
N LEU D 36 -20.65 -17.95 21.00
CA LEU D 36 -21.56 -17.05 20.28
C LEU D 36 -21.45 -15.61 20.75
N LEU D 37 -21.51 -15.36 22.06
CA LEU D 37 -21.44 -14.00 22.61
C LEU D 37 -20.14 -13.28 22.22
N GLU D 38 -18.99 -13.96 22.43
CA GLU D 38 -17.65 -13.47 22.11
C GLU D 38 -17.52 -13.18 20.62
N LYS D 39 -17.95 -14.13 19.77
CA LYS D 39 -17.96 -14.00 18.30
C LYS D 39 -18.76 -12.78 17.83
N LEU D 40 -19.93 -12.53 18.45
CA LEU D 40 -20.78 -11.39 18.12
C LEU D 40 -20.08 -10.08 18.53
N LYS D 41 -19.43 -10.06 19.69
CA LYS D 41 -18.67 -8.88 20.17
C LYS D 41 -17.49 -8.56 19.26
N GLU D 42 -16.87 -9.58 18.65
CA GLU D 42 -15.75 -9.43 17.70
C GLU D 42 -16.18 -8.86 16.34
N GLN D 43 -17.48 -8.77 16.12
CA GLN D 43 -18.17 -8.34 14.92
C GLN D 43 -18.84 -6.97 15.14
N GLU D 44 -18.36 -6.20 16.14
CA GLU D 44 -18.83 -4.85 16.50
C GLU D 44 -20.27 -4.81 17.06
N CYS D 45 -20.72 -5.93 17.66
CA CYS D 45 -22.04 -6.02 18.28
C CYS D 45 -22.00 -5.56 19.75
N ASP D 46 -23.10 -4.95 20.20
CA ASP D 46 -23.30 -4.55 21.58
C ASP D 46 -24.24 -5.63 22.10
N VAL D 47 -23.68 -6.60 22.82
CA VAL D 47 -24.37 -7.77 23.33
C VAL D 47 -24.60 -7.65 24.83
N LYS D 48 -25.85 -7.85 25.26
CA LYS D 48 -26.26 -7.91 26.65
C LYS D 48 -26.92 -9.28 26.80
N ASP D 49 -26.47 -10.06 27.78
CA ASP D 49 -26.98 -11.38 28.06
C ASP D 49 -27.99 -11.36 29.22
N TYR D 50 -29.29 -11.63 28.92
CA TYR D 50 -30.39 -11.63 29.90
C TYR D 50 -30.50 -12.94 30.66
N GLY D 51 -29.51 -13.82 30.51
CA GLY D 51 -29.41 -15.14 31.13
C GLY D 51 -30.36 -16.17 30.55
N ASP D 52 -30.52 -17.29 31.27
CA ASP D 52 -31.46 -18.35 30.88
C ASP D 52 -32.74 -18.28 31.70
N LEU D 53 -33.90 -18.27 31.05
CA LEU D 53 -35.15 -18.26 31.79
C LEU D 53 -35.30 -19.52 32.66
N PRO D 54 -35.71 -19.33 33.93
CA PRO D 54 -36.01 -20.50 34.75
C PRO D 54 -37.42 -20.94 34.37
N PHE D 55 -37.59 -22.18 34.01
CA PHE D 55 -38.95 -22.63 33.66
C PHE D 55 -39.28 -23.64 34.74
N ALA D 56 -39.90 -23.13 35.83
CA ALA D 56 -40.30 -23.94 36.98
C ALA D 56 -41.23 -25.04 36.53
N ASP D 57 -40.96 -26.22 37.10
CA ASP D 57 -41.68 -27.44 36.79
C ASP D 57 -43.17 -27.32 37.04
N ILE D 58 -43.99 -27.76 36.08
CA ILE D 58 -45.45 -27.83 36.26
C ILE D 58 -45.77 -29.32 36.36
N PRO D 59 -45.85 -29.90 37.58
CA PRO D 59 -46.19 -31.33 37.68
C PRO D 59 -47.69 -31.49 37.41
N ASN D 60 -48.12 -32.66 36.94
CA ASN D 60 -49.57 -32.84 36.67
C ASN D 60 -50.08 -31.89 35.56
N ASP D 61 -49.33 -31.86 34.48
CA ASP D 61 -49.70 -31.08 33.31
C ASP D 61 -50.19 -32.12 32.29
N SER D 62 -51.40 -32.61 32.56
CA SER D 62 -52.04 -33.68 31.78
C SER D 62 -52.45 -33.15 30.39
N PRO D 63 -52.56 -34.01 29.38
CA PRO D 63 -52.88 -33.49 28.03
C PRO D 63 -54.27 -32.87 27.84
N PHE D 64 -54.35 -31.90 26.91
CA PHE D 64 -55.59 -31.29 26.46
C PHE D 64 -55.83 -32.12 25.20
N GLN D 65 -56.72 -33.13 25.27
CA GLN D 65 -56.96 -34.09 24.17
C GLN D 65 -55.63 -34.84 23.83
N ILE D 66 -55.08 -34.59 22.64
CA ILE D 66 -53.82 -35.24 22.22
C ILE D 66 -52.62 -34.32 22.50
N VAL D 67 -52.88 -33.05 22.82
CA VAL D 67 -51.90 -32.00 23.07
C VAL D 67 -51.14 -32.22 24.38
N LYS D 68 -49.84 -32.48 24.26
CA LYS D 68 -48.94 -32.79 25.37
C LYS D 68 -48.35 -31.56 26.03
N ASN D 69 -48.25 -31.58 27.37
CA ASN D 69 -47.71 -30.56 28.27
C ASN D 69 -48.25 -29.15 27.94
N PRO D 70 -49.58 -28.93 27.82
CA PRO D 70 -50.08 -27.59 27.42
C PRO D 70 -49.72 -26.43 28.36
N ARG D 71 -49.84 -26.66 29.68
CA ARG D 71 -49.56 -25.66 30.72
C ARG D 71 -48.13 -25.23 30.74
N SER D 72 -47.18 -26.19 30.61
CA SER D 72 -45.73 -25.98 30.55
C SER D 72 -45.33 -25.16 29.32
N VAL D 73 -45.86 -25.52 28.15
CA VAL D 73 -45.62 -24.82 26.88
C VAL D 73 -46.22 -23.44 26.92
N GLY D 74 -47.45 -23.34 27.41
CA GLY D 74 -48.14 -22.07 27.58
C GLY D 74 -47.42 -21.12 28.51
N LYS D 75 -46.97 -21.63 29.68
CA LYS D 75 -46.27 -20.84 30.68
C LYS D 75 -44.86 -20.42 30.24
N ALA D 76 -44.10 -21.33 29.63
CA ALA D 76 -42.78 -20.99 29.11
C ALA D 76 -42.88 -19.86 28.05
N SER D 77 -43.85 -19.96 27.11
CA SER D 77 -44.07 -18.94 26.08
C SER D 77 -44.52 -17.62 26.71
N GLU D 78 -45.41 -17.69 27.68
CA GLU D 78 -45.90 -16.55 28.40
C GLU D 78 -44.77 -15.76 29.09
N GLN D 79 -43.86 -16.45 29.76
CA GLN D 79 -42.70 -15.85 30.43
C GLN D 79 -41.74 -15.26 29.42
N LEU D 80 -41.51 -15.99 28.32
CA LEU D 80 -40.66 -15.54 27.21
C LEU D 80 -41.20 -14.27 26.55
N ALA D 81 -42.52 -14.18 26.36
CA ALA D 81 -43.12 -12.97 25.80
C ALA D 81 -42.78 -11.74 26.67
N GLY D 82 -42.83 -11.90 28.00
CA GLY D 82 -42.49 -10.83 28.92
C GLY D 82 -41.03 -10.42 28.83
N LYS D 83 -40.15 -11.43 28.72
CA LYS D 83 -38.70 -11.22 28.60
C LYS D 83 -38.33 -10.54 27.25
N VAL D 84 -38.97 -10.98 26.15
CA VAL D 84 -38.75 -10.42 24.80
C VAL D 84 -39.20 -8.93 24.74
N ALA D 85 -40.37 -8.61 25.36
CA ALA D 85 -40.94 -7.26 25.42
C ALA D 85 -39.99 -6.32 26.17
N GLU D 86 -39.37 -6.81 27.27
CA GLU D 86 -38.37 -6.11 28.08
C GLU D 86 -37.11 -5.77 27.27
N VAL D 87 -36.58 -6.73 26.50
CA VAL D 87 -35.41 -6.59 25.63
C VAL D 87 -35.76 -5.60 24.54
N LYS D 88 -36.96 -5.71 23.95
CA LYS D 88 -37.41 -4.79 22.90
C LYS D 88 -37.57 -3.33 23.39
N LYS D 89 -37.99 -3.14 24.64
CA LYS D 89 -38.15 -1.84 25.28
C LYS D 89 -36.78 -1.22 25.56
N ASN D 90 -35.76 -2.08 25.80
CA ASN D 90 -34.37 -1.69 26.01
C ASN D 90 -33.61 -1.33 24.70
N GLY D 91 -34.33 -1.22 23.60
CA GLY D 91 -33.79 -0.88 22.28
C GLY D 91 -32.85 -1.90 21.70
N ARG D 92 -33.04 -3.20 22.02
CA ARG D 92 -32.18 -4.26 21.53
C ARG D 92 -32.95 -5.23 20.66
N ILE D 93 -32.24 -5.94 19.76
CA ILE D 93 -32.81 -7.00 18.91
C ILE D 93 -32.84 -8.20 19.84
N SER D 94 -34.02 -8.81 20.02
CA SER D 94 -34.11 -9.99 20.90
C SER D 94 -33.57 -11.21 20.16
N LEU D 95 -32.67 -11.96 20.83
CA LEU D 95 -32.06 -13.15 20.28
C LEU D 95 -32.40 -14.29 21.22
N VAL D 96 -33.38 -15.11 20.83
CA VAL D 96 -33.90 -16.23 21.60
C VAL D 96 -33.16 -17.47 21.23
N LEU D 97 -32.47 -18.07 22.21
CA LEU D 97 -31.76 -19.32 21.99
C LEU D 97 -32.65 -20.44 22.53
N GLY D 98 -33.20 -21.24 21.63
CA GLY D 98 -34.04 -22.37 21.99
C GLY D 98 -33.25 -23.64 22.29
N GLY D 99 -33.91 -24.68 22.77
CA GLY D 99 -35.34 -24.81 22.98
C GLY D 99 -36.08 -25.20 21.71
N ASP D 100 -37.22 -25.83 21.88
CA ASP D 100 -38.09 -26.23 20.76
C ASP D 100 -38.88 -25.00 20.27
N HIS D 101 -39.47 -25.13 19.07
CA HIS D 101 -40.13 -24.10 18.31
C HIS D 101 -41.47 -23.66 18.85
N SER D 102 -42.04 -24.31 19.91
CA SER D 102 -43.30 -23.83 20.50
C SER D 102 -43.10 -22.44 21.19
N LEU D 103 -41.83 -22.14 21.56
CA LEU D 103 -41.39 -20.91 22.19
C LEU D 103 -41.59 -19.68 21.28
N ALA D 104 -41.89 -19.88 19.96
CA ALA D 104 -42.14 -18.79 19.00
C ALA D 104 -43.44 -18.10 19.34
N ILE D 105 -44.36 -18.82 20.01
CA ILE D 105 -45.58 -18.21 20.50
C ILE D 105 -45.20 -17.01 21.41
N GLY D 106 -44.32 -17.22 22.41
CA GLY D 106 -43.89 -16.18 23.34
C GLY D 106 -42.96 -15.17 22.71
N SER D 107 -42.00 -15.68 21.94
CA SER D 107 -41.03 -14.81 21.26
C SER D 107 -41.77 -13.79 20.34
N ILE D 108 -42.68 -14.28 19.44
CA ILE D 108 -43.42 -13.40 18.51
C ILE D 108 -44.44 -12.53 19.24
N SER D 109 -45.23 -13.08 20.17
CA SER D 109 -46.21 -12.28 20.93
C SER D 109 -45.53 -11.12 21.70
N GLY D 110 -44.38 -11.42 22.33
CA GLY D 110 -43.58 -10.46 23.09
C GLY D 110 -42.99 -9.37 22.23
N HIS D 111 -42.45 -9.79 21.06
CA HIS D 111 -41.99 -8.88 20.04
C HIS D 111 -43.15 -7.93 19.58
N ALA D 112 -44.31 -8.48 19.21
CA ALA D 112 -45.47 -7.72 18.72
C ALA D 112 -46.05 -6.70 19.72
N ARG D 113 -45.75 -6.84 21.03
CA ARG D 113 -46.23 -5.91 22.05
C ARG D 113 -45.55 -4.55 21.89
N VAL D 114 -44.28 -4.57 21.50
CA VAL D 114 -43.46 -3.39 21.30
C VAL D 114 -43.57 -2.92 19.83
N HIS D 115 -43.60 -3.86 18.87
CA HIS D 115 -43.71 -3.58 17.44
C HIS D 115 -44.86 -4.37 16.79
N PRO D 116 -46.10 -3.86 16.89
CA PRO D 116 -47.26 -4.60 16.32
C PRO D 116 -47.30 -4.72 14.79
N ASP D 117 -46.55 -3.88 14.07
CA ASP D 117 -46.44 -3.85 12.62
C ASP D 117 -45.40 -4.82 12.05
N LEU D 118 -44.84 -5.72 12.87
CA LEU D 118 -43.79 -6.65 12.45
C LEU D 118 -44.24 -7.67 11.37
N GLY D 119 -43.30 -7.99 10.49
CA GLY D 119 -43.35 -9.05 9.48
C GLY D 119 -42.50 -10.21 9.96
N VAL D 120 -42.89 -11.45 9.64
CA VAL D 120 -42.19 -12.67 10.06
C VAL D 120 -41.65 -13.42 8.86
N ILE D 121 -40.35 -13.86 8.97
CA ILE D 121 -39.73 -14.79 8.01
C ILE D 121 -39.52 -16.07 8.82
N TRP D 122 -40.15 -17.14 8.38
CA TRP D 122 -40.11 -18.43 9.07
C TRP D 122 -39.29 -19.40 8.23
N VAL D 123 -38.07 -19.74 8.73
CA VAL D 123 -37.10 -20.65 8.08
C VAL D 123 -37.21 -22.02 8.74
N ASP D 124 -37.78 -22.99 8.02
CA ASP D 124 -38.07 -24.31 8.59
C ASP D 124 -38.35 -25.32 7.50
N ALA D 125 -38.18 -26.60 7.79
CA ALA D 125 -38.57 -27.67 6.88
C ALA D 125 -40.08 -27.85 7.06
N HIS D 126 -40.68 -27.19 8.06
CA HIS D 126 -42.09 -27.31 8.44
C HIS D 126 -42.83 -25.99 8.58
N THR D 127 -44.17 -26.05 8.45
CA THR D 127 -45.01 -24.86 8.60
C THR D 127 -45.35 -24.56 10.06
N ASP D 128 -45.39 -25.58 10.94
CA ASP D 128 -45.71 -25.39 12.38
C ASP D 128 -47.06 -24.69 12.63
N ILE D 129 -47.96 -24.94 11.71
CA ILE D 129 -49.23 -24.27 11.67
C ILE D 129 -50.42 -25.22 11.99
N ASN D 130 -50.12 -26.40 12.54
CA ASN D 130 -51.19 -27.31 12.97
C ASN D 130 -51.95 -26.61 14.11
N THR D 131 -53.26 -26.82 14.20
CA THR D 131 -54.02 -26.24 15.31
C THR D 131 -54.12 -27.37 16.37
N PRO D 132 -54.51 -27.12 17.64
CA PRO D 132 -54.71 -28.23 18.59
C PRO D 132 -55.72 -29.29 18.12
N LEU D 133 -56.49 -29.02 17.04
CA LEU D 133 -57.46 -29.94 16.47
C LEU D 133 -56.97 -30.67 15.21
N THR D 134 -56.03 -30.09 14.45
CA THR D 134 -55.48 -30.75 13.25
C THR D 134 -54.25 -31.59 13.58
N THR D 135 -53.60 -31.30 14.72
CA THR D 135 -52.43 -32.07 15.15
C THR D 135 -52.77 -33.56 15.30
N THR D 136 -51.85 -34.44 14.89
CA THR D 136 -52.00 -35.89 15.03
C THR D 136 -50.95 -36.41 16.03
N SER D 137 -49.96 -35.60 16.34
CA SER D 137 -48.86 -35.91 17.26
C SER D 137 -49.11 -35.30 18.64
N GLY D 138 -49.82 -34.15 18.68
CA GLY D 138 -50.06 -33.37 19.91
C GLY D 138 -48.85 -32.58 20.40
N ASN D 139 -47.75 -32.50 19.62
CA ASN D 139 -46.52 -31.79 19.99
C ASN D 139 -46.65 -30.35 19.64
N LEU D 140 -46.54 -29.46 20.64
CA LEU D 140 -46.84 -28.05 20.45
C LEU D 140 -45.82 -27.30 19.59
N HIS D 141 -44.60 -27.87 19.36
CA HIS D 141 -43.62 -27.22 18.48
C HIS D 141 -44.09 -27.23 17.00
N GLY D 142 -45.08 -28.07 16.69
CA GLY D 142 -45.65 -28.17 15.35
C GLY D 142 -46.92 -27.37 15.16
N GLN D 143 -47.26 -26.51 16.16
CA GLN D 143 -48.47 -25.67 16.22
C GLN D 143 -48.27 -24.14 16.49
N PRO D 144 -47.06 -23.60 16.76
CA PRO D 144 -46.97 -22.18 17.17
C PRO D 144 -47.64 -21.16 16.27
N VAL D 145 -47.53 -21.33 14.93
CA VAL D 145 -48.10 -20.36 14.00
C VAL D 145 -49.63 -20.27 14.10
N SER D 146 -50.32 -21.40 14.35
CA SER D 146 -51.78 -21.43 14.47
C SER D 146 -52.29 -20.53 15.61
N PHE D 147 -51.57 -20.48 16.73
CA PHE D 147 -51.88 -19.64 17.89
C PHE D 147 -51.69 -18.13 17.58
N LEU D 148 -50.77 -17.80 16.69
CA LEU D 148 -50.38 -16.44 16.35
C LEU D 148 -51.18 -15.79 15.24
N LEU D 149 -51.83 -16.58 14.37
CA LEU D 149 -52.60 -16.06 13.23
C LEU D 149 -54.00 -15.56 13.54
N LYS D 150 -54.26 -14.29 13.20
CA LYS D 150 -55.56 -13.64 13.40
C LYS D 150 -56.70 -14.37 12.63
N GLU D 151 -56.40 -14.87 11.42
CA GLU D 151 -57.36 -15.60 10.59
C GLU D 151 -57.82 -16.92 11.16
N LEU D 152 -57.08 -17.50 12.15
CA LEU D 152 -57.43 -18.78 12.78
C LEU D 152 -58.14 -18.61 14.12
N LYS D 153 -58.48 -17.37 14.47
CA LYS D 153 -59.23 -17.06 15.69
C LYS D 153 -60.63 -17.69 15.47
N GLY D 154 -61.01 -18.56 16.40
CA GLY D 154 -62.25 -19.32 16.32
C GLY D 154 -62.00 -20.79 16.00
N LYS D 155 -60.77 -21.10 15.56
CA LYS D 155 -60.33 -22.46 15.19
C LYS D 155 -59.38 -23.03 16.23
N ILE D 156 -58.98 -22.18 17.19
CA ILE D 156 -58.09 -22.56 18.28
C ILE D 156 -58.95 -22.78 19.54
N PRO D 157 -59.07 -24.03 20.04
CA PRO D 157 -59.83 -24.23 21.28
C PRO D 157 -59.09 -23.64 22.48
N ASP D 158 -59.78 -23.53 23.62
CA ASP D 158 -59.25 -22.98 24.88
C ASP D 158 -58.31 -24.01 25.48
N VAL D 159 -57.01 -23.88 25.17
CA VAL D 159 -55.99 -24.83 25.63
C VAL D 159 -55.43 -24.33 26.98
N PRO D 160 -55.43 -25.15 28.04
CA PRO D 160 -54.84 -24.70 29.32
C PRO D 160 -53.39 -24.23 29.17
N GLY D 161 -53.15 -23.01 29.66
CA GLY D 161 -51.86 -22.31 29.64
C GLY D 161 -51.78 -21.26 28.56
N PHE D 162 -52.80 -21.15 27.69
CA PHE D 162 -52.78 -20.23 26.54
C PHE D 162 -53.84 -19.12 26.55
N SER D 163 -54.51 -18.87 27.70
CA SER D 163 -55.51 -17.79 27.76
C SER D 163 -54.93 -16.37 27.56
N TRP D 164 -53.63 -16.23 27.80
CA TRP D 164 -52.93 -14.96 27.64
C TRP D 164 -52.72 -14.61 26.15
N VAL D 165 -52.75 -15.61 25.25
CA VAL D 165 -52.50 -15.48 23.81
C VAL D 165 -53.60 -14.72 23.06
N THR D 166 -53.20 -13.69 22.33
CA THR D 166 -54.02 -12.90 21.42
C THR D 166 -53.28 -12.95 20.08
N PRO D 167 -53.90 -13.52 19.00
CA PRO D 167 -53.24 -13.53 17.68
C PRO D 167 -52.76 -12.14 17.26
N CYS D 168 -51.48 -12.05 16.94
CA CYS D 168 -50.80 -10.78 16.66
C CYS D 168 -50.39 -10.62 15.20
N ILE D 169 -50.52 -11.69 14.37
CA ILE D 169 -50.08 -11.60 12.98
C ILE D 169 -51.14 -12.08 12.00
N SER D 170 -51.26 -11.34 10.87
CA SER D 170 -52.19 -11.72 9.80
C SER D 170 -51.44 -12.64 8.85
N ALA D 171 -52.19 -13.52 8.13
CA ALA D 171 -51.65 -14.45 7.17
C ALA D 171 -50.73 -13.78 6.13
N LYS D 172 -50.94 -12.48 5.85
CA LYS D 172 -50.14 -11.70 4.88
C LYS D 172 -48.85 -11.15 5.48
N ASP D 173 -48.64 -11.31 6.80
CA ASP D 173 -47.43 -10.79 7.45
C ASP D 173 -46.35 -11.84 7.70
N ILE D 174 -46.49 -13.02 7.10
CA ILE D 174 -45.57 -14.13 7.29
C ILE D 174 -45.14 -14.71 5.94
N VAL D 175 -43.84 -15.03 5.81
CA VAL D 175 -43.32 -15.73 4.65
C VAL D 175 -42.56 -16.95 5.18
N TYR D 176 -42.87 -18.13 4.65
CA TYR D 176 -42.18 -19.38 4.93
C TYR D 176 -41.10 -19.60 3.87
N ILE D 177 -39.92 -20.12 4.30
CA ILE D 177 -38.81 -20.52 3.44
C ILE D 177 -38.26 -21.89 3.89
N GLY D 178 -38.16 -22.87 2.99
CA GLY D 178 -37.54 -24.16 3.28
C GLY D 178 -38.44 -25.36 3.35
N LEU D 179 -39.76 -25.14 3.24
CA LEU D 179 -40.74 -26.20 3.43
C LEU D 179 -40.48 -27.41 2.57
N ARG D 180 -40.62 -28.56 3.20
CA ARG D 180 -40.49 -29.86 2.55
C ARG D 180 -41.18 -31.00 3.33
N ASP D 181 -41.84 -30.69 4.48
CA ASP D 181 -42.55 -31.71 5.29
C ASP D 181 -43.82 -31.10 5.94
N VAL D 182 -44.85 -30.95 5.12
CA VAL D 182 -46.11 -30.29 5.46
C VAL D 182 -47.20 -31.27 5.64
N ASP D 183 -47.89 -31.26 6.80
CA ASP D 183 -49.03 -32.15 7.10
C ASP D 183 -50.26 -31.79 6.26
N PRO D 184 -51.19 -32.71 5.96
CA PRO D 184 -52.37 -32.31 5.14
C PRO D 184 -53.21 -31.13 5.68
N GLY D 185 -53.47 -31.11 6.99
CA GLY D 185 -54.20 -30.03 7.64
C GLY D 185 -53.48 -28.71 7.48
N GLU D 186 -52.15 -28.76 7.60
CA GLU D 186 -51.27 -27.61 7.43
C GLU D 186 -51.27 -27.13 5.97
N HIS D 187 -51.22 -28.05 5.00
CA HIS D 187 -51.26 -27.66 3.61
C HIS D 187 -52.58 -26.99 3.28
N TYR D 188 -53.69 -27.56 3.83
CA TYR D 188 -55.02 -26.97 3.68
C TYR D 188 -55.04 -25.53 4.20
N ILE D 189 -54.55 -25.31 5.44
CA ILE D 189 -54.49 -23.98 6.08
C ILE D 189 -53.66 -23.02 5.23
N LEU D 190 -52.45 -23.46 4.87
CA LEU D 190 -51.50 -22.72 4.05
C LEU D 190 -52.14 -22.23 2.75
N LYS D 191 -52.91 -23.10 2.06
CA LYS D 191 -53.52 -22.76 0.80
C LYS D 191 -54.77 -21.91 0.93
N THR D 192 -55.68 -22.24 1.87
CA THR D 192 -56.93 -21.49 2.02
C THR D 192 -56.72 -20.09 2.63
N LEU D 193 -55.66 -19.89 3.42
CA LEU D 193 -55.38 -18.56 3.99
C LEU D 193 -54.52 -17.71 3.04
N GLY D 194 -54.00 -18.35 1.98
CA GLY D 194 -53.17 -17.70 0.97
C GLY D 194 -51.87 -17.16 1.53
N ILE D 195 -51.25 -17.88 2.45
CA ILE D 195 -49.95 -17.50 3.03
C ILE D 195 -48.85 -17.61 1.98
N LYS D 196 -47.93 -16.61 1.94
CA LYS D 196 -46.80 -16.61 1.04
C LYS D 196 -45.79 -17.64 1.54
N TYR D 197 -45.29 -18.50 0.62
CA TYR D 197 -44.32 -19.51 0.98
C TYR D 197 -43.41 -19.86 -0.16
N PHE D 198 -42.18 -20.29 0.18
CA PHE D 198 -41.23 -20.77 -0.78
C PHE D 198 -40.84 -22.12 -0.22
N SER D 199 -41.52 -23.19 -0.71
CA SER D 199 -41.10 -24.53 -0.32
C SER D 199 -39.76 -24.82 -1.08
N MET D 200 -39.16 -26.00 -0.85
CA MET D 200 -37.91 -26.35 -1.56
C MET D 200 -38.13 -26.31 -3.08
N THR D 201 -39.38 -26.58 -3.53
CA THR D 201 -39.82 -26.53 -4.93
C THR D 201 -39.63 -25.14 -5.55
N GLU D 202 -40.05 -24.09 -4.84
CA GLU D 202 -39.87 -22.69 -5.26
C GLU D 202 -38.40 -22.28 -5.23
N VAL D 203 -37.66 -22.71 -4.20
CA VAL D 203 -36.22 -22.48 -4.09
C VAL D 203 -35.48 -23.07 -5.33
N ASP D 204 -35.82 -24.32 -5.70
CA ASP D 204 -35.30 -25.03 -6.87
C ASP D 204 -35.63 -24.31 -8.17
N ARG D 205 -36.89 -23.85 -8.31
CA ARG D 205 -37.38 -23.11 -9.47
C ARG D 205 -36.73 -21.78 -9.63
N LEU D 206 -36.67 -20.99 -8.57
CA LEU D 206 -36.27 -19.58 -8.64
C LEU D 206 -34.84 -19.27 -8.32
N GLY D 207 -34.26 -20.06 -7.44
CA GLY D 207 -32.92 -19.80 -6.88
C GLY D 207 -33.14 -18.97 -5.64
N ILE D 208 -32.27 -19.10 -4.63
CA ILE D 208 -32.40 -18.36 -3.37
C ILE D 208 -32.37 -16.80 -3.56
N GLY D 209 -31.73 -16.29 -4.62
CA GLY D 209 -31.63 -14.86 -4.92
C GLY D 209 -33.00 -14.23 -5.10
N LYS D 210 -33.79 -14.82 -6.02
CA LYS D 210 -35.14 -14.39 -6.34
C LYS D 210 -36.06 -14.65 -5.14
N VAL D 211 -35.86 -15.79 -4.42
CA VAL D 211 -36.61 -16.12 -3.20
C VAL D 211 -36.52 -14.96 -2.20
N MET D 212 -35.31 -14.46 -1.94
CA MET D 212 -35.10 -13.36 -1.01
C MET D 212 -35.64 -12.03 -1.49
N GLU D 213 -35.52 -11.75 -2.77
CA GLU D 213 -35.99 -10.55 -3.45
C GLU D 213 -37.51 -10.45 -3.28
N GLU D 214 -38.21 -11.57 -3.53
CA GLU D 214 -39.65 -11.69 -3.40
C GLU D 214 -40.09 -11.61 -1.95
N THR D 215 -39.40 -12.32 -1.04
CA THR D 215 -39.68 -12.29 0.39
C THR D 215 -39.62 -10.86 0.89
N LEU D 216 -38.52 -10.16 0.66
CA LEU D 216 -38.33 -8.82 1.23
C LEU D 216 -39.26 -7.79 0.60
N SER D 217 -39.53 -7.91 -0.71
CA SER D 217 -40.45 -7.03 -1.44
C SER D 217 -41.89 -7.23 -0.93
N TYR D 218 -42.28 -8.48 -0.72
CA TYR D 218 -43.60 -8.85 -0.23
C TYR D 218 -43.82 -8.34 1.18
N LEU D 219 -42.79 -8.37 2.02
CA LEU D 219 -42.98 -7.90 3.40
C LEU D 219 -42.75 -6.42 3.59
N LEU D 220 -41.84 -5.83 2.84
CA LEU D 220 -41.43 -4.43 3.05
C LEU D 220 -41.84 -3.45 1.96
N GLY D 221 -42.32 -3.95 0.82
CA GLY D 221 -42.78 -3.14 -0.30
C GLY D 221 -43.67 -1.95 0.01
N ARG D 222 -44.79 -2.17 0.71
CA ARG D 222 -45.79 -1.19 1.18
C ARG D 222 -45.15 -0.12 2.08
N LYS D 223 -44.40 -0.57 3.11
CA LYS D 223 -43.67 0.30 4.03
C LYS D 223 -42.63 -0.48 4.82
N LYS D 224 -41.51 0.15 5.21
CA LYS D 224 -40.49 -0.51 6.04
C LYS D 224 -41.16 -0.81 7.39
N ARG D 225 -40.85 -1.99 7.94
CA ARG D 225 -41.44 -2.43 9.20
C ARG D 225 -40.45 -3.39 9.86
N PRO D 226 -40.54 -3.61 11.19
CA PRO D 226 -39.59 -4.54 11.86
C PRO D 226 -39.70 -5.99 11.39
N ILE D 227 -38.54 -6.68 11.30
CA ILE D 227 -38.51 -8.07 10.84
C ILE D 227 -38.23 -9.01 11.97
N HIS D 228 -39.05 -10.07 12.04
CA HIS D 228 -38.85 -11.16 12.95
C HIS D 228 -38.41 -12.37 12.14
N LEU D 229 -37.24 -12.93 12.43
CA LEU D 229 -36.80 -14.13 11.73
C LEU D 229 -36.89 -15.30 12.70
N SER D 230 -37.77 -16.28 12.46
CA SER D 230 -37.84 -17.44 13.34
C SER D 230 -37.14 -18.59 12.59
N PHE D 231 -35.91 -18.88 13.00
CA PHE D 231 -35.07 -19.87 12.36
C PHE D 231 -35.06 -21.19 13.07
N ASP D 232 -35.63 -22.21 12.46
CA ASP D 232 -35.56 -23.58 12.95
C ASP D 232 -34.37 -24.23 12.21
N VAL D 233 -33.36 -24.72 12.95
CA VAL D 233 -32.17 -25.29 12.32
C VAL D 233 -32.45 -26.44 11.34
N ASP D 234 -33.61 -27.13 11.42
CA ASP D 234 -33.95 -28.17 10.44
C ASP D 234 -34.42 -27.54 9.10
N GLY D 235 -34.42 -26.21 8.94
CA GLY D 235 -34.66 -25.54 7.68
C GLY D 235 -33.53 -25.93 6.71
N LEU D 236 -32.33 -26.07 7.29
CA LEU D 236 -31.12 -26.48 6.58
C LEU D 236 -31.05 -28.00 6.51
N ASP D 237 -30.45 -28.50 5.46
CA ASP D 237 -30.22 -29.91 5.21
C ASP D 237 -29.54 -30.61 6.40
N PRO D 238 -29.97 -31.85 6.70
CA PRO D 238 -29.33 -32.61 7.77
C PRO D 238 -27.81 -32.86 7.59
N SER D 239 -27.24 -32.65 6.38
CA SER D 239 -25.78 -32.73 6.17
C SER D 239 -25.06 -31.54 6.87
N PHE D 240 -25.81 -30.49 7.25
CA PHE D 240 -25.29 -29.31 7.97
C PHE D 240 -25.77 -29.23 9.42
N THR D 241 -27.06 -29.51 9.69
CA THR D 241 -27.65 -29.45 11.02
C THR D 241 -28.30 -30.78 11.41
N PRO D 242 -27.50 -31.87 11.55
CA PRO D 242 -28.11 -33.17 11.92
C PRO D 242 -28.64 -33.34 13.33
N ALA D 243 -28.09 -32.64 14.33
CA ALA D 243 -28.53 -32.74 15.74
C ALA D 243 -29.74 -31.85 15.99
N THR D 244 -30.88 -32.37 15.56
CA THR D 244 -32.21 -31.76 15.56
C THR D 244 -33.25 -32.88 15.58
N GLY D 245 -34.42 -32.58 16.17
CA GLY D 245 -35.50 -33.54 16.36
C GLY D 245 -36.20 -34.09 15.13
N THR D 246 -36.53 -33.22 14.14
CA THR D 246 -37.25 -33.63 12.93
C THR D 246 -36.44 -33.32 11.64
N PRO D 247 -35.29 -34.00 11.40
CA PRO D 247 -34.53 -33.73 10.15
C PRO D 247 -35.23 -34.21 8.88
N VAL D 248 -35.14 -33.43 7.80
CA VAL D 248 -35.77 -33.82 6.54
C VAL D 248 -34.70 -33.61 5.45
N VAL D 249 -34.50 -34.60 4.57
CA VAL D 249 -33.53 -34.51 3.48
C VAL D 249 -33.98 -33.46 2.44
N GLY D 250 -33.03 -32.99 1.64
CA GLY D 250 -33.32 -32.02 0.59
C GLY D 250 -33.51 -30.63 1.15
N GLY D 251 -32.81 -30.31 2.24
CA GLY D 251 -32.96 -28.99 2.83
C GLY D 251 -32.13 -27.91 2.20
N LEU D 252 -32.36 -26.68 2.70
CA LEU D 252 -31.59 -25.52 2.27
C LEU D 252 -30.11 -25.80 2.55
N THR D 253 -29.22 -25.35 1.69
CA THR D 253 -27.77 -25.56 1.86
C THR D 253 -27.22 -24.55 2.90
N TYR D 254 -25.96 -24.77 3.35
CA TYR D 254 -25.21 -23.88 4.26
C TYR D 254 -25.17 -22.47 3.59
N ARG D 255 -24.85 -22.42 2.30
CA ARG D 255 -24.80 -21.20 1.48
C ARG D 255 -26.17 -20.51 1.43
N GLU D 256 -27.26 -21.25 1.15
CA GLU D 256 -28.61 -20.67 1.14
C GLU D 256 -29.03 -20.05 2.51
N GLY D 257 -28.73 -20.74 3.61
CA GLY D 257 -28.95 -20.21 4.94
C GLY D 257 -28.24 -18.91 5.21
N LEU D 258 -26.96 -18.82 4.82
CA LEU D 258 -26.15 -17.60 4.93
C LEU D 258 -26.66 -16.52 4.04
N TYR D 259 -27.14 -16.89 2.84
CA TYR D 259 -27.71 -15.93 1.91
C TYR D 259 -28.95 -15.25 2.46
N ILE D 260 -29.89 -16.04 2.99
CA ILE D 260 -31.14 -15.55 3.59
C ILE D 260 -30.83 -14.53 4.69
N THR D 261 -29.94 -14.88 5.62
CA THR D 261 -29.61 -14.10 6.82
C THR D 261 -28.81 -12.85 6.46
N GLU D 262 -27.86 -12.98 5.56
CA GLU D 262 -27.14 -11.86 5.00
C GLU D 262 -28.09 -10.85 4.34
N GLU D 263 -29.07 -11.28 3.56
CA GLU D 263 -30.05 -10.37 2.94
C GLU D 263 -30.96 -9.67 3.95
N ILE D 264 -31.34 -10.38 5.04
CA ILE D 264 -32.16 -9.80 6.11
C ILE D 264 -31.31 -8.77 6.86
N TYR D 265 -30.03 -9.09 7.17
CA TYR D 265 -29.13 -8.14 7.84
C TYR D 265 -29.15 -6.78 7.12
N LYS D 266 -28.86 -6.83 5.80
CA LYS D 266 -28.76 -5.69 4.89
C LYS D 266 -29.97 -4.78 4.89
N THR D 267 -31.19 -5.24 5.27
CA THR D 267 -32.39 -4.38 5.35
C THR D 267 -32.24 -3.35 6.48
N GLY D 268 -31.52 -3.72 7.53
CA GLY D 268 -31.34 -2.91 8.74
C GLY D 268 -32.57 -2.99 9.62
N LEU D 269 -33.54 -3.85 9.25
CA LEU D 269 -34.82 -4.02 9.89
C LEU D 269 -34.97 -5.27 10.75
N LEU D 270 -33.92 -6.10 10.98
CA LEU D 270 -34.06 -7.24 11.88
C LEU D 270 -34.29 -6.70 13.29
N SER D 271 -35.30 -7.23 13.99
CA SER D 271 -35.76 -6.69 15.26
C SER D 271 -35.90 -7.84 16.26
N GLY D 272 -36.01 -9.05 15.72
CA GLY D 272 -36.14 -10.21 16.59
C GLY D 272 -35.62 -11.40 15.83
N LEU D 273 -35.01 -12.37 16.57
CA LEU D 273 -34.45 -13.58 16.00
C LEU D 273 -34.64 -14.76 16.98
N ASP D 274 -34.99 -15.93 16.41
CA ASP D 274 -35.12 -17.18 17.15
C ASP D 274 -34.19 -18.20 16.52
N ILE D 275 -33.33 -18.85 17.34
CA ILE D 275 -32.44 -19.94 16.87
C ILE D 275 -32.93 -21.21 17.58
N MET D 276 -33.69 -22.01 16.90
CA MET D 276 -34.44 -23.09 17.52
C MET D 276 -34.12 -24.45 16.98
N GLU D 277 -34.51 -25.47 17.78
CA GLU D 277 -34.46 -26.91 17.54
C GLU D 277 -33.02 -27.52 17.52
N VAL D 278 -32.05 -26.79 18.12
CA VAL D 278 -30.72 -27.37 18.28
C VAL D 278 -30.83 -28.38 19.43
N ASN D 279 -30.63 -29.69 19.12
CA ASN D 279 -30.68 -30.71 20.14
C ASN D 279 -29.32 -31.45 20.21
N PRO D 280 -28.44 -31.03 21.15
CA PRO D 280 -27.11 -31.67 21.26
C PRO D 280 -27.10 -33.14 21.67
N SER D 281 -28.24 -33.72 22.08
CA SER D 281 -28.23 -35.15 22.39
C SER D 281 -28.75 -35.98 21.22
N LEU D 282 -28.98 -35.35 20.06
CA LEU D 282 -29.46 -36.07 18.87
C LEU D 282 -28.44 -36.25 17.75
N GLY D 283 -27.18 -36.03 18.04
CA GLY D 283 -26.20 -36.35 17.02
C GLY D 283 -25.89 -37.85 17.00
N LYS D 284 -25.50 -38.39 15.84
CA LYS D 284 -25.08 -39.80 15.75
C LYS D 284 -23.64 -39.97 16.26
N THR D 285 -22.87 -38.88 16.19
CA THR D 285 -21.49 -38.81 16.63
C THR D 285 -21.31 -37.48 17.36
N PRO D 286 -20.27 -37.27 18.20
CA PRO D 286 -20.03 -35.91 18.76
C PRO D 286 -19.77 -34.84 17.70
N GLU D 287 -19.23 -35.22 16.52
CA GLU D 287 -18.96 -34.30 15.41
C GLU D 287 -20.26 -33.75 14.79
N GLU D 288 -21.33 -34.57 14.75
CA GLU D 288 -22.65 -34.16 14.25
C GLU D 288 -23.22 -33.03 15.10
N VAL D 289 -22.98 -33.07 16.41
CA VAL D 289 -23.37 -32.05 17.39
C VAL D 289 -22.59 -30.74 17.12
N THR D 290 -21.25 -30.83 17.00
CA THR D 290 -20.44 -29.62 16.80
C THR D 290 -20.74 -28.99 15.44
N ARG D 291 -21.00 -29.81 14.42
CA ARG D 291 -21.37 -29.35 13.09
C ARG D 291 -22.67 -28.54 13.13
N THR D 292 -23.68 -29.04 13.87
CA THR D 292 -24.97 -28.36 14.02
C THR D 292 -24.83 -27.01 14.72
N VAL D 293 -24.13 -27.00 15.84
CA VAL D 293 -23.88 -25.84 16.70
C VAL D 293 -23.09 -24.81 15.92
N ASN D 294 -22.09 -25.23 15.17
CA ASN D 294 -21.28 -24.34 14.34
C ASN D 294 -22.06 -23.72 13.21
N THR D 295 -22.97 -24.50 12.60
CA THR D 295 -23.83 -23.96 11.53
C THR D 295 -24.81 -22.94 12.14
N ALA D 296 -25.41 -23.27 13.29
CA ALA D 296 -26.30 -22.36 13.99
C ALA D 296 -25.62 -21.05 14.39
N VAL D 297 -24.33 -21.11 14.78
CA VAL D 297 -23.54 -19.95 15.19
C VAL D 297 -23.27 -19.07 13.98
N ALA D 298 -22.84 -19.69 12.86
CA ALA D 298 -22.57 -19.03 11.59
C ALA D 298 -23.82 -18.32 11.07
N ILE D 299 -25.01 -18.98 11.12
CA ILE D 299 -26.30 -18.38 10.73
C ILE D 299 -26.56 -17.09 11.56
N THR D 300 -26.45 -17.19 12.90
CA THR D 300 -26.67 -16.06 13.81
C THR D 300 -25.73 -14.90 13.47
N LEU D 301 -24.45 -15.19 13.20
CA LEU D 301 -23.42 -14.21 12.83
C LEU D 301 -23.80 -13.37 11.61
N ALA D 302 -24.35 -14.03 10.55
CA ALA D 302 -24.80 -13.36 9.34
C ALA D 302 -25.98 -12.39 9.56
N CYS D 303 -26.83 -12.69 10.56
CA CYS D 303 -27.99 -11.89 10.95
C CYS D 303 -27.51 -10.56 11.49
N PHE D 304 -26.31 -10.54 12.08
CA PHE D 304 -25.75 -9.36 12.73
C PHE D 304 -24.52 -8.77 12.00
N GLY D 305 -24.40 -9.03 10.70
CA GLY D 305 -23.43 -8.33 9.86
C GLY D 305 -22.24 -9.00 9.24
N LEU D 306 -21.90 -10.19 9.73
CA LEU D 306 -20.79 -10.92 9.17
C LEU D 306 -21.15 -11.31 7.74
N ALA D 307 -20.40 -10.75 6.80
CA ALA D 307 -20.61 -10.92 5.36
C ALA D 307 -19.55 -11.78 4.72
N ARG D 308 -19.94 -12.65 3.76
CA ARG D 308 -18.94 -13.49 3.10
C ARG D 308 -17.96 -12.69 2.26
N GLU D 309 -18.37 -11.52 1.73
CA GLU D 309 -17.44 -10.70 0.94
C GLU D 309 -16.34 -10.04 1.80
N GLY D 310 -16.56 -10.03 3.11
CA GLY D 310 -15.69 -9.45 4.11
C GLY D 310 -16.33 -8.25 4.78
N ASN D 311 -15.66 -7.74 5.82
CA ASN D 311 -16.09 -6.60 6.63
C ASN D 311 -14.85 -5.77 6.97
N HIS D 312 -15.00 -4.45 7.20
CA HIS D 312 -13.91 -3.58 7.66
C HIS D 312 -14.42 -2.40 8.45
N LYS D 313 -13.60 -1.88 9.37
CA LYS D 313 -13.93 -0.73 10.23
C LYS D 313 -13.72 0.55 9.40
N PRO D 314 -14.41 1.68 9.69
CA PRO D 314 -14.18 2.91 8.89
C PRO D 314 -12.86 3.63 9.15
N ILE D 315 -11.73 2.96 8.83
CA ILE D 315 -10.34 3.40 9.01
C ILE D 315 -9.52 3.09 7.78
N ASP D 316 -8.39 3.79 7.60
CA ASP D 316 -7.47 3.55 6.49
C ASP D 316 -6.52 2.39 6.90
N TYR D 317 -6.75 1.21 6.31
CA TYR D 317 -5.94 0.03 6.58
C TYR D 317 -4.55 0.10 5.94
N LEU D 318 -4.38 0.97 4.94
CA LEU D 318 -3.07 1.16 4.30
C LEU D 318 -2.19 2.24 4.95
N ASN D 319 -2.58 2.66 6.17
CA ASN D 319 -1.87 3.63 7.01
C ASN D 319 -1.71 3.04 8.41
N ALA E 3 12.83 59.93 -1.43
CA ALA E 3 12.02 59.14 -0.50
C ALA E 3 12.64 59.09 0.89
N LYS E 4 11.81 59.03 1.95
CA LYS E 4 12.26 59.00 3.34
C LYS E 4 13.30 57.92 3.64
N SER E 5 13.02 56.69 3.19
CA SER E 5 13.84 55.49 3.34
C SER E 5 15.16 55.56 2.54
N ARG E 6 15.30 56.54 1.63
CA ARG E 6 16.53 56.76 0.86
C ARG E 6 17.11 58.18 1.03
N THR E 7 16.76 58.90 2.13
CA THR E 7 17.30 60.23 2.44
C THR E 7 18.28 60.03 3.61
N ILE E 8 19.57 60.25 3.34
CA ILE E 8 20.67 59.92 4.25
C ILE E 8 21.57 61.09 4.62
N GLY E 9 22.06 61.03 5.86
CA GLY E 9 23.05 61.93 6.43
C GLY E 9 24.22 61.09 6.88
N ILE E 10 25.36 61.19 6.20
CA ILE E 10 26.56 60.42 6.49
C ILE E 10 27.37 61.14 7.58
N ILE E 11 27.76 60.38 8.61
CA ILE E 11 28.63 60.87 9.68
C ILE E 11 29.82 59.91 9.79
N GLY E 12 31.02 60.44 9.59
CA GLY E 12 32.25 59.68 9.78
C GLY E 12 32.62 59.76 11.25
N ALA E 13 32.97 58.61 11.87
CA ALA E 13 33.38 58.57 13.28
C ALA E 13 34.73 57.85 13.42
N PRO E 14 35.84 58.53 12.99
CA PRO E 14 37.16 57.87 13.01
C PRO E 14 37.75 57.70 14.41
N PHE E 15 37.22 56.75 15.18
CA PHE E 15 37.54 56.56 16.58
C PHE E 15 37.87 55.11 16.90
N SER E 16 38.97 54.88 17.62
CA SER E 16 39.43 53.53 17.93
C SER E 16 39.65 53.17 19.40
N LYS E 17 39.62 54.16 20.30
CA LYS E 17 39.95 54.00 21.71
C LYS E 17 38.91 53.24 22.56
N GLY E 18 37.87 52.71 21.96
CA GLY E 18 36.94 51.86 22.68
C GLY E 18 37.43 50.40 22.73
N GLN E 19 38.55 50.11 22.05
CA GLN E 19 39.22 48.81 21.96
C GLN E 19 40.73 48.97 21.78
N PRO E 20 41.57 47.90 21.91
CA PRO E 20 43.03 48.11 21.83
C PRO E 20 43.71 48.01 20.46
N ARG E 21 43.00 47.60 19.40
CA ARG E 21 43.62 47.39 18.09
C ARG E 21 43.59 48.63 17.20
N GLY E 22 44.77 49.14 16.85
CA GLY E 22 44.87 50.30 15.97
C GLY E 22 44.37 49.97 14.58
N GLY E 23 43.74 50.96 13.94
CA GLY E 23 43.25 50.85 12.57
C GLY E 23 41.77 51.03 12.34
N VAL E 24 40.95 50.76 13.36
CA VAL E 24 39.50 50.87 13.22
C VAL E 24 39.07 52.33 12.96
N GLU E 25 39.93 53.31 13.27
CA GLU E 25 39.69 54.73 13.00
C GLU E 25 39.76 55.03 11.49
N GLU E 26 40.32 54.10 10.69
CA GLU E 26 40.45 54.21 9.23
C GLU E 26 39.23 53.66 8.50
N GLY E 27 38.27 53.13 9.23
CA GLY E 27 37.02 52.60 8.70
C GLY E 27 36.24 53.61 7.86
N PRO E 28 35.97 54.86 8.32
CA PRO E 28 35.28 55.83 7.44
C PRO E 28 36.00 56.15 6.13
N THR E 29 37.33 56.26 6.16
CA THR E 29 38.18 56.56 5.02
C THR E 29 38.05 55.46 3.95
N VAL E 30 38.26 54.20 4.35
CA VAL E 30 38.21 53.07 3.42
C VAL E 30 36.79 52.85 2.87
N LEU E 31 35.71 53.04 3.68
CA LEU E 31 34.34 52.93 3.19
C LEU E 31 34.00 54.04 2.15
N ARG E 32 34.53 55.26 2.37
CA ARG E 32 34.38 56.38 1.42
C ARG E 32 35.18 56.11 0.13
N LYS E 33 36.44 55.62 0.25
CA LYS E 33 37.32 55.31 -0.89
C LYS E 33 36.73 54.24 -1.78
N ALA E 34 35.93 53.32 -1.19
CA ALA E 34 35.25 52.27 -1.95
C ALA E 34 34.09 52.83 -2.83
N GLY E 35 33.71 54.10 -2.61
CA GLY E 35 32.67 54.75 -3.42
C GLY E 35 31.27 54.63 -2.87
N LEU E 36 31.17 54.46 -1.53
CA LEU E 36 29.87 54.31 -0.85
C LEU E 36 28.88 55.44 -1.18
N LEU E 37 29.29 56.72 -1.08
CA LEU E 37 28.44 57.87 -1.36
C LEU E 37 27.91 57.86 -2.79
N GLU E 38 28.81 57.63 -3.77
CA GLU E 38 28.50 57.55 -5.20
C GLU E 38 27.53 56.42 -5.47
N LYS E 39 27.81 55.23 -4.90
CA LYS E 39 26.96 54.03 -5.03
C LYS E 39 25.54 54.27 -4.51
N LEU E 40 25.42 54.99 -3.39
CA LEU E 40 24.13 55.32 -2.81
C LEU E 40 23.38 56.30 -3.71
N LYS E 41 24.09 57.31 -4.27
CA LYS E 41 23.49 58.28 -5.21
C LYS E 41 22.97 57.62 -6.50
N GLU E 42 23.65 56.57 -6.97
CA GLU E 42 23.27 55.78 -8.15
C GLU E 42 22.04 54.90 -7.91
N GLN E 43 21.58 54.85 -6.66
CA GLN E 43 20.50 54.01 -6.15
C GLN E 43 19.31 54.88 -5.75
N GLU E 44 19.25 56.12 -6.28
CA GLU E 44 18.18 57.12 -6.04
C GLU E 44 18.16 57.64 -4.59
N CYS E 45 19.32 57.66 -3.94
CA CYS E 45 19.44 58.17 -2.58
C CYS E 45 19.79 59.67 -2.60
N ASP E 46 19.24 60.41 -1.64
CA ASP E 46 19.55 61.82 -1.43
C ASP E 46 20.54 61.76 -0.26
N VAL E 47 21.83 61.86 -0.60
CA VAL E 47 22.94 61.77 0.33
C VAL E 47 23.52 63.14 0.63
N LYS E 48 23.62 63.48 1.91
CA LYS E 48 24.28 64.64 2.44
C LYS E 48 25.38 64.10 3.35
N ASP E 49 26.59 64.55 3.11
CA ASP E 49 27.75 64.16 3.89
C ASP E 49 28.06 65.23 4.96
N TYR E 50 27.87 64.86 6.25
CA TYR E 50 28.15 65.71 7.40
C TYR E 50 29.62 65.70 7.81
N GLY E 51 30.45 64.99 7.04
CA GLY E 51 31.89 64.89 7.27
C GLY E 51 32.31 63.93 8.36
N ASP E 52 33.61 63.95 8.66
CA ASP E 52 34.23 63.11 9.68
C ASP E 52 34.39 63.94 10.93
N LEU E 53 33.91 63.41 12.06
CA LEU E 53 34.02 64.15 13.31
C LEU E 53 35.48 64.28 13.75
N PRO E 54 35.87 65.50 14.22
CA PRO E 54 37.23 65.65 14.76
C PRO E 54 37.19 65.15 16.20
N PHE E 55 38.05 64.19 16.55
CA PHE E 55 38.07 63.70 17.93
C PHE E 55 39.38 64.10 18.52
N ALA E 56 39.37 65.24 19.22
CA ALA E 56 40.55 65.83 19.85
C ALA E 56 41.08 64.89 20.92
N ASP E 57 42.40 64.73 20.89
CA ASP E 57 43.16 63.89 21.78
C ASP E 57 42.99 64.31 23.23
N ILE E 58 42.75 63.32 24.09
CA ILE E 58 42.64 63.53 25.53
C ILE E 58 43.89 62.88 26.14
N PRO E 59 44.95 63.66 26.41
CA PRO E 59 46.13 63.06 27.06
C PRO E 59 45.82 62.85 28.56
N ASN E 60 46.52 61.92 29.21
CA ASN E 60 46.27 61.60 30.63
C ASN E 60 44.81 61.12 30.87
N ASP E 61 44.37 60.18 30.03
CA ASP E 61 43.04 59.61 30.16
C ASP E 61 43.23 58.25 30.85
N SER E 62 43.54 58.32 32.15
CA SER E 62 43.82 57.20 33.03
C SER E 62 42.60 56.28 33.18
N PRO E 63 42.78 54.97 33.41
CA PRO E 63 41.62 54.09 33.48
C PRO E 63 40.71 54.30 34.67
N PHE E 64 39.42 53.97 34.51
CA PHE E 64 38.47 53.95 35.60
C PHE E 64 38.47 52.46 35.95
N GLN E 65 39.22 52.07 37.01
CA GLN E 65 39.42 50.65 37.39
C GLN E 65 40.13 49.91 36.24
N ILE E 66 39.45 48.96 35.56
CA ILE E 66 40.03 48.23 34.42
C ILE E 66 39.65 48.89 33.08
N VAL E 67 38.64 49.80 33.12
CA VAL E 67 38.08 50.51 31.95
C VAL E 67 39.07 51.49 31.32
N LYS E 68 39.51 51.17 30.08
CA LYS E 68 40.52 51.93 29.32
C LYS E 68 39.91 53.08 28.53
N ASN E 69 40.66 54.21 28.49
CA ASN E 69 40.32 55.47 27.81
C ASN E 69 38.86 55.93 28.06
N PRO E 70 38.39 56.02 29.32
CA PRO E 70 36.98 56.40 29.54
C PRO E 70 36.56 57.77 29.03
N ARG E 71 37.40 58.81 29.27
CA ARG E 71 37.13 60.19 28.86
C ARG E 71 37.05 60.34 27.34
N SER E 72 37.96 59.70 26.61
CA SER E 72 38.02 59.68 25.14
C SER E 72 36.76 59.04 24.52
N VAL E 73 36.36 57.87 25.07
CA VAL E 73 35.18 57.14 24.61
C VAL E 73 33.92 57.93 24.93
N GLY E 74 33.86 58.45 26.15
CA GLY E 74 32.77 59.29 26.60
C GLY E 74 32.58 60.53 25.74
N LYS E 75 33.69 61.25 25.46
CA LYS E 75 33.68 62.46 24.64
C LYS E 75 33.32 62.20 23.17
N ALA E 76 33.89 61.14 22.57
CA ALA E 76 33.61 60.81 21.18
C ALA E 76 32.11 60.50 20.99
N SER E 77 31.53 59.70 21.91
CA SER E 77 30.09 59.36 21.87
C SER E 77 29.23 60.59 22.09
N GLU E 78 29.64 61.44 23.05
CA GLU E 78 28.95 62.69 23.35
C GLU E 78 28.84 63.60 22.13
N GLN E 79 29.95 63.77 21.40
CA GLN E 79 30.01 64.57 20.17
C GLN E 79 29.13 63.96 19.08
N LEU E 80 29.21 62.62 18.92
CA LEU E 80 28.43 61.86 17.95
C LEU E 80 26.94 61.95 18.23
N ALA E 81 26.54 61.94 19.51
CA ALA E 81 25.13 62.10 19.86
C ALA E 81 24.57 63.44 19.34
N GLY E 82 25.36 64.49 19.49
CA GLY E 82 24.95 65.81 19.01
C GLY E 82 24.83 65.87 17.50
N LYS E 83 25.79 65.23 16.80
CA LYS E 83 25.82 65.18 15.34
C LYS E 83 24.65 64.33 14.79
N VAL E 84 24.33 63.17 15.43
CA VAL E 84 23.22 62.28 15.03
C VAL E 84 21.88 62.99 15.21
N ALA E 85 21.70 63.74 16.34
CA ALA E 85 20.48 64.48 16.65
C ALA E 85 20.21 65.56 15.61
N GLU E 86 21.27 66.25 15.16
CA GLU E 86 21.24 67.26 14.09
C GLU E 86 20.77 66.67 12.76
N VAL E 87 21.33 65.51 12.36
CA VAL E 87 20.97 64.78 11.12
C VAL E 87 19.49 64.34 11.24
N LYS E 88 19.10 63.82 12.42
CA LYS E 88 17.73 63.38 12.65
C LYS E 88 16.71 64.52 12.58
N LYS E 89 17.10 65.73 13.02
CA LYS E 89 16.28 66.94 12.99
C LYS E 89 16.12 67.45 11.57
N ASN E 90 17.12 67.15 10.71
CA ASN E 90 17.13 67.50 9.28
C ASN E 90 16.33 66.51 8.41
N GLY E 91 15.60 65.59 9.05
CA GLY E 91 14.78 64.61 8.35
C GLY E 91 15.54 63.56 7.54
N ARG E 92 16.75 63.24 7.97
CA ARG E 92 17.58 62.24 7.29
C ARG E 92 17.84 61.03 8.18
N ILE E 93 18.09 59.86 7.54
CA ILE E 93 18.49 58.65 8.22
C ILE E 93 20.00 58.86 8.55
N SER E 94 20.38 58.74 9.82
CA SER E 94 21.78 58.88 10.19
C SER E 94 22.56 57.60 9.81
N LEU E 95 23.72 57.79 9.14
CA LEU E 95 24.57 56.68 8.71
C LEU E 95 25.94 56.94 9.31
N VAL E 96 26.23 56.21 10.39
CA VAL E 96 27.48 56.35 11.14
C VAL E 96 28.48 55.35 10.61
N LEU E 97 29.60 55.86 10.10
CA LEU E 97 30.71 55.05 9.63
C LEU E 97 31.76 54.99 10.74
N GLY E 98 31.90 53.82 11.35
CA GLY E 98 32.86 53.61 12.42
C GLY E 98 34.20 53.13 11.92
N GLY E 99 35.19 53.01 12.81
CA GLY E 99 35.01 53.28 14.24
C GLY E 99 34.50 52.09 15.03
N ASP E 100 35.03 51.92 16.27
CA ASP E 100 34.64 50.82 17.14
C ASP E 100 33.21 51.03 17.64
N HIS E 101 32.59 49.95 18.13
CA HIS E 101 31.22 49.86 18.57
C HIS E 101 30.87 50.63 19.83
N SER E 102 31.85 51.19 20.60
CA SER E 102 31.52 52.05 21.75
C SER E 102 30.76 53.32 21.29
N LEU E 103 30.97 53.71 20.04
CA LEU E 103 30.30 54.83 19.39
C LEU E 103 28.77 54.71 19.30
N ALA E 104 28.22 53.50 19.51
CA ALA E 104 26.78 53.23 19.53
C ALA E 104 26.15 53.95 20.70
N ILE E 105 26.91 54.22 21.77
CA ILE E 105 26.42 55.02 22.90
C ILE E 105 25.93 56.36 22.33
N GLY E 106 26.77 57.05 21.58
CA GLY E 106 26.44 58.34 21.00
C GLY E 106 25.42 58.28 19.89
N SER E 107 25.53 57.26 19.03
CA SER E 107 24.64 57.11 17.89
C SER E 107 23.19 56.91 18.29
N ILE E 108 22.92 55.94 19.16
CA ILE E 108 21.55 55.71 19.63
C ILE E 108 21.13 56.86 20.56
N SER E 109 21.98 57.28 21.54
CA SER E 109 21.53 58.36 22.43
C SER E 109 21.06 59.57 21.62
N GLY E 110 21.85 59.93 20.61
CA GLY E 110 21.54 61.02 19.70
C GLY E 110 20.27 60.81 18.90
N HIS E 111 20.05 59.58 18.44
CA HIS E 111 18.88 59.17 17.67
C HIS E 111 17.64 59.20 18.59
N ALA E 112 17.76 58.68 19.84
CA ALA E 112 16.68 58.69 20.83
C ALA E 112 16.21 60.07 21.31
N ARG E 113 17.04 61.10 21.15
CA ARG E 113 16.65 62.48 21.47
C ARG E 113 15.57 62.98 20.48
N VAL E 114 15.63 62.55 19.23
CA VAL E 114 14.68 62.95 18.20
C VAL E 114 13.56 61.90 18.10
N HIS E 115 13.90 60.60 18.23
CA HIS E 115 12.92 59.52 18.19
C HIS E 115 13.00 58.64 19.45
N PRO E 116 12.36 59.06 20.57
CA PRO E 116 12.48 58.27 21.81
C PRO E 116 11.81 56.90 21.80
N ASP E 117 10.93 56.65 20.82
CA ASP E 117 10.18 55.40 20.66
C ASP E 117 10.93 54.36 19.78
N LEU E 118 12.19 54.63 19.42
CA LEU E 118 12.98 53.74 18.55
C LEU E 118 13.20 52.34 19.14
N GLY E 119 13.34 51.35 18.26
CA GLY E 119 13.64 49.97 18.63
C GLY E 119 14.90 49.64 17.88
N VAL E 120 15.88 49.05 18.53
CA VAL E 120 17.21 48.70 18.00
C VAL E 120 17.25 47.25 17.44
N ILE E 121 18.01 47.01 16.40
CA ILE E 121 18.38 45.69 15.88
C ILE E 121 19.91 45.71 15.99
N TRP E 122 20.45 44.81 16.82
CA TRP E 122 21.90 44.73 17.07
C TRP E 122 22.53 43.48 16.40
N VAL E 123 23.17 43.71 15.21
CA VAL E 123 23.77 42.62 14.43
C VAL E 123 25.26 42.52 14.84
N ASP E 124 25.61 41.39 15.48
CA ASP E 124 26.92 41.25 16.10
C ASP E 124 27.10 39.81 16.55
N ALA E 125 28.36 39.34 16.67
CA ALA E 125 28.64 38.05 17.28
C ALA E 125 28.52 38.22 18.81
N HIS E 126 28.62 39.49 19.27
CA HIS E 126 28.73 39.96 20.63
C HIS E 126 27.53 40.74 21.14
N THR E 127 27.26 40.63 22.44
CA THR E 127 26.12 41.33 23.03
C THR E 127 26.53 42.77 23.37
N ASP E 128 27.84 43.06 23.52
CA ASP E 128 28.33 44.38 23.92
C ASP E 128 27.60 44.96 25.14
N ILE E 129 27.20 44.13 26.09
CA ILE E 129 26.35 44.49 27.23
C ILE E 129 27.08 44.35 28.58
N ASN E 130 28.40 44.17 28.57
CA ASN E 130 29.17 44.17 29.81
C ASN E 130 29.04 45.54 30.46
N THR E 131 29.07 45.60 31.79
CA THR E 131 29.01 46.89 32.49
C THR E 131 30.46 47.23 32.83
N PRO E 132 30.81 48.48 33.26
CA PRO E 132 32.20 48.74 33.71
C PRO E 132 32.66 47.86 34.89
N LEU E 133 31.73 47.14 35.53
CA LEU E 133 32.02 46.24 36.63
C LEU E 133 32.06 44.76 36.22
N THR E 134 31.31 44.33 35.17
CA THR E 134 31.39 42.93 34.72
C THR E 134 32.53 42.70 33.69
N THR E 135 32.99 43.75 33.04
CA THR E 135 34.06 43.66 32.05
C THR E 135 35.33 43.03 32.66
N THR E 136 36.03 42.19 31.87
CA THR E 136 37.31 41.59 32.29
C THR E 136 38.44 42.16 31.41
N SER E 137 38.07 42.79 30.29
CA SER E 137 38.99 43.38 29.33
C SER E 137 39.16 44.90 29.55
N GLY E 138 38.10 45.55 30.05
CA GLY E 138 38.04 46.99 30.21
C GLY E 138 37.86 47.78 28.91
N ASN E 139 37.57 47.08 27.77
CA ASN E 139 37.37 47.68 26.44
C ASN E 139 35.92 48.11 26.27
N LEU E 140 35.71 49.43 26.07
CA LEU E 140 34.37 49.99 26.06
C LEU E 140 33.50 49.62 24.86
N HIS E 141 34.06 49.09 23.77
CA HIS E 141 33.30 48.57 22.63
C HIS E 141 32.50 47.29 23.00
N GLY E 142 32.77 46.71 24.18
CA GLY E 142 32.12 45.51 24.70
C GLY E 142 31.12 45.84 25.77
N GLN E 143 30.77 47.14 25.89
CA GLN E 143 29.91 47.66 26.93
C GLN E 143 28.86 48.66 26.47
N PRO E 144 28.74 49.13 25.18
CA PRO E 144 27.79 50.21 24.88
C PRO E 144 26.35 49.97 25.30
N VAL E 145 25.83 48.74 25.17
CA VAL E 145 24.44 48.42 25.50
C VAL E 145 24.13 48.63 27.00
N SER E 146 25.09 48.32 27.88
CA SER E 146 24.90 48.50 29.33
C SER E 146 24.66 49.98 29.69
N PHE E 147 25.34 50.91 29.00
CA PHE E 147 25.17 52.37 29.21
C PHE E 147 23.80 52.86 28.72
N LEU E 148 23.24 52.20 27.71
CA LEU E 148 21.97 52.59 27.10
C LEU E 148 20.70 52.02 27.74
N LEU E 149 20.79 50.90 28.47
CA LEU E 149 19.62 50.25 29.06
C LEU E 149 19.13 50.88 30.36
N LYS E 150 17.84 51.26 30.38
CA LYS E 150 17.16 51.84 31.54
C LYS E 150 17.14 50.89 32.72
N GLU E 151 17.00 49.57 32.47
CA GLU E 151 17.00 48.51 33.48
C GLU E 151 18.34 48.35 34.21
N LEU E 152 19.42 48.88 33.65
CA LEU E 152 20.76 48.77 34.25
C LEU E 152 21.20 50.04 34.95
N LYS E 153 20.28 51.02 35.08
CA LYS E 153 20.51 52.26 35.82
C LYS E 153 20.66 51.85 37.29
N GLY E 154 21.81 52.15 37.87
CA GLY E 154 22.14 51.72 39.22
C GLY E 154 23.20 50.64 39.25
N LYS E 155 23.47 50.05 38.08
CA LYS E 155 24.49 49.01 37.89
C LYS E 155 25.68 49.58 37.13
N ILE E 156 25.54 50.82 36.63
CA ILE E 156 26.59 51.54 35.91
C ILE E 156 27.22 52.53 36.89
N PRO E 157 28.51 52.38 37.24
CA PRO E 157 29.14 53.36 38.14
C PRO E 157 29.40 54.69 37.42
N ASP E 158 29.77 55.73 38.16
CA ASP E 158 30.07 57.04 37.58
C ASP E 158 31.43 56.98 36.90
N VAL E 159 31.44 56.72 35.59
CA VAL E 159 32.65 56.60 34.78
C VAL E 159 33.00 57.98 34.20
N PRO E 160 34.27 58.44 34.37
CA PRO E 160 34.66 59.74 33.80
C PRO E 160 34.46 59.79 32.29
N GLY E 161 33.74 60.84 31.83
CA GLY E 161 33.40 61.08 30.44
C GLY E 161 31.97 60.73 30.08
N PHE E 162 31.25 60.07 30.99
CA PHE E 162 29.91 59.57 30.72
C PHE E 162 28.77 60.19 31.53
N SER E 163 29.00 61.34 32.23
CA SER E 163 27.96 62.01 33.00
C SER E 163 26.78 62.51 32.15
N TRP E 164 27.02 62.76 30.87
CA TRP E 164 26.01 63.22 29.90
C TRP E 164 25.00 62.11 29.54
N VAL E 165 25.37 60.82 29.71
CA VAL E 165 24.58 59.63 29.39
C VAL E 165 23.37 59.45 30.29
N THR E 166 22.19 59.35 29.67
CA THR E 166 20.94 58.99 30.31
C THR E 166 20.45 57.74 29.53
N PRO E 167 20.29 56.58 30.17
CA PRO E 167 19.75 55.40 29.43
C PRO E 167 18.45 55.73 28.70
N CYS E 168 18.42 55.46 27.41
CA CYS E 168 17.33 55.81 26.52
C CYS E 168 16.52 54.61 25.98
N ILE E 169 16.96 53.37 26.27
CA ILE E 169 16.24 52.20 25.76
C ILE E 169 15.92 51.18 26.85
N SER E 170 14.74 50.58 26.75
CA SER E 170 14.34 49.50 27.66
C SER E 170 14.80 48.15 27.06
N ALA E 171 15.01 47.15 27.91
CA ALA E 171 15.41 45.80 27.54
C ALA E 171 14.50 45.19 26.44
N LYS E 172 13.23 45.63 26.37
CA LYS E 172 12.26 45.16 25.39
C LYS E 172 12.36 45.85 24.03
N ASP E 173 13.19 46.89 23.93
CA ASP E 173 13.32 47.67 22.70
C ASP E 173 14.54 47.31 21.83
N ILE E 174 15.17 46.17 22.10
CA ILE E 174 16.38 45.73 21.42
C ILE E 174 16.24 44.25 21.04
N VAL E 175 16.67 43.93 19.80
CA VAL E 175 16.74 42.54 19.34
C VAL E 175 18.16 42.31 18.88
N TYR E 176 18.82 41.25 19.41
CA TYR E 176 20.15 40.82 18.95
C TYR E 176 20.00 39.78 17.86
N ILE E 177 20.89 39.82 16.85
CA ILE E 177 20.96 38.81 15.80
C ILE E 177 22.42 38.45 15.53
N GLY E 178 22.76 37.16 15.59
CA GLY E 178 24.09 36.69 15.22
C GLY E 178 25.08 36.37 16.32
N LEU E 179 24.60 36.34 17.57
CA LEU E 179 25.35 36.08 18.79
C LEU E 179 25.96 34.68 18.82
N ARG E 180 27.20 34.64 19.26
CA ARG E 180 27.95 33.38 19.37
C ARG E 180 29.19 33.53 20.28
N ASP E 181 29.40 34.69 20.96
CA ASP E 181 30.56 34.89 21.83
C ASP E 181 30.20 35.81 22.99
N VAL E 182 29.35 35.23 23.86
CA VAL E 182 28.76 35.96 24.98
C VAL E 182 29.49 35.64 26.30
N ASP E 183 29.98 36.68 27.00
CA ASP E 183 30.66 36.51 28.31
C ASP E 183 29.67 36.07 29.42
N PRO E 184 30.09 35.32 30.46
CA PRO E 184 29.13 34.90 31.51
C PRO E 184 28.25 36.02 32.12
N GLY E 185 28.86 37.18 32.44
CA GLY E 185 28.19 38.34 33.00
C GLY E 185 27.13 38.84 32.02
N GLU E 186 27.49 38.87 30.72
CA GLU E 186 26.58 39.24 29.63
C GLU E 186 25.45 38.25 29.46
N HIS E 187 25.73 36.95 29.55
CA HIS E 187 24.68 35.94 29.43
C HIS E 187 23.69 36.07 30.60
N TYR E 188 24.22 36.29 31.82
CA TYR E 188 23.43 36.53 33.02
C TYR E 188 22.51 37.74 32.79
N ILE E 189 23.05 38.90 32.34
CA ILE E 189 22.29 40.12 32.04
C ILE E 189 21.19 39.85 31.00
N LEU E 190 21.58 39.24 29.88
CA LEU E 190 20.72 38.88 28.76
C LEU E 190 19.53 38.05 29.23
N LYS E 191 19.79 37.05 30.10
CA LYS E 191 18.71 36.18 30.60
C LYS E 191 17.85 36.82 31.68
N THR E 192 18.44 37.51 32.67
CA THR E 192 17.68 38.11 33.78
C THR E 192 16.87 39.34 33.33
N LEU E 193 17.30 40.03 32.27
CA LEU E 193 16.53 41.18 31.76
C LEU E 193 15.51 40.75 30.72
N GLY E 194 15.57 39.48 30.29
CA GLY E 194 14.67 38.89 29.31
C GLY E 194 14.71 39.56 27.95
N ILE E 195 15.90 39.95 27.48
CA ILE E 195 16.14 40.59 26.17
C ILE E 195 15.88 39.58 25.05
N LYS E 196 15.21 40.00 23.97
CA LYS E 196 14.96 39.18 22.79
C LYS E 196 16.26 39.03 22.00
N TYR E 197 16.61 37.80 21.63
CA TYR E 197 17.83 37.54 20.87
C TYR E 197 17.70 36.30 19.99
N PHE E 198 18.45 36.32 18.89
CA PHE E 198 18.59 35.20 17.97
C PHE E 198 20.11 34.97 17.92
N SER E 199 20.60 34.03 18.72
CA SER E 199 22.00 33.66 18.62
C SER E 199 22.10 32.80 17.32
N MET E 200 23.30 32.39 16.91
CA MET E 200 23.46 31.55 15.74
C MET E 200 22.58 30.29 15.88
N THR E 201 22.36 29.81 17.09
CA THR E 201 21.56 28.63 17.41
C THR E 201 20.12 28.80 16.94
N GLU E 202 19.51 29.97 17.18
CA GLU E 202 18.16 30.31 16.74
C GLU E 202 18.14 30.48 15.21
N VAL E 203 19.20 31.13 14.64
CA VAL E 203 19.33 31.29 13.20
C VAL E 203 19.35 29.90 12.50
N ASP E 204 20.09 28.95 13.04
CA ASP E 204 20.20 27.57 12.56
C ASP E 204 18.89 26.85 12.70
N ARG E 205 18.19 27.01 13.85
CA ARG E 205 16.90 26.39 14.12
C ARG E 205 15.80 26.87 13.17
N LEU E 206 15.69 28.20 13.03
CA LEU E 206 14.59 28.83 12.30
C LEU E 206 14.83 29.18 10.85
N GLY E 207 16.07 29.51 10.49
CA GLY E 207 16.43 30.07 9.19
C GLY E 207 16.30 31.57 9.35
N ILE E 208 17.03 32.34 8.55
CA ILE E 208 16.99 33.80 8.60
C ILE E 208 15.61 34.43 8.25
N GLY E 209 14.78 33.74 7.47
CA GLY E 209 13.44 34.19 7.10
C GLY E 209 12.53 34.37 8.30
N LYS E 210 12.40 33.32 9.11
CA LYS E 210 11.64 33.35 10.36
C LYS E 210 12.32 34.26 11.40
N VAL E 211 13.67 34.33 11.44
CA VAL E 211 14.39 35.24 12.34
C VAL E 211 13.97 36.69 12.11
N MET E 212 13.91 37.11 10.84
CA MET E 212 13.47 38.46 10.47
C MET E 212 11.99 38.71 10.69
N GLU E 213 11.15 37.71 10.44
CA GLU E 213 9.71 37.77 10.66
C GLU E 213 9.42 38.03 12.14
N GLU E 214 10.10 37.27 13.03
CA GLU E 214 9.99 37.39 14.48
C GLU E 214 10.56 38.69 15.00
N THR E 215 11.76 39.11 14.50
CA THR E 215 12.39 40.36 14.91
C THR E 215 11.48 41.54 14.60
N LEU E 216 11.02 41.64 13.35
CA LEU E 216 10.20 42.79 12.94
C LEU E 216 8.82 42.80 13.62
N SER E 217 8.21 41.62 13.82
CA SER E 217 6.93 41.47 14.49
C SER E 217 7.06 41.87 15.97
N TYR E 218 8.14 41.40 16.65
CA TYR E 218 8.40 41.73 18.05
C TYR E 218 8.64 43.24 18.22
N LEU E 219 9.31 43.92 17.28
CA LEU E 219 9.57 45.34 17.46
C LEU E 219 8.47 46.26 16.95
N LEU E 220 7.79 45.86 15.87
CA LEU E 220 6.82 46.70 15.17
C LEU E 220 5.36 46.29 15.26
N GLY E 221 5.09 45.10 15.81
CA GLY E 221 3.75 44.54 15.92
C GLY E 221 2.68 45.46 16.47
N ARG E 222 2.93 46.05 17.66
CA ARG E 222 2.06 46.98 18.40
C ARG E 222 1.75 48.24 17.58
N LYS E 223 2.81 48.87 17.03
CA LYS E 223 2.74 50.08 16.21
C LYS E 223 4.07 50.30 15.48
N LYS E 224 4.03 50.93 14.29
CA LYS E 224 5.20 51.31 13.52
C LYS E 224 6.01 52.28 14.38
N ARG E 225 7.33 52.08 14.44
CA ARG E 225 8.25 52.92 15.21
C ARG E 225 9.58 52.96 14.49
N PRO E 226 10.40 53.99 14.73
CA PRO E 226 11.70 54.06 14.01
C PRO E 226 12.65 52.91 14.35
N ILE E 227 13.44 52.48 13.35
CA ILE E 227 14.41 51.40 13.53
C ILE E 227 15.84 51.92 13.49
N HIS E 228 16.64 51.56 14.52
CA HIS E 228 18.08 51.81 14.57
C HIS E 228 18.76 50.45 14.40
N LEU E 229 19.53 50.32 13.36
CA LEU E 229 20.25 49.08 13.14
C LEU E 229 21.69 49.37 13.49
N SER E 230 22.23 48.71 14.51
CA SER E 230 23.65 48.85 14.83
C SER E 230 24.36 47.59 14.34
N PHE E 231 25.04 47.71 13.21
CA PHE E 231 25.69 46.60 12.54
C PHE E 231 27.17 46.51 12.84
N ASP E 232 27.56 45.41 13.56
CA ASP E 232 28.96 45.11 13.78
C ASP E 232 29.29 44.12 12.70
N VAL E 233 30.32 44.42 11.90
CA VAL E 233 30.71 43.59 10.77
C VAL E 233 31.14 42.20 11.28
N ASP E 234 31.51 42.07 12.58
CA ASP E 234 31.84 40.74 13.13
C ASP E 234 30.59 39.84 13.38
N GLY E 235 29.42 40.39 13.13
CA GLY E 235 28.14 39.67 13.11
C GLY E 235 28.15 38.66 11.98
N LEU E 236 28.83 39.03 10.87
CA LEU E 236 29.05 38.16 9.69
C LEU E 236 30.29 37.32 9.90
N ASP E 237 30.29 36.12 9.32
CA ASP E 237 31.37 35.15 9.35
C ASP E 237 32.70 35.77 8.87
N PRO E 238 33.82 35.42 9.52
CA PRO E 238 35.15 35.92 9.09
C PRO E 238 35.53 35.57 7.64
N SER E 239 34.82 34.63 6.98
CA SER E 239 35.09 34.37 5.54
C SER E 239 34.56 35.53 4.66
N PHE E 240 33.72 36.43 5.25
CA PHE E 240 33.19 37.62 4.55
C PHE E 240 33.77 38.93 5.07
N THR E 241 33.88 39.08 6.41
CA THR E 241 34.42 40.28 7.04
C THR E 241 35.64 39.94 7.91
N PRO E 242 36.78 39.48 7.33
CA PRO E 242 37.94 39.12 8.17
C PRO E 242 38.72 40.28 8.81
N ALA E 243 38.73 41.47 8.18
CA ALA E 243 39.43 42.66 8.70
C ALA E 243 38.57 43.36 9.77
N THR E 244 38.56 42.74 10.96
CA THR E 244 37.79 43.15 12.14
C THR E 244 38.54 42.64 13.39
N GLY E 245 38.37 43.36 14.49
CA GLY E 245 39.07 43.11 15.75
C GLY E 245 38.82 41.81 16.48
N THR E 246 37.56 41.40 16.56
CA THR E 246 37.11 40.23 17.32
C THR E 246 36.34 39.25 16.41
N PRO E 247 37.01 38.60 15.41
CA PRO E 247 36.29 37.62 14.56
C PRO E 247 35.96 36.33 15.29
N VAL E 248 34.75 35.80 15.04
CA VAL E 248 34.27 34.57 15.64
C VAL E 248 33.72 33.70 14.53
N VAL E 249 34.17 32.44 14.47
CA VAL E 249 33.77 31.47 13.44
C VAL E 249 32.30 31.12 13.55
N GLY E 250 31.74 30.58 12.49
CA GLY E 250 30.33 30.20 12.44
C GLY E 250 29.36 31.37 12.44
N GLY E 251 29.70 32.49 11.79
CA GLY E 251 28.81 33.64 11.72
C GLY E 251 27.72 33.65 10.66
N LEU E 252 27.04 34.75 10.58
CA LEU E 252 25.98 34.95 9.60
C LEU E 252 26.62 35.01 8.23
N THR E 253 26.00 34.36 7.22
CA THR E 253 26.55 34.37 5.86
C THR E 253 26.34 35.74 5.18
N TYR E 254 26.99 35.95 4.03
CA TYR E 254 26.84 37.14 3.20
C TYR E 254 25.35 37.28 2.81
N ARG E 255 24.72 36.18 2.42
CA ARG E 255 23.30 36.10 2.05
C ARG E 255 22.40 36.47 3.25
N GLU E 256 22.68 35.93 4.45
CA GLU E 256 21.93 36.27 5.65
C GLU E 256 22.01 37.76 6.01
N GLY E 257 23.18 38.35 5.91
CA GLY E 257 23.39 39.79 6.12
C GLY E 257 22.59 40.64 5.17
N LEU E 258 22.55 40.26 3.88
CA LEU E 258 21.79 40.96 2.86
C LEU E 258 20.30 40.78 3.09
N TYR E 259 19.90 39.60 3.55
CA TYR E 259 18.51 39.33 3.85
C TYR E 259 17.99 40.18 4.99
N ILE E 260 18.77 40.31 6.09
CA ILE E 260 18.42 41.12 7.25
C ILE E 260 18.15 42.55 6.80
N THR E 261 19.12 43.15 6.06
CA THR E 261 19.11 44.55 5.63
C THR E 261 18.04 44.82 4.57
N GLU E 262 17.78 43.84 3.66
CA GLU E 262 16.73 43.94 2.66
C GLU E 262 15.39 44.02 3.38
N GLU E 263 15.15 43.13 4.37
CA GLU E 263 13.92 43.10 5.16
C GLU E 263 13.69 44.37 5.97
N ILE E 264 14.74 44.94 6.51
CA ILE E 264 14.69 46.21 7.26
C ILE E 264 14.33 47.33 6.30
N TYR E 265 15.00 47.41 5.14
CA TYR E 265 14.65 48.38 4.10
C TYR E 265 13.16 48.40 3.79
N LYS E 266 12.61 47.23 3.46
CA LYS E 266 11.22 47.01 3.11
C LYS E 266 10.19 47.48 4.15
N THR E 267 10.57 47.67 5.44
CA THR E 267 9.63 48.20 6.46
C THR E 267 9.36 49.69 6.18
N GLY E 268 10.35 50.38 5.61
CA GLY E 268 10.30 51.81 5.35
C GLY E 268 10.60 52.58 6.62
N LEU E 269 11.00 51.86 7.70
CA LEU E 269 11.21 52.41 9.04
C LEU E 269 12.66 52.56 9.49
N LEU E 270 13.65 52.29 8.61
CA LEU E 270 15.04 52.54 9.03
C LEU E 270 15.22 54.04 9.27
N SER E 271 15.82 54.39 10.41
CA SER E 271 15.94 55.77 10.89
C SER E 271 17.38 56.05 11.31
N GLY E 272 18.08 54.98 11.66
CA GLY E 272 19.48 55.08 12.02
C GLY E 272 20.27 53.85 11.63
N LEU E 273 21.52 54.02 11.26
CA LEU E 273 22.38 52.90 10.89
C LEU E 273 23.81 53.14 11.33
N ASP E 274 24.45 52.11 11.90
CA ASP E 274 25.85 52.09 12.30
C ASP E 274 26.55 50.99 11.55
N ILE E 275 27.68 51.29 10.89
CA ILE E 275 28.53 50.30 10.23
C ILE E 275 29.85 50.33 11.02
N MET E 276 30.04 49.31 11.85
CA MET E 276 31.10 49.29 12.85
C MET E 276 32.10 48.17 12.78
N GLU E 277 33.26 48.45 13.39
CA GLU E 277 34.36 47.51 13.58
C GLU E 277 35.10 47.12 12.27
N VAL E 278 34.98 47.92 11.22
CA VAL E 278 35.78 47.67 10.01
C VAL E 278 37.21 48.12 10.35
N ASN E 279 38.17 47.20 10.38
CA ASN E 279 39.54 47.55 10.66
C ASN E 279 40.45 47.18 9.48
N PRO E 280 40.75 48.17 8.60
CA PRO E 280 41.57 47.87 7.41
C PRO E 280 43.02 47.50 7.68
N SER E 281 43.50 47.61 8.93
CA SER E 281 44.87 47.14 9.19
C SER E 281 44.89 45.70 9.76
N LEU E 282 43.72 45.04 9.81
CA LEU E 282 43.62 43.69 10.36
C LEU E 282 43.38 42.58 9.34
N GLY E 283 43.56 42.89 8.06
CA GLY E 283 43.51 41.83 7.06
C GLY E 283 44.82 41.04 7.02
N LYS E 284 44.77 39.74 6.72
CA LYS E 284 45.97 38.90 6.54
C LYS E 284 46.63 39.20 5.18
N THR E 285 45.83 39.66 4.21
CA THR E 285 46.26 40.03 2.86
C THR E 285 45.55 41.33 2.51
N PRO E 286 45.97 42.08 1.46
CA PRO E 286 45.18 43.25 1.03
C PRO E 286 43.78 42.87 0.55
N GLU E 287 43.60 41.63 0.00
CA GLU E 287 42.32 41.12 -0.48
C GLU E 287 41.29 40.94 0.67
N GLU E 288 41.78 40.55 1.86
CA GLU E 288 40.92 40.40 3.05
C GLU E 288 40.30 41.73 3.46
N VAL E 289 41.05 42.83 3.30
CA VAL E 289 40.61 44.20 3.59
C VAL E 289 39.52 44.59 2.58
N THR E 290 39.78 44.44 1.26
CA THR E 290 38.81 44.80 0.22
C THR E 290 37.55 43.95 0.33
N ARG E 291 37.68 42.67 0.71
CA ARG E 291 36.54 41.78 0.92
C ARG E 291 35.64 42.30 2.04
N THR E 292 36.24 42.70 3.18
CA THR E 292 35.49 43.23 4.33
C THR E 292 34.77 44.52 3.97
N VAL E 293 35.49 45.47 3.32
CA VAL E 293 34.98 46.78 2.91
C VAL E 293 33.87 46.60 1.90
N ASN E 294 34.05 45.71 0.94
CA ASN E 294 33.01 45.42 -0.06
C ASN E 294 31.77 44.79 0.54
N THR E 295 31.92 43.93 1.55
CA THR E 295 30.78 43.32 2.23
C THR E 295 30.04 44.41 3.03
N ALA E 296 30.79 45.26 3.74
CA ALA E 296 30.22 46.39 4.49
C ALA E 296 29.47 47.38 3.55
N VAL E 297 29.97 47.61 2.34
CA VAL E 297 29.35 48.49 1.35
C VAL E 297 28.02 47.88 0.85
N ALA E 298 28.07 46.56 0.53
CA ALA E 298 26.94 45.78 0.06
C ALA E 298 25.86 45.77 1.10
N ILE E 299 26.19 45.59 2.40
CA ILE E 299 25.26 45.64 3.55
C ILE E 299 24.55 47.00 3.61
N THR E 300 25.30 48.07 3.56
CA THR E 300 24.77 49.44 3.62
C THR E 300 23.84 49.75 2.46
N LEU E 301 24.21 49.30 1.25
CA LEU E 301 23.44 49.56 0.04
C LEU E 301 22.13 48.83 0.17
N ALA E 302 22.13 47.62 0.77
CA ALA E 302 20.90 46.86 0.96
C ALA E 302 19.91 47.61 1.90
N CYS E 303 20.43 48.24 2.95
CA CYS E 303 19.64 49.04 3.89
C CYS E 303 18.82 50.14 3.22
N PHE E 304 19.32 50.72 2.10
CA PHE E 304 18.74 51.83 1.36
C PHE E 304 18.14 51.45 0.00
N GLY E 305 17.69 50.20 -0.10
CA GLY E 305 16.94 49.76 -1.27
C GLY E 305 17.52 48.79 -2.27
N LEU E 306 18.87 48.56 -2.27
CA LEU E 306 19.47 47.64 -3.21
C LEU E 306 18.94 46.19 -2.97
N ALA E 307 18.24 45.63 -3.99
CA ALA E 307 17.65 44.29 -3.88
C ALA E 307 18.31 43.29 -4.81
N ARG E 308 18.47 42.04 -4.37
CA ARG E 308 19.04 41.00 -5.22
C ARG E 308 18.11 40.59 -6.38
N GLU E 309 16.82 40.79 -6.28
CA GLU E 309 15.91 40.48 -7.41
C GLU E 309 15.99 41.54 -8.50
N GLY E 310 16.62 42.66 -8.17
CA GLY E 310 16.80 43.80 -9.05
C GLY E 310 16.01 45.01 -8.59
N ASN E 311 16.25 46.16 -9.20
CA ASN E 311 15.57 47.45 -8.95
C ASN E 311 15.38 48.12 -10.32
N HIS E 312 14.38 48.95 -10.46
CA HIS E 312 14.12 49.77 -11.66
C HIS E 312 13.45 51.10 -11.25
N LYS E 313 13.62 52.12 -12.08
CA LYS E 313 13.04 53.46 -11.89
C LYS E 313 11.56 53.44 -12.30
N PRO E 314 10.69 54.34 -11.78
CA PRO E 314 9.28 54.32 -12.22
C PRO E 314 9.02 54.90 -13.63
N ILE E 315 9.58 54.22 -14.66
CA ILE E 315 9.48 54.52 -16.09
C ILE E 315 9.18 53.21 -16.86
N ASP E 316 8.66 53.34 -18.10
CA ASP E 316 8.37 52.19 -18.94
C ASP E 316 9.64 51.82 -19.71
N TYR E 317 10.32 50.75 -19.30
CA TYR E 317 11.54 50.28 -19.95
C TYR E 317 11.26 49.60 -21.30
N LEU E 318 10.02 49.15 -21.53
CA LEU E 318 9.63 48.52 -22.79
C LEU E 318 9.18 49.54 -23.88
N ASN E 319 9.41 50.85 -23.62
CA ASN E 319 9.16 51.98 -24.51
C ASN E 319 10.44 52.82 -24.65
N ALA F 3 -57.79 -40.67 -10.21
CA ALA F 3 -57.37 -39.68 -11.21
C ALA F 3 -56.40 -40.29 -12.20
N LYS F 4 -56.41 -39.83 -13.47
CA LYS F 4 -55.56 -40.39 -14.53
C LYS F 4 -54.07 -40.39 -14.19
N SER F 5 -53.58 -39.25 -13.66
CA SER F 5 -52.19 -39.01 -13.27
C SER F 5 -51.77 -39.84 -12.03
N ARG F 6 -52.75 -40.49 -11.34
CA ARG F 6 -52.48 -41.34 -10.19
C ARG F 6 -53.01 -42.76 -10.36
N THR F 7 -53.26 -43.21 -11.61
CA THR F 7 -53.73 -44.59 -11.94
C THR F 7 -52.54 -45.32 -12.55
N ILE F 8 -52.02 -46.32 -11.83
CA ILE F 8 -50.76 -46.99 -12.14
C ILE F 8 -50.87 -48.51 -12.29
N GLY F 9 -50.05 -49.02 -13.19
CA GLY F 9 -49.83 -50.43 -13.46
C GLY F 9 -48.36 -50.73 -13.24
N ILE F 10 -48.02 -51.44 -12.14
CA ILE F 10 -46.65 -51.78 -11.77
C ILE F 10 -46.18 -53.01 -12.55
N ILE F 11 -45.01 -52.90 -13.20
CA ILE F 11 -44.38 -54.03 -13.87
C ILE F 11 -42.98 -54.20 -13.28
N GLY F 12 -42.70 -55.36 -12.72
CA GLY F 12 -41.35 -55.71 -12.27
C GLY F 12 -40.58 -56.28 -13.46
N ALA F 13 -39.34 -55.83 -13.68
CA ALA F 13 -38.51 -56.32 -14.78
C ALA F 13 -37.16 -56.79 -14.22
N PRO F 14 -37.12 -57.94 -13.49
CA PRO F 14 -35.87 -58.39 -12.85
C PRO F 14 -34.85 -58.93 -13.85
N PHE F 15 -34.18 -58.02 -14.56
CA PHE F 15 -33.26 -58.37 -15.63
C PHE F 15 -31.95 -57.63 -15.51
N SER F 16 -30.84 -58.34 -15.66
CA SER F 16 -29.51 -57.76 -15.51
C SER F 16 -28.54 -57.93 -16.68
N LYS F 17 -28.88 -58.78 -17.66
CA LYS F 17 -27.99 -59.14 -18.76
C LYS F 17 -27.76 -58.06 -19.84
N GLY F 18 -28.25 -56.84 -19.62
CA GLY F 18 -27.92 -55.71 -20.50
C GLY F 18 -26.62 -55.05 -20.08
N GLN F 19 -26.02 -55.52 -18.97
CA GLN F 19 -24.77 -55.03 -18.38
C GLN F 19 -24.05 -56.16 -17.63
N PRO F 20 -22.77 -56.02 -17.23
CA PRO F 20 -22.10 -57.16 -16.58
C PRO F 20 -22.14 -57.27 -15.06
N ARG F 21 -22.72 -56.30 -14.33
CA ARG F 21 -22.70 -56.33 -12.87
C ARG F 21 -23.94 -57.01 -12.29
N GLY F 22 -23.74 -58.12 -11.57
CA GLY F 22 -24.83 -58.87 -10.98
C GLY F 22 -25.53 -58.06 -9.91
N GLY F 23 -26.85 -58.21 -9.80
CA GLY F 23 -27.61 -57.57 -8.75
C GLY F 23 -28.72 -56.63 -9.12
N VAL F 24 -28.65 -56.00 -10.30
CA VAL F 24 -29.68 -55.06 -10.75
C VAL F 24 -31.03 -55.76 -10.96
N GLU F 25 -31.01 -57.13 -11.10
CA GLU F 25 -32.22 -57.96 -11.23
C GLU F 25 -33.02 -57.96 -9.90
N GLU F 26 -32.36 -57.59 -8.77
CA GLU F 26 -32.95 -57.48 -7.44
C GLU F 26 -33.58 -56.11 -7.17
N GLY F 27 -33.47 -55.17 -8.12
CA GLY F 27 -34.09 -53.85 -8.06
C GLY F 27 -35.59 -53.89 -7.82
N PRO F 28 -36.41 -54.69 -8.55
CA PRO F 28 -37.86 -54.71 -8.24
C PRO F 28 -38.20 -55.21 -6.83
N THR F 29 -37.47 -56.21 -6.33
CA THR F 29 -37.62 -56.82 -5.00
C THR F 29 -37.39 -55.74 -3.90
N VAL F 30 -36.26 -55.05 -3.96
CA VAL F 30 -35.89 -54.07 -2.95
C VAL F 30 -36.82 -52.85 -2.97
N LEU F 31 -37.30 -52.41 -4.16
CA LEU F 31 -38.24 -51.29 -4.26
C LEU F 31 -39.59 -51.68 -3.66
N ARG F 32 -40.03 -52.92 -3.86
CA ARG F 32 -41.27 -53.44 -3.28
C ARG F 32 -41.14 -53.55 -1.76
N LYS F 33 -40.01 -54.12 -1.26
CA LYS F 33 -39.73 -54.28 0.18
C LYS F 33 -39.71 -52.95 0.93
N ALA F 34 -39.33 -51.85 0.24
CA ALA F 34 -39.33 -50.50 0.83
C ALA F 34 -40.76 -49.94 1.02
N GLY F 35 -41.76 -50.62 0.47
CA GLY F 35 -43.16 -50.21 0.61
C GLY F 35 -43.67 -49.27 -0.46
N LEU F 36 -43.07 -49.31 -1.66
CA LEU F 36 -43.47 -48.46 -2.78
C LEU F 36 -44.97 -48.52 -3.09
N LEU F 37 -45.54 -49.72 -3.23
CA LEU F 37 -46.96 -49.89 -3.54
C LEU F 37 -47.88 -49.28 -2.49
N GLU F 38 -47.61 -49.58 -1.20
CA GLU F 38 -48.34 -49.06 -0.05
C GLU F 38 -48.24 -47.54 0.00
N LYS F 39 -47.03 -46.97 -0.17
CA LYS F 39 -46.75 -45.53 -0.19
C LYS F 39 -47.54 -44.82 -1.27
N LEU F 40 -47.65 -45.45 -2.47
CA LEU F 40 -48.42 -44.89 -3.56
C LEU F 40 -49.92 -44.90 -3.22
N LYS F 41 -50.42 -46.01 -2.64
CA LYS F 41 -51.83 -46.11 -2.22
C LYS F 41 -52.20 -45.09 -1.15
N GLU F 42 -51.26 -44.71 -0.26
CA GLU F 42 -51.44 -43.70 0.78
C GLU F 42 -51.50 -42.28 0.23
N GLN F 43 -51.19 -42.12 -1.05
CA GLN F 43 -51.09 -40.88 -1.79
C GLN F 43 -52.26 -40.77 -2.82
N GLU F 44 -53.36 -41.52 -2.58
CA GLU F 44 -54.58 -41.56 -3.39
C GLU F 44 -54.37 -42.14 -4.80
N CYS F 45 -53.38 -43.03 -4.95
CA CYS F 45 -53.09 -43.74 -6.20
C CYS F 45 -53.92 -45.02 -6.31
N ASP F 46 -54.34 -45.34 -7.54
CA ASP F 46 -55.04 -46.58 -7.85
C ASP F 46 -53.95 -47.43 -8.46
N VAL F 47 -53.40 -48.35 -7.67
CA VAL F 47 -52.28 -49.21 -8.02
C VAL F 47 -52.74 -50.64 -8.32
N LYS F 48 -52.36 -51.14 -9.50
CA LYS F 48 -52.56 -52.52 -9.91
C LYS F 48 -51.16 -53.04 -10.16
N ASP F 49 -50.83 -54.16 -9.51
CA ASP F 49 -49.53 -54.80 -9.63
C ASP F 49 -49.58 -55.95 -10.64
N TYR F 50 -48.91 -55.79 -11.80
CA TYR F 50 -48.88 -56.79 -12.87
C TYR F 50 -47.84 -57.88 -12.64
N GLY F 51 -47.13 -57.77 -11.52
CA GLY F 51 -46.13 -58.74 -11.10
C GLY F 51 -44.77 -58.51 -11.70
N ASP F 52 -43.86 -59.45 -11.44
CA ASP F 52 -42.50 -59.44 -11.96
C ASP F 52 -42.48 -60.36 -13.17
N LEU F 53 -41.99 -59.85 -14.29
CA LEU F 53 -41.91 -60.68 -15.50
C LEU F 53 -40.95 -61.85 -15.32
N PRO F 54 -41.36 -63.07 -15.74
CA PRO F 54 -40.41 -64.18 -15.69
C PRO F 54 -39.51 -64.06 -16.92
N PHE F 55 -38.19 -64.04 -16.70
CA PHE F 55 -37.28 -63.96 -17.82
C PHE F 55 -36.53 -65.27 -17.93
N ALA F 56 -37.08 -66.16 -18.75
CA ALA F 56 -36.54 -67.48 -19.09
C ALA F 56 -35.10 -67.37 -19.55
N ASP F 57 -34.25 -68.22 -18.98
CA ASP F 57 -32.83 -68.31 -19.30
C ASP F 57 -32.66 -68.74 -20.74
N ILE F 58 -31.77 -68.04 -21.45
CA ILE F 58 -31.41 -68.37 -22.83
C ILE F 58 -29.98 -68.91 -22.76
N PRO F 59 -29.80 -70.24 -22.71
CA PRO F 59 -28.42 -70.76 -22.69
C PRO F 59 -27.84 -70.67 -24.10
N ASN F 60 -26.50 -70.57 -24.21
CA ASN F 60 -25.81 -70.44 -25.50
C ASN F 60 -26.27 -69.16 -26.27
N ASP F 61 -26.26 -68.04 -25.55
CA ASP F 61 -26.61 -66.73 -26.10
C ASP F 61 -25.29 -66.04 -26.38
N SER F 62 -24.62 -66.50 -27.44
CA SER F 62 -23.29 -66.06 -27.83
C SER F 62 -23.31 -64.61 -28.31
N PRO F 63 -22.20 -63.86 -28.16
CA PRO F 63 -22.25 -62.45 -28.57
C PRO F 63 -22.44 -62.17 -30.05
N PHE F 64 -23.02 -61.01 -30.37
CA PHE F 64 -23.13 -60.52 -31.73
C PHE F 64 -21.97 -59.53 -31.76
N GLN F 65 -20.81 -59.95 -32.33
CA GLN F 65 -19.57 -59.17 -32.33
C GLN F 65 -19.10 -58.97 -30.87
N ILE F 66 -19.14 -57.72 -30.34
CA ILE F 66 -18.76 -57.43 -28.96
C ILE F 66 -20.00 -57.37 -28.06
N VAL F 67 -21.21 -57.29 -28.68
CA VAL F 67 -22.51 -57.20 -28.00
C VAL F 67 -22.86 -58.48 -27.21
N LYS F 68 -22.87 -58.37 -25.87
CA LYS F 68 -23.11 -59.48 -24.95
C LYS F 68 -24.60 -59.72 -24.71
N ASN F 69 -24.98 -61.02 -24.59
CA ASN F 69 -26.32 -61.55 -24.34
C ASN F 69 -27.39 -60.93 -25.23
N PRO F 70 -27.23 -60.87 -26.57
CA PRO F 70 -28.24 -60.16 -27.39
C PRO F 70 -29.65 -60.76 -27.35
N ARG F 71 -29.76 -62.11 -27.42
CA ARG F 71 -31.05 -62.81 -27.41
C ARG F 71 -31.83 -62.60 -26.12
N SER F 72 -31.13 -62.67 -24.96
CA SER F 72 -31.68 -62.43 -23.63
C SER F 72 -32.23 -61.00 -23.46
N VAL F 73 -31.43 -60.00 -23.90
CA VAL F 73 -31.81 -58.59 -23.84
C VAL F 73 -32.97 -58.33 -24.78
N GLY F 74 -32.88 -58.87 -26.00
CA GLY F 74 -33.93 -58.77 -27.01
C GLY F 74 -35.24 -59.35 -26.55
N LYS F 75 -35.21 -60.58 -25.97
CA LYS F 75 -36.39 -61.28 -25.45
C LYS F 75 -36.99 -60.58 -24.22
N ALA F 76 -36.15 -60.14 -23.26
CA ALA F 76 -36.66 -59.43 -22.09
C ALA F 76 -37.42 -58.15 -22.49
N SER F 77 -36.85 -57.35 -23.41
CA SER F 77 -37.47 -56.11 -23.90
C SER F 77 -38.74 -56.43 -24.67
N GLU F 78 -38.71 -57.51 -25.50
CA GLU F 78 -39.87 -57.94 -26.27
C GLU F 78 -41.06 -58.27 -25.36
N GLN F 79 -40.82 -59.04 -24.29
CA GLN F 79 -41.83 -59.40 -23.29
C GLN F 79 -42.35 -58.16 -22.57
N LEU F 80 -41.44 -57.25 -22.18
CA LEU F 80 -41.77 -56.00 -21.50
C LEU F 80 -42.63 -55.10 -22.37
N ALA F 81 -42.36 -55.04 -23.69
CA ALA F 81 -43.16 -54.25 -24.63
C ALA F 81 -44.60 -54.73 -24.62
N GLY F 82 -44.80 -56.05 -24.59
CA GLY F 82 -46.13 -56.63 -24.56
C GLY F 82 -46.87 -56.30 -23.29
N LYS F 83 -46.16 -56.39 -22.17
CA LYS F 83 -46.70 -56.12 -20.82
C LYS F 83 -47.03 -54.63 -20.65
N VAL F 84 -46.17 -53.71 -21.16
CA VAL F 84 -46.39 -52.25 -21.12
C VAL F 84 -47.60 -51.86 -21.97
N ALA F 85 -47.76 -52.47 -23.17
CA ALA F 85 -48.87 -52.19 -24.09
C ALA F 85 -50.20 -52.59 -23.43
N GLU F 86 -50.21 -53.72 -22.70
CA GLU F 86 -51.36 -54.24 -21.96
C GLU F 86 -51.78 -53.26 -20.85
N VAL F 87 -50.82 -52.75 -20.07
CA VAL F 87 -51.04 -51.78 -19.00
C VAL F 87 -51.59 -50.49 -19.61
N LYS F 88 -50.98 -50.06 -20.74
CA LYS F 88 -51.43 -48.85 -21.43
C LYS F 88 -52.87 -48.94 -21.99
N LYS F 89 -53.28 -50.15 -22.46
CA LYS F 89 -54.62 -50.44 -22.98
C LYS F 89 -55.62 -50.44 -21.82
N ASN F 90 -55.17 -50.78 -20.60
CA ASN F 90 -55.97 -50.78 -19.38
C ASN F 90 -56.13 -49.37 -18.74
N GLY F 91 -55.74 -48.33 -19.46
CA GLY F 91 -55.88 -46.95 -19.01
C GLY F 91 -55.02 -46.59 -17.80
N ARG F 92 -53.86 -47.28 -17.63
CA ARG F 92 -52.97 -47.01 -16.51
C ARG F 92 -51.62 -46.48 -17.00
N ILE F 93 -50.92 -45.75 -16.13
CA ILE F 93 -49.55 -45.27 -16.37
C ILE F 93 -48.68 -46.49 -16.06
N SER F 94 -47.84 -46.93 -17.02
CA SER F 94 -46.96 -48.07 -16.78
C SER F 94 -45.78 -47.63 -15.91
N LEU F 95 -45.48 -48.41 -14.84
CA LEU F 95 -44.37 -48.15 -13.92
C LEU F 95 -43.47 -49.36 -13.94
N VAL F 96 -42.36 -49.25 -14.66
CA VAL F 96 -41.40 -50.32 -14.84
C VAL F 96 -40.31 -50.23 -13.79
N LEU F 97 -40.19 -51.26 -12.97
CA LEU F 97 -39.15 -51.36 -11.94
C LEU F 97 -38.04 -52.25 -12.51
N GLY F 98 -36.90 -51.64 -12.79
CA GLY F 98 -35.74 -52.33 -13.32
C GLY F 98 -34.81 -52.82 -12.23
N GLY F 99 -33.82 -53.61 -12.62
CA GLY F 99 -33.52 -53.94 -14.00
C GLY F 99 -32.67 -52.87 -14.66
N ASP F 100 -31.70 -53.31 -15.48
CA ASP F 100 -30.84 -52.41 -16.24
C ASP F 100 -31.65 -51.67 -17.33
N HIS F 101 -31.11 -50.54 -17.78
CA HIS F 101 -31.78 -49.67 -18.74
C HIS F 101 -31.93 -50.24 -20.20
N SER F 102 -31.44 -51.46 -20.56
CA SER F 102 -31.68 -51.96 -21.94
C SER F 102 -33.18 -52.28 -22.16
N LEU F 103 -33.84 -52.54 -21.00
CA LEU F 103 -35.28 -52.72 -20.83
C LEU F 103 -36.13 -51.52 -21.34
N ALA F 104 -35.52 -50.32 -21.51
CA ALA F 104 -36.22 -49.16 -22.06
C ALA F 104 -36.61 -49.42 -23.53
N ILE F 105 -35.89 -50.32 -24.22
CA ILE F 105 -36.26 -50.71 -25.60
C ILE F 105 -37.70 -51.23 -25.53
N GLY F 106 -38.00 -52.16 -24.62
CA GLY F 106 -39.34 -52.72 -24.47
C GLY F 106 -40.37 -51.77 -23.89
N SER F 107 -40.00 -50.97 -22.89
CA SER F 107 -40.90 -50.05 -22.24
C SER F 107 -41.48 -49.00 -23.19
N ILE F 108 -40.60 -48.30 -23.89
CA ILE F 108 -40.94 -47.25 -24.86
C ILE F 108 -41.61 -47.89 -26.08
N SER F 109 -41.02 -48.96 -26.66
CA SER F 109 -41.68 -49.60 -27.82
C SER F 109 -43.16 -50.00 -27.48
N GLY F 110 -43.34 -50.61 -26.31
CA GLY F 110 -44.64 -51.03 -25.82
C GLY F 110 -45.59 -49.88 -25.58
N HIS F 111 -45.06 -48.79 -25.03
CA HIS F 111 -45.83 -47.57 -24.74
C HIS F 111 -46.26 -46.89 -26.06
N ALA F 112 -45.30 -46.81 -27.03
CA ALA F 112 -45.53 -46.23 -28.34
C ALA F 112 -46.56 -46.97 -29.22
N ARG F 113 -46.84 -48.26 -28.93
CA ARG F 113 -47.88 -49.03 -29.65
C ARG F 113 -49.28 -48.45 -29.34
N VAL F 114 -49.48 -48.00 -28.07
CA VAL F 114 -50.75 -47.45 -27.61
C VAL F 114 -50.75 -45.93 -27.80
N HIS F 115 -49.61 -45.25 -27.54
CA HIS F 115 -49.48 -43.80 -27.72
C HIS F 115 -48.29 -43.46 -28.63
N PRO F 116 -48.47 -43.51 -29.97
CA PRO F 116 -47.34 -43.24 -30.88
C PRO F 116 -46.82 -41.80 -30.90
N ASP F 117 -47.59 -40.85 -30.34
CA ASP F 117 -47.25 -39.43 -30.23
C ASP F 117 -46.46 -39.07 -28.97
N LEU F 118 -46.02 -40.05 -28.18
CA LEU F 118 -45.29 -39.82 -26.92
C LEU F 118 -43.93 -39.08 -27.10
N GLY F 119 -43.59 -38.30 -26.08
CA GLY F 119 -42.32 -37.60 -25.94
C GLY F 119 -41.61 -38.25 -24.76
N VAL F 120 -40.29 -38.44 -24.87
CA VAL F 120 -39.45 -39.08 -23.87
C VAL F 120 -38.64 -38.04 -23.12
N ILE F 121 -38.64 -38.15 -21.79
CA ILE F 121 -37.73 -37.39 -20.92
C ILE F 121 -36.78 -38.45 -20.41
N TRP F 122 -35.49 -38.35 -20.76
CA TRP F 122 -34.47 -39.31 -20.37
C TRP F 122 -33.55 -38.71 -19.31
N VAL F 123 -33.71 -39.15 -18.04
CA VAL F 123 -32.92 -38.67 -16.89
C VAL F 123 -31.82 -39.68 -16.62
N ASP F 124 -30.57 -39.25 -16.87
CA ASP F 124 -29.37 -40.08 -16.78
C ASP F 124 -28.08 -39.25 -16.75
N ALA F 125 -26.97 -39.86 -16.32
CA ALA F 125 -25.62 -39.30 -16.46
C ALA F 125 -25.09 -39.66 -17.87
N HIS F 126 -25.79 -40.62 -18.50
CA HIS F 126 -25.45 -41.22 -19.80
C HIS F 126 -26.51 -41.09 -20.91
N THR F 127 -26.14 -41.04 -22.22
CA THR F 127 -27.07 -40.92 -23.36
C THR F 127 -27.65 -42.27 -23.78
N ASP F 128 -26.94 -43.37 -23.51
CA ASP F 128 -27.35 -44.72 -23.85
C ASP F 128 -27.79 -44.81 -25.32
N ILE F 129 -27.02 -44.16 -26.20
CA ILE F 129 -27.32 -44.04 -27.61
C ILE F 129 -26.24 -44.68 -28.50
N ASN F 130 -25.35 -45.48 -27.90
CA ASN F 130 -24.35 -46.22 -28.68
C ASN F 130 -25.11 -47.22 -29.56
N THR F 131 -24.59 -47.50 -30.75
CA THR F 131 -25.22 -48.48 -31.62
C THR F 131 -24.45 -49.78 -31.38
N PRO F 132 -24.94 -50.97 -31.82
CA PRO F 132 -24.10 -52.18 -31.69
C PRO F 132 -22.74 -52.09 -32.36
N LEU F 133 -22.51 -51.07 -33.19
CA LEU F 133 -21.25 -50.85 -33.89
C LEU F 133 -20.35 -49.79 -33.23
N THR F 134 -20.93 -48.77 -32.56
CA THR F 134 -20.13 -47.74 -31.88
C THR F 134 -19.73 -48.16 -30.46
N THR F 135 -20.47 -49.14 -29.88
CA THR F 135 -20.16 -49.63 -28.52
C THR F 135 -18.72 -50.16 -28.41
N THR F 136 -18.06 -49.91 -27.29
CA THR F 136 -16.70 -50.42 -27.04
C THR F 136 -16.75 -51.48 -25.91
N SER F 137 -17.85 -51.49 -25.16
CA SER F 137 -18.10 -52.39 -24.03
C SER F 137 -18.98 -53.58 -24.41
N GLY F 138 -19.87 -53.39 -25.40
CA GLY F 138 -20.85 -54.39 -25.83
C GLY F 138 -22.03 -54.60 -24.90
N ASN F 139 -22.18 -53.73 -23.88
CA ASN F 139 -23.26 -53.78 -22.89
C ASN F 139 -24.49 -53.05 -23.44
N LEU F 140 -25.58 -53.78 -23.59
CA LEU F 140 -26.79 -53.25 -24.23
C LEU F 140 -27.54 -52.15 -23.44
N HIS F 141 -27.27 -51.98 -22.12
CA HIS F 141 -27.85 -50.89 -21.34
C HIS F 141 -27.29 -49.49 -21.77
N GLY F 142 -26.19 -49.49 -22.53
CA GLY F 142 -25.60 -48.28 -23.08
C GLY F 142 -25.98 -48.00 -24.51
N GLN F 143 -26.99 -48.75 -25.04
CA GLN F 143 -27.46 -48.67 -26.43
C GLN F 143 -28.98 -48.54 -26.63
N PRO F 144 -29.89 -48.54 -25.61
CA PRO F 144 -31.32 -48.59 -25.92
C PRO F 144 -31.87 -47.51 -26.84
N VAL F 145 -31.38 -46.27 -26.72
CA VAL F 145 -31.89 -45.17 -27.53
C VAL F 145 -31.60 -45.37 -29.05
N SER F 146 -30.44 -45.97 -29.41
CA SER F 146 -30.09 -46.24 -30.81
C SER F 146 -31.10 -47.17 -31.50
N PHE F 147 -31.63 -48.17 -30.76
CA PHE F 147 -32.65 -49.10 -31.28
C PHE F 147 -33.99 -48.42 -31.49
N LEU F 148 -34.27 -47.36 -30.72
CA LEU F 148 -35.56 -46.67 -30.72
C LEU F 148 -35.68 -45.51 -31.70
N LEU F 149 -34.56 -44.95 -32.15
CA LEU F 149 -34.54 -43.79 -33.04
C LEU F 149 -34.72 -44.10 -34.52
N LYS F 150 -35.75 -43.48 -35.13
CA LYS F 150 -36.06 -43.63 -36.57
C LYS F 150 -34.90 -43.17 -37.48
N GLU F 151 -34.19 -42.10 -37.08
CA GLU F 151 -33.05 -41.52 -37.81
C GLU F 151 -31.84 -42.44 -37.85
N LEU F 152 -31.80 -43.48 -36.97
CA LEU F 152 -30.66 -44.41 -36.94
C LEU F 152 -30.97 -45.72 -37.63
N LYS F 153 -32.13 -45.80 -38.31
CA LYS F 153 -32.53 -46.99 -39.04
C LYS F 153 -31.57 -47.06 -40.23
N GLY F 154 -30.87 -48.17 -40.34
CA GLY F 154 -29.81 -48.39 -41.33
C GLY F 154 -28.42 -48.35 -40.70
N LYS F 155 -28.35 -47.92 -39.44
CA LYS F 155 -27.12 -47.86 -38.68
C LYS F 155 -27.14 -48.96 -37.61
N ILE F 156 -28.29 -49.61 -37.43
CA ILE F 156 -28.46 -50.71 -36.48
C ILE F 156 -28.38 -52.03 -37.26
N PRO F 157 -27.35 -52.86 -37.03
CA PRO F 157 -27.28 -54.16 -37.75
C PRO F 157 -28.31 -55.14 -37.21
N ASP F 158 -28.53 -56.27 -37.92
CA ASP F 158 -29.49 -57.29 -37.50
C ASP F 158 -28.92 -58.05 -36.30
N VAL F 159 -29.27 -57.60 -35.08
CA VAL F 159 -28.78 -58.20 -33.84
C VAL F 159 -29.74 -59.32 -33.41
N PRO F 160 -29.25 -60.54 -33.11
CA PRO F 160 -30.16 -61.63 -32.73
C PRO F 160 -30.95 -61.28 -31.47
N GLY F 161 -32.28 -61.40 -31.57
CA GLY F 161 -33.22 -61.10 -30.51
C GLY F 161 -33.96 -59.80 -30.72
N PHE F 162 -33.55 -59.01 -31.71
CA PHE F 162 -34.11 -57.68 -31.94
C PHE F 162 -34.92 -57.48 -33.24
N SER F 163 -35.26 -58.56 -33.98
CA SER F 163 -36.03 -58.46 -35.22
C SER F 163 -37.46 -57.91 -35.03
N TRP F 164 -38.00 -58.00 -33.81
CA TRP F 164 -39.31 -57.47 -33.44
C TRP F 164 -39.34 -55.93 -33.36
N VAL F 165 -38.15 -55.30 -33.14
CA VAL F 165 -37.97 -53.86 -32.95
C VAL F 165 -38.20 -53.06 -34.23
N THR F 166 -39.09 -52.06 -34.12
CA THR F 166 -39.35 -51.05 -35.14
C THR F 166 -39.08 -49.69 -34.43
N PRO F 167 -38.09 -48.86 -34.87
CA PRO F 167 -37.89 -47.54 -34.23
C PRO F 167 -39.19 -46.74 -34.19
N CYS F 168 -39.55 -46.31 -33.01
CA CYS F 168 -40.81 -45.63 -32.71
C CYS F 168 -40.69 -44.15 -32.39
N ILE F 169 -39.45 -43.64 -32.20
CA ILE F 169 -39.28 -42.24 -31.86
C ILE F 169 -38.31 -41.51 -32.79
N SER F 170 -38.63 -40.25 -33.10
CA SER F 170 -37.75 -39.39 -33.87
C SER F 170 -36.85 -38.64 -32.88
N ALA F 171 -35.67 -38.21 -33.37
CA ALA F 171 -34.66 -37.47 -32.60
C ALA F 171 -35.26 -36.23 -31.89
N LYS F 172 -36.35 -35.65 -32.45
CA LYS F 172 -37.02 -34.48 -31.89
C LYS F 172 -37.98 -34.79 -30.75
N ASP F 173 -38.25 -36.07 -30.48
CA ASP F 173 -39.21 -36.48 -29.47
C ASP F 173 -38.56 -36.91 -28.15
N ILE F 174 -37.27 -36.61 -27.97
CA ILE F 174 -36.53 -36.97 -26.76
C ILE F 174 -35.77 -35.78 -26.19
N VAL F 175 -35.78 -35.64 -24.85
CA VAL F 175 -35.01 -34.61 -24.15
C VAL F 175 -34.20 -35.35 -23.08
N TYR F 176 -32.87 -35.13 -23.08
CA TYR F 176 -31.96 -35.69 -22.08
C TYR F 176 -31.77 -34.65 -20.99
N ILE F 177 -31.70 -35.12 -19.73
CA ILE F 177 -31.39 -34.29 -18.56
C ILE F 177 -30.35 -35.02 -17.70
N GLY F 178 -29.24 -34.35 -17.42
CA GLY F 178 -28.24 -34.80 -16.46
C GLY F 178 -26.94 -35.43 -16.96
N LEU F 179 -26.71 -35.40 -18.27
CA LEU F 179 -25.58 -36.01 -18.95
C LEU F 179 -24.22 -35.52 -18.50
N ARG F 180 -23.33 -36.45 -18.22
CA ARG F 180 -22.02 -36.06 -17.75
C ARG F 180 -20.98 -37.12 -18.08
N ASP F 181 -21.39 -38.21 -18.80
CA ASP F 181 -20.50 -39.30 -19.22
C ASP F 181 -20.91 -39.84 -20.62
N VAL F 182 -20.62 -39.06 -21.65
CA VAL F 182 -21.00 -39.35 -23.04
C VAL F 182 -19.79 -39.85 -23.83
N ASP F 183 -19.91 -41.02 -24.49
CA ASP F 183 -18.87 -41.59 -25.34
C ASP F 183 -18.70 -40.82 -26.66
N PRO F 184 -17.50 -40.76 -27.27
CA PRO F 184 -17.35 -39.98 -28.53
C PRO F 184 -18.38 -40.27 -29.65
N GLY F 185 -18.68 -41.56 -29.89
CA GLY F 185 -19.68 -42.00 -30.86
C GLY F 185 -21.06 -41.47 -30.52
N GLU F 186 -21.38 -41.50 -29.23
CA GLU F 186 -22.63 -40.94 -28.68
C GLU F 186 -22.68 -39.42 -28.83
N HIS F 187 -21.57 -38.73 -28.60
CA HIS F 187 -21.56 -37.26 -28.72
C HIS F 187 -21.77 -36.88 -30.19
N TYR F 188 -21.11 -37.63 -31.09
CA TYR F 188 -21.25 -37.47 -32.52
C TYR F 188 -22.73 -37.61 -32.94
N ILE F 189 -23.39 -38.70 -32.52
CA ILE F 189 -24.80 -38.99 -32.79
C ILE F 189 -25.68 -37.87 -32.25
N LEU F 190 -25.50 -37.53 -30.97
CA LEU F 190 -26.23 -36.47 -30.26
C LEU F 190 -26.17 -35.16 -31.04
N LYS F 191 -24.98 -34.77 -31.55
CA LYS F 191 -24.84 -33.51 -32.29
C LYS F 191 -25.34 -33.55 -33.73
N THR F 192 -25.05 -34.62 -34.48
CA THR F 192 -25.47 -34.69 -35.88
C THR F 192 -26.98 -34.95 -36.03
N LEU F 193 -27.63 -35.54 -35.01
CA LEU F 193 -29.09 -35.74 -35.03
C LEU F 193 -29.83 -34.54 -34.46
N GLY F 194 -29.11 -33.62 -33.84
CA GLY F 194 -29.66 -32.39 -33.27
C GLY F 194 -30.63 -32.64 -32.12
N ILE F 195 -30.36 -33.68 -31.30
CA ILE F 195 -31.20 -34.03 -30.14
C ILE F 195 -31.13 -32.93 -29.08
N LYS F 196 -32.27 -32.57 -28.45
CA LYS F 196 -32.34 -31.62 -27.37
C LYS F 196 -31.77 -32.29 -26.10
N TYR F 197 -30.88 -31.59 -25.38
CA TYR F 197 -30.29 -32.12 -24.16
C TYR F 197 -29.88 -31.02 -23.21
N PHE F 198 -29.89 -31.34 -21.94
CA PHE F 198 -29.43 -30.50 -20.84
C PHE F 198 -28.38 -31.36 -20.14
N SER F 199 -27.12 -31.19 -20.48
CA SER F 199 -26.08 -31.92 -19.74
C SER F 199 -25.95 -31.20 -18.37
N MET F 200 -25.06 -31.69 -17.49
CA MET F 200 -24.88 -31.04 -16.20
C MET F 200 -24.46 -29.59 -16.35
N THR F 201 -23.81 -29.24 -17.50
CA THR F 201 -23.37 -27.90 -17.91
C THR F 201 -24.54 -26.94 -18.11
N GLU F 202 -25.61 -27.39 -18.78
CA GLU F 202 -26.82 -26.60 -19.00
C GLU F 202 -27.59 -26.44 -17.67
N VAL F 203 -27.63 -27.50 -16.85
CA VAL F 203 -28.25 -27.44 -15.52
C VAL F 203 -27.56 -26.37 -14.67
N ASP F 204 -26.21 -26.33 -14.68
CA ASP F 204 -25.39 -25.34 -13.97
C ASP F 204 -25.66 -23.95 -14.48
N ARG F 205 -25.70 -23.78 -15.82
CA ARG F 205 -25.94 -22.48 -16.49
C ARG F 205 -27.34 -21.93 -16.21
N LEU F 206 -28.36 -22.75 -16.42
CA LEU F 206 -29.75 -22.32 -16.33
C LEU F 206 -30.45 -22.45 -14.97
N GLY F 207 -30.08 -23.47 -14.18
CA GLY F 207 -30.77 -23.86 -12.97
C GLY F 207 -31.84 -24.85 -13.42
N ILE F 208 -32.27 -25.74 -12.53
CA ILE F 208 -33.27 -26.76 -12.85
C ILE F 208 -34.67 -26.19 -13.24
N GLY F 209 -35.00 -25.00 -12.74
CA GLY F 209 -36.25 -24.30 -13.04
C GLY F 209 -36.42 -24.04 -14.53
N LYS F 210 -35.42 -23.37 -15.12
CA LYS F 210 -35.41 -23.06 -16.56
C LYS F 210 -35.22 -24.33 -17.39
N VAL F 211 -34.46 -25.32 -16.89
CA VAL F 211 -34.26 -26.62 -17.56
C VAL F 211 -35.64 -27.25 -17.80
N MET F 212 -36.48 -27.29 -16.76
CA MET F 212 -37.79 -27.91 -16.83
C MET F 212 -38.76 -27.13 -17.71
N GLU F 213 -38.73 -25.80 -17.63
CA GLU F 213 -39.52 -24.89 -18.42
C GLU F 213 -39.26 -25.14 -19.94
N GLU F 214 -37.99 -25.19 -20.31
CA GLU F 214 -37.53 -25.46 -21.68
C GLU F 214 -37.87 -26.89 -22.14
N THR F 215 -37.65 -27.90 -21.26
CA THR F 215 -37.97 -29.30 -21.58
C THR F 215 -39.44 -29.46 -21.91
N LEU F 216 -40.32 -28.97 -21.01
CA LEU F 216 -41.75 -29.15 -21.18
C LEU F 216 -42.28 -28.34 -22.37
N SER F 217 -41.77 -27.13 -22.58
CA SER F 217 -42.14 -26.26 -23.70
C SER F 217 -41.72 -26.89 -25.04
N TYR F 218 -40.50 -27.46 -25.09
CA TYR F 218 -39.97 -28.11 -26.29
C TYR F 218 -40.79 -29.34 -26.65
N LEU F 219 -41.25 -30.11 -25.65
CA LEU F 219 -42.00 -31.32 -25.95
C LEU F 219 -43.48 -31.12 -26.14
N LEU F 220 -44.06 -30.19 -25.38
CA LEU F 220 -45.50 -30.00 -25.30
C LEU F 220 -46.05 -28.72 -25.92
N GLY F 221 -45.18 -27.80 -26.31
CA GLY F 221 -45.54 -26.51 -26.90
C GLY F 221 -46.62 -26.52 -27.97
N ARG F 222 -46.38 -27.31 -29.04
CA ARG F 222 -47.24 -27.53 -30.22
C ARG F 222 -48.64 -28.06 -29.82
N LYS F 223 -48.66 -29.10 -28.97
CA LYS F 223 -49.86 -29.76 -28.44
C LYS F 223 -49.48 -30.70 -27.29
N LYS F 224 -50.42 -30.89 -26.34
CA LYS F 224 -50.28 -31.83 -25.24
C LYS F 224 -50.12 -33.23 -25.85
N ARG F 225 -49.20 -34.02 -25.31
CA ARG F 225 -48.92 -35.37 -25.77
C ARG F 225 -48.45 -36.19 -24.57
N PRO F 226 -48.58 -37.55 -24.62
CA PRO F 226 -48.18 -38.35 -23.47
C PRO F 226 -46.68 -38.27 -23.19
N ILE F 227 -46.30 -38.27 -21.91
CA ILE F 227 -44.90 -38.21 -21.50
C ILE F 227 -44.42 -39.56 -20.98
N HIS F 228 -43.28 -39.96 -21.50
CA HIS F 228 -42.59 -41.15 -21.04
C HIS F 228 -41.36 -40.64 -20.31
N LEU F 229 -41.24 -40.94 -19.02
CA LEU F 229 -40.04 -40.54 -18.26
C LEU F 229 -39.23 -41.80 -18.06
N SER F 230 -38.03 -41.86 -18.61
CA SER F 230 -37.14 -43.00 -18.39
C SER F 230 -36.05 -42.52 -17.45
N PHE F 231 -36.20 -42.88 -16.16
CA PHE F 231 -35.29 -42.43 -15.12
C PHE F 231 -34.26 -43.46 -14.75
N ASP F 232 -32.97 -43.21 -15.07
CA ASP F 232 -31.85 -44.03 -14.60
C ASP F 232 -31.44 -43.33 -13.32
N VAL F 233 -31.34 -44.08 -12.19
CA VAL F 233 -30.98 -43.55 -10.84
C VAL F 233 -29.58 -42.95 -10.82
N ASP F 234 -28.68 -43.32 -11.73
CA ASP F 234 -27.35 -42.73 -11.87
C ASP F 234 -27.38 -41.30 -12.49
N GLY F 235 -28.56 -40.80 -12.85
CA GLY F 235 -28.71 -39.43 -13.32
C GLY F 235 -28.46 -38.51 -12.14
N LEU F 236 -28.72 -39.04 -10.92
CA LEU F 236 -28.54 -38.43 -9.60
C LEU F 236 -27.14 -38.63 -9.10
N ASP F 237 -26.66 -37.66 -8.36
CA ASP F 237 -25.31 -37.73 -7.76
C ASP F 237 -25.14 -39.00 -6.93
N PRO F 238 -23.95 -39.63 -6.98
CA PRO F 238 -23.72 -40.84 -6.17
C PRO F 238 -23.82 -40.65 -4.66
N SER F 239 -23.86 -39.39 -4.18
CA SER F 239 -24.06 -39.12 -2.75
C SER F 239 -25.52 -39.42 -2.34
N PHE F 240 -26.43 -39.55 -3.34
CA PHE F 240 -27.85 -39.90 -3.15
C PHE F 240 -28.18 -41.32 -3.63
N THR F 241 -27.68 -41.72 -4.80
CA THR F 241 -27.94 -43.06 -5.35
C THR F 241 -26.63 -43.85 -5.60
N PRO F 242 -25.86 -44.21 -4.54
CA PRO F 242 -24.58 -44.92 -4.77
C PRO F 242 -24.67 -46.38 -5.23
N ALA F 243 -25.72 -47.12 -4.87
CA ALA F 243 -25.88 -48.53 -5.27
C ALA F 243 -26.43 -48.64 -6.71
N THR F 244 -25.54 -48.39 -7.68
CA THR F 244 -25.78 -48.32 -9.12
C THR F 244 -24.47 -48.71 -9.82
N GLY F 245 -24.60 -49.26 -11.02
CA GLY F 245 -23.50 -49.82 -11.81
C GLY F 245 -22.47 -48.87 -12.36
N THR F 246 -22.93 -47.74 -12.91
CA THR F 246 -22.04 -46.73 -13.51
C THR F 246 -22.20 -45.36 -12.80
N PRO F 247 -21.76 -45.20 -11.51
CA PRO F 247 -21.92 -43.88 -10.84
C PRO F 247 -20.97 -42.84 -11.42
N VAL F 248 -21.45 -41.58 -11.54
CA VAL F 248 -20.70 -40.45 -12.14
C VAL F 248 -20.96 -39.23 -11.25
N VAL F 249 -19.83 -38.66 -10.72
CA VAL F 249 -19.78 -37.49 -9.84
C VAL F 249 -20.36 -36.24 -10.51
N GLY F 250 -20.74 -35.26 -9.72
CA GLY F 250 -21.28 -33.98 -10.16
C GLY F 250 -22.69 -34.12 -10.72
N GLY F 251 -23.44 -35.04 -10.14
CA GLY F 251 -24.79 -35.27 -10.59
C GLY F 251 -25.87 -34.35 -10.09
N LEU F 252 -27.07 -34.65 -10.56
CA LEU F 252 -28.30 -33.97 -10.16
C LEU F 252 -28.48 -34.21 -8.69
N THR F 253 -28.88 -33.15 -7.96
CA THR F 253 -29.11 -33.24 -6.52
C THR F 253 -30.45 -33.94 -6.24
N TYR F 254 -30.69 -34.33 -4.96
CA TYR F 254 -31.91 -34.93 -4.49
C TYR F 254 -33.08 -33.95 -4.78
N ARG F 255 -32.86 -32.66 -4.52
CA ARG F 255 -33.81 -31.58 -4.78
C ARG F 255 -34.11 -31.43 -6.29
N GLU F 256 -33.07 -31.42 -7.15
CA GLU F 256 -33.24 -31.37 -8.59
C GLU F 256 -34.05 -32.55 -9.14
N GLY F 257 -33.80 -33.76 -8.65
CA GLY F 257 -34.56 -34.95 -9.05
C GLY F 257 -36.02 -34.85 -8.69
N LEU F 258 -36.31 -34.35 -7.47
CA LEU F 258 -37.67 -34.14 -7.03
C LEU F 258 -38.35 -33.02 -7.81
N TYR F 259 -37.59 -31.97 -8.16
CA TYR F 259 -38.11 -30.88 -8.95
C TYR F 259 -38.53 -31.31 -10.35
N ILE F 260 -37.68 -32.12 -11.04
CA ILE F 260 -37.98 -32.65 -12.38
C ILE F 260 -39.31 -33.41 -12.34
N THR F 261 -39.45 -34.35 -11.39
CA THR F 261 -40.59 -35.25 -11.27
C THR F 261 -41.87 -34.51 -10.82
N GLU F 262 -41.76 -33.55 -9.88
CA GLU F 262 -42.88 -32.68 -9.48
C GLU F 262 -43.40 -31.98 -10.75
N GLU F 263 -42.52 -31.33 -11.53
CA GLU F 263 -42.92 -30.60 -12.73
C GLU F 263 -43.59 -31.47 -13.77
N ILE F 264 -43.12 -32.72 -13.93
CA ILE F 264 -43.71 -33.70 -14.86
C ILE F 264 -45.08 -34.08 -14.33
N TYR F 265 -45.22 -34.35 -13.02
CA TYR F 265 -46.52 -34.67 -12.40
C TYR F 265 -47.55 -33.61 -12.79
N LYS F 266 -47.24 -32.35 -12.50
CA LYS F 266 -48.05 -31.16 -12.74
C LYS F 266 -48.54 -30.97 -14.19
N THR F 267 -47.89 -31.61 -15.20
CA THR F 267 -48.38 -31.52 -16.58
C THR F 267 -49.69 -32.33 -16.73
N GLY F 268 -49.83 -33.37 -15.90
CA GLY F 268 -50.94 -34.33 -15.92
C GLY F 268 -50.80 -35.29 -17.09
N LEU F 269 -49.64 -35.23 -17.78
CA LEU F 269 -49.36 -35.99 -18.98
C LEU F 269 -48.40 -37.16 -18.83
N LEU F 270 -47.94 -37.50 -17.60
CA LEU F 270 -47.11 -38.71 -17.43
C LEU F 270 -47.95 -39.95 -17.83
N SER F 271 -47.36 -40.81 -18.65
CA SER F 271 -48.05 -41.95 -19.25
C SER F 271 -47.21 -43.21 -19.10
N GLY F 272 -45.89 -43.03 -18.98
CA GLY F 272 -44.93 -44.10 -18.83
C GLY F 272 -43.79 -43.71 -17.90
N LEU F 273 -43.39 -44.62 -17.01
CA LEU F 273 -42.27 -44.35 -16.09
C LEU F 273 -41.36 -45.56 -15.95
N ASP F 274 -40.05 -45.34 -15.99
CA ASP F 274 -39.04 -46.39 -15.78
C ASP F 274 -38.16 -45.98 -14.61
N ILE F 275 -37.95 -46.87 -13.64
CA ILE F 275 -37.06 -46.64 -12.49
C ILE F 275 -35.95 -47.67 -12.62
N MET F 276 -34.80 -47.23 -13.17
CA MET F 276 -33.74 -48.14 -13.60
C MET F 276 -32.38 -47.98 -12.91
N GLU F 277 -31.61 -49.08 -12.99
CA GLU F 277 -30.23 -49.22 -12.58
C GLU F 277 -30.02 -49.22 -11.06
N VAL F 278 -31.09 -49.55 -10.29
CA VAL F 278 -30.93 -49.73 -8.85
C VAL F 278 -30.27 -51.10 -8.67
N ASN F 279 -29.03 -51.14 -8.12
CA ASN F 279 -28.35 -52.39 -7.89
C ASN F 279 -28.03 -52.55 -6.39
N PRO F 280 -28.88 -53.32 -5.66
CA PRO F 280 -28.68 -53.46 -4.21
C PRO F 280 -27.44 -54.24 -3.79
N SER F 281 -26.70 -54.85 -4.73
CA SER F 281 -25.46 -55.51 -4.34
C SER F 281 -24.25 -54.61 -4.60
N LEU F 282 -24.48 -53.36 -4.98
CA LEU F 282 -23.38 -52.43 -5.26
C LEU F 282 -23.19 -51.32 -4.22
N GLY F 283 -23.83 -51.46 -3.05
CA GLY F 283 -23.56 -50.50 -1.99
C GLY F 283 -22.25 -50.85 -1.27
N LYS F 284 -21.52 -49.83 -0.78
CA LYS F 284 -20.29 -50.04 0.00
C LYS F 284 -20.64 -50.51 1.42
N THR F 285 -21.81 -50.07 1.92
CA THR F 285 -22.36 -50.37 3.23
C THR F 285 -23.84 -50.70 3.02
N PRO F 286 -24.53 -51.38 3.98
CA PRO F 286 -25.99 -51.55 3.83
C PRO F 286 -26.77 -50.23 3.78
N GLU F 287 -26.25 -49.16 4.40
CA GLU F 287 -26.86 -47.83 4.40
C GLU F 287 -26.87 -47.19 2.98
N GLU F 288 -25.82 -47.46 2.17
CA GLU F 288 -25.73 -46.98 0.80
C GLU F 288 -26.87 -47.56 -0.07
N VAL F 289 -27.25 -48.83 0.22
CA VAL F 289 -28.35 -49.52 -0.46
C VAL F 289 -29.68 -48.85 -0.06
N THR F 290 -29.94 -48.67 1.26
CA THR F 290 -31.20 -48.09 1.72
C THR F 290 -31.34 -46.64 1.24
N ARG F 291 -30.23 -45.89 1.18
CA ARG F 291 -30.20 -44.52 0.69
C ARG F 291 -30.64 -44.48 -0.77
N THR F 292 -30.09 -45.37 -1.61
CA THR F 292 -30.42 -45.44 -3.04
C THR F 292 -31.88 -45.79 -3.27
N VAL F 293 -32.36 -46.86 -2.58
CA VAL F 293 -33.74 -47.35 -2.66
C VAL F 293 -34.70 -46.26 -2.21
N ASN F 294 -34.40 -45.59 -1.10
CA ASN F 294 -35.22 -44.50 -0.58
C ASN F 294 -35.27 -43.31 -1.52
N THR F 295 -34.17 -43.00 -2.22
CA THR F 295 -34.14 -41.90 -3.20
C THR F 295 -34.99 -42.29 -4.38
N ALA F 296 -34.83 -43.52 -4.87
CA ALA F 296 -35.63 -44.03 -5.99
C ALA F 296 -37.15 -44.03 -5.65
N VAL F 297 -37.51 -44.32 -4.38
CA VAL F 297 -38.89 -44.35 -3.91
C VAL F 297 -39.48 -42.93 -3.91
N ALA F 298 -38.71 -41.98 -3.38
CA ALA F 298 -39.04 -40.57 -3.30
C ALA F 298 -39.26 -39.98 -4.71
N ILE F 299 -38.35 -40.31 -5.66
CA ILE F 299 -38.50 -39.90 -7.07
C ILE F 299 -39.83 -40.41 -7.66
N THR F 300 -40.14 -41.70 -7.46
CA THR F 300 -41.37 -42.34 -7.98
C THR F 300 -42.57 -41.69 -7.36
N LEU F 301 -42.52 -41.40 -6.03
CA LEU F 301 -43.67 -40.80 -5.33
C LEU F 301 -44.05 -39.43 -5.87
N ALA F 302 -43.07 -38.57 -6.20
CA ALA F 302 -43.34 -37.21 -6.74
C ALA F 302 -43.97 -37.30 -8.12
N CYS F 303 -43.59 -38.32 -8.92
CA CYS F 303 -44.15 -38.57 -10.27
C CYS F 303 -45.65 -38.74 -10.18
N PHE F 304 -46.14 -39.24 -9.01
CA PHE F 304 -47.56 -39.49 -8.80
C PHE F 304 -48.22 -38.55 -7.77
N GLY F 305 -47.68 -37.33 -7.64
CA GLY F 305 -48.35 -36.30 -6.87
C GLY F 305 -47.78 -35.75 -5.59
N LEU F 306 -46.95 -36.54 -4.88
CA LEU F 306 -46.33 -36.09 -3.66
C LEU F 306 -45.54 -34.81 -3.88
N ALA F 307 -46.01 -33.71 -3.31
CA ALA F 307 -45.39 -32.39 -3.40
C ALA F 307 -44.68 -32.01 -2.10
N ARG F 308 -43.51 -31.36 -2.19
CA ARG F 308 -42.79 -30.90 -1.01
C ARG F 308 -43.52 -29.79 -0.25
N GLU F 309 -44.39 -29.00 -0.90
CA GLU F 309 -45.15 -27.96 -0.20
C GLU F 309 -46.28 -28.56 0.62
N GLY F 310 -46.55 -29.85 0.39
CA GLY F 310 -47.60 -30.60 1.07
C GLY F 310 -48.70 -31.03 0.14
N ASN F 311 -49.59 -31.87 0.64
CA ASN F 311 -50.76 -32.43 -0.05
C ASN F 311 -51.92 -32.43 0.90
N HIS F 312 -53.14 -32.32 0.40
CA HIS F 312 -54.38 -32.49 1.15
C HIS F 312 -55.49 -33.06 0.30
N LYS F 313 -56.45 -33.73 0.95
CA LYS F 313 -57.64 -34.31 0.29
C LYS F 313 -58.68 -33.19 0.06
N PRO F 314 -59.61 -33.30 -0.91
CA PRO F 314 -60.61 -32.22 -1.10
C PRO F 314 -61.73 -32.16 -0.05
N ILE F 315 -61.33 -31.91 1.22
CA ILE F 315 -62.17 -31.78 2.43
C ILE F 315 -61.74 -30.55 3.24
N ASP F 316 -62.63 -30.02 4.06
CA ASP F 316 -62.32 -28.85 4.89
C ASP F 316 -61.64 -29.34 6.19
N TYR F 317 -60.30 -29.16 6.30
CA TYR F 317 -59.56 -29.61 7.48
C TYR F 317 -59.83 -28.76 8.73
N LEU F 318 -60.32 -27.52 8.53
CA LEU F 318 -60.63 -26.60 9.63
C LEU F 318 -62.04 -26.81 10.23
N ASN F 319 -62.79 -27.79 9.69
CA ASN F 319 -64.11 -28.22 10.15
C ASN F 319 -64.08 -29.69 10.62
#